data_2JRB
#
_entry.id   2JRB
#
_cell.length_a   1.000
_cell.length_b   1.000
_cell.length_c   1.000
_cell.angle_alpha   90.00
_cell.angle_beta   90.00
_cell.angle_gamma   90.00
#
_symmetry.space_group_name_H-M   'P 1'
#
_entity_poly.entity_id   1
_entity_poly.type   'polypeptide(L)'
_entity_poly.pdbx_seq_one_letter_code
;MQVTYKGRPIRITPDFSPETMKARRAWTDVIQTLREHKCQPRLLYPAKLSITIDGETKVFHDKTKFTQYLSTNPALQRII
TEKKQYKD
;
_entity_poly.pdbx_strand_id   A
#
# COMPACT_ATOMS: atom_id res chain seq x y z
N PHE A 16 -1.36 -9.46 17.89
CA PHE A 16 -1.44 -8.44 16.79
C PHE A 16 -0.17 -7.59 16.81
N SER A 17 0.18 -7.10 17.97
CA SER A 17 1.38 -6.22 18.10
C SER A 17 2.54 -6.70 17.20
N PRO A 18 3.04 -7.88 17.42
CA PRO A 18 4.18 -8.42 16.62
C PRO A 18 3.85 -8.66 15.13
N GLU A 19 2.81 -9.39 14.84
CA GLU A 19 2.49 -9.68 13.40
C GLU A 19 1.57 -8.64 12.76
N THR A 20 0.40 -8.44 13.31
CA THR A 20 -0.58 -7.49 12.70
C THR A 20 -0.01 -6.07 12.62
N MET A 21 0.67 -5.62 13.62
CA MET A 21 1.16 -4.22 13.55
C MET A 21 2.14 -4.08 12.38
N LYS A 22 3.00 -5.02 12.18
CA LYS A 22 3.95 -4.91 11.02
C LYS A 22 3.14 -4.69 9.75
N ALA A 23 1.98 -5.27 9.68
CA ALA A 23 1.12 -5.10 8.48
C ALA A 23 0.77 -3.62 8.33
N ARG A 24 0.22 -3.02 9.36
CA ARG A 24 -0.14 -1.57 9.28
C ARG A 24 1.13 -0.73 9.37
N ARG A 25 2.17 -1.25 9.96
CA ARG A 25 3.43 -0.47 10.04
C ARG A 25 3.91 -0.24 8.61
N ALA A 26 3.90 -1.28 7.81
CA ALA A 26 4.31 -1.12 6.39
C ALA A 26 3.40 -0.06 5.76
N TRP A 27 2.12 -0.22 5.94
CA TRP A 27 1.15 0.78 5.40
C TRP A 27 1.58 2.18 5.83
N THR A 28 2.43 2.30 6.81
CA THR A 28 2.88 3.65 7.24
C THR A 28 3.91 4.19 6.26
N ASP A 29 4.93 3.41 5.99
CA ASP A 29 6.00 3.86 5.05
C ASP A 29 5.39 4.23 3.70
N VAL A 30 4.51 3.42 3.18
CA VAL A 30 3.91 3.74 1.85
C VAL A 30 2.88 4.86 2.00
N ILE A 31 2.31 5.03 3.16
CA ILE A 31 1.31 6.12 3.33
C ILE A 31 1.97 7.45 2.96
N GLN A 32 3.20 7.66 3.36
CA GLN A 32 3.89 8.94 3.02
C GLN A 32 4.36 8.89 1.57
N THR A 33 4.69 7.73 1.06
CA THR A 33 5.15 7.64 -0.35
C THR A 33 3.97 7.84 -1.29
N LEU A 34 2.89 7.11 -1.09
CA LEU A 34 1.71 7.25 -1.98
C LEU A 34 1.42 8.75 -2.18
N ARG A 35 1.56 9.53 -1.15
CA ARG A 35 1.31 10.99 -1.27
C ARG A 35 2.26 11.58 -2.32
N GLU A 36 3.31 10.87 -2.65
CA GLU A 36 4.28 11.39 -3.66
C GLU A 36 3.70 11.12 -5.06
N HIS A 37 2.54 10.52 -5.13
CA HIS A 37 1.89 10.20 -6.43
C HIS A 37 0.54 10.95 -6.49
N LYS A 38 -0.42 10.44 -7.23
CA LYS A 38 -1.76 11.08 -7.31
C LYS A 38 -2.78 10.13 -6.69
N CYS A 39 -2.30 9.08 -6.10
CA CYS A 39 -3.20 8.08 -5.45
C CYS A 39 -3.29 8.40 -3.96
N GLN A 40 -4.42 8.88 -3.51
CA GLN A 40 -4.56 9.22 -2.07
C GLN A 40 -4.58 7.92 -1.24
N PRO A 41 -3.65 7.74 -0.31
CA PRO A 41 -3.61 6.51 0.53
C PRO A 41 -4.51 6.60 1.76
N ARG A 42 -5.05 5.49 2.19
CA ARG A 42 -5.92 5.48 3.39
C ARG A 42 -5.81 4.11 4.07
N LEU A 43 -5.59 4.08 5.37
CA LEU A 43 -5.49 2.78 6.06
C LEU A 43 -6.89 2.24 6.32
N LEU A 44 -7.20 1.10 5.78
CA LEU A 44 -8.55 0.50 5.97
C LEU A 44 -8.46 -0.47 7.15
N TYR A 45 -9.36 -1.45 7.25
CA TYR A 45 -9.35 -2.46 8.37
C TYR A 45 -8.00 -2.45 9.12
N PRO A 46 -7.99 -2.67 10.42
CA PRO A 46 -6.75 -2.66 11.24
C PRO A 46 -5.44 -2.88 10.47
N ALA A 47 -5.49 -3.49 9.30
CA ALA A 47 -4.23 -3.67 8.52
C ALA A 47 -4.49 -3.69 7.00
N LYS A 48 -5.58 -3.13 6.51
CA LYS A 48 -5.80 -3.14 5.01
C LYS A 48 -5.48 -1.75 4.45
N LEU A 49 -4.78 -1.70 3.33
CA LEU A 49 -4.38 -0.39 2.72
C LEU A 49 -4.97 -0.26 1.31
N SER A 50 -5.74 0.77 1.08
CA SER A 50 -6.35 0.99 -0.28
C SER A 50 -5.63 2.14 -0.99
N ILE A 51 -5.53 2.04 -2.30
CA ILE A 51 -4.83 3.09 -3.10
C ILE A 51 -5.67 3.42 -4.35
N THR A 52 -5.60 4.64 -4.81
CA THR A 52 -6.41 5.07 -6.00
C THR A 52 -5.54 5.13 -7.27
N ILE A 53 -5.79 4.26 -8.22
CA ILE A 53 -5.01 4.28 -9.50
C ILE A 53 -5.98 4.04 -10.66
N ASP A 54 -5.77 4.70 -11.77
CA ASP A 54 -6.66 4.53 -12.96
C ASP A 54 -8.13 4.47 -12.51
N GLY A 55 -8.45 5.12 -11.43
CA GLY A 55 -9.85 5.11 -10.95
C GLY A 55 -10.14 3.78 -10.25
N GLU A 56 -9.86 2.68 -10.89
CA GLU A 56 -10.12 1.36 -10.25
C GLU A 56 -9.40 1.31 -8.90
N THR A 57 -10.14 1.09 -7.85
CA THR A 57 -9.52 1.03 -6.50
C THR A 57 -9.02 -0.40 -6.21
N LYS A 58 -7.89 -0.52 -5.56
CA LYS A 58 -7.34 -1.87 -5.22
C LYS A 58 -6.90 -1.85 -3.76
N VAL A 59 -6.87 -2.99 -3.09
CA VAL A 59 -6.45 -3.00 -1.65
C VAL A 59 -5.57 -4.21 -1.35
N PHE A 60 -4.80 -4.15 -0.30
CA PHE A 60 -3.89 -5.27 0.06
C PHE A 60 -3.85 -5.43 1.58
N HIS A 61 -3.98 -6.63 2.08
CA HIS A 61 -3.95 -6.87 3.56
C HIS A 61 -2.58 -7.42 3.95
N ASP A 62 -1.71 -7.63 3.00
CA ASP A 62 -0.34 -8.18 3.30
C ASP A 62 0.71 -7.34 2.55
N LYS A 63 1.77 -6.96 3.20
CA LYS A 63 2.82 -6.14 2.53
C LYS A 63 3.32 -6.87 1.27
N THR A 64 3.31 -8.18 1.29
CA THR A 64 3.78 -8.93 0.10
C THR A 64 2.85 -8.68 -1.07
N LYS A 65 1.58 -8.95 -0.89
CA LYS A 65 0.61 -8.75 -1.99
C LYS A 65 0.82 -7.35 -2.59
N PHE A 66 1.01 -6.36 -1.76
CA PHE A 66 1.24 -4.98 -2.31
C PHE A 66 2.53 -5.00 -3.12
N THR A 67 3.63 -5.33 -2.50
CA THR A 67 4.93 -5.38 -3.24
C THR A 67 4.73 -6.12 -4.56
N GLN A 68 3.99 -7.19 -4.54
CA GLN A 68 3.72 -7.95 -5.79
C GLN A 68 2.95 -7.07 -6.75
N TYR A 69 1.94 -6.39 -6.28
CA TYR A 69 1.16 -5.50 -7.19
C TYR A 69 2.13 -4.61 -7.97
N LEU A 70 3.17 -4.14 -7.34
CA LEU A 70 4.15 -3.30 -8.08
C LEU A 70 5.13 -4.20 -8.83
N SER A 71 5.54 -5.29 -8.24
CA SER A 71 6.48 -6.20 -8.93
C SER A 71 5.95 -6.48 -10.33
N THR A 72 4.65 -6.39 -10.49
CA THR A 72 4.03 -6.63 -11.83
C THR A 72 3.74 -5.29 -12.51
N ASN A 73 4.07 -4.19 -11.86
CA ASN A 73 3.83 -2.84 -12.45
C ASN A 73 5.01 -1.94 -12.11
N PRO A 74 6.14 -2.19 -12.73
CA PRO A 74 7.39 -1.41 -12.48
C PRO A 74 7.16 0.10 -12.45
N ALA A 75 6.23 0.59 -13.24
CA ALA A 75 5.97 2.07 -13.28
C ALA A 75 5.99 2.64 -11.86
N LEU A 76 5.34 2.00 -10.93
CA LEU A 76 5.34 2.52 -9.53
C LEU A 76 6.71 2.25 -8.90
N GLN A 77 7.17 1.02 -8.96
CA GLN A 77 8.49 0.67 -8.34
C GLN A 77 9.52 1.76 -8.60
N ARG A 78 9.68 2.18 -9.82
CA ARG A 78 10.70 3.23 -10.12
C ARG A 78 10.33 4.52 -9.39
N ILE A 79 9.08 4.89 -9.43
CA ILE A 79 8.67 6.17 -8.76
C ILE A 79 8.64 5.99 -7.24
N ILE A 80 7.83 5.10 -6.73
CA ILE A 80 7.77 4.91 -5.26
C ILE A 80 9.17 4.57 -4.72
N PHE A 16 -2.03 -8.18 18.77
CA PHE A 16 -2.10 -7.39 17.51
C PHE A 16 -0.97 -6.36 17.52
N SER A 17 -0.03 -6.52 18.40
CA SER A 17 1.10 -5.54 18.49
C SER A 17 2.32 -5.99 17.66
N PRO A 18 2.61 -7.26 17.63
CA PRO A 18 3.78 -7.78 16.89
C PRO A 18 3.47 -8.16 15.43
N GLU A 19 2.42 -8.92 15.22
CA GLU A 19 2.08 -9.36 13.83
C GLU A 19 1.16 -8.37 13.12
N THR A 20 0.10 -7.98 13.75
CA THR A 20 -0.87 -7.05 13.09
C THR A 20 -0.30 -5.65 12.92
N MET A 21 0.22 -5.07 13.96
CA MET A 21 0.72 -3.69 13.85
C MET A 21 1.85 -3.61 12.81
N LYS A 22 2.64 -4.64 12.68
CA LYS A 22 3.73 -4.60 11.65
C LYS A 22 3.09 -4.49 10.28
N ALA A 23 2.12 -5.31 9.98
CA ALA A 23 1.45 -5.19 8.65
C ALA A 23 0.92 -3.76 8.54
N ARG A 24 0.40 -3.25 9.62
CA ARG A 24 -0.12 -1.85 9.64
C ARG A 24 1.07 -0.88 9.62
N ARG A 25 2.21 -1.32 10.10
CA ARG A 25 3.40 -0.42 10.13
C ARG A 25 3.99 -0.32 8.72
N ALA A 26 4.08 -1.43 8.03
CA ALA A 26 4.62 -1.38 6.63
C ALA A 26 3.81 -0.33 5.88
N TRP A 27 2.52 -0.37 6.05
CA TRP A 27 1.62 0.61 5.39
C TRP A 27 2.08 2.02 5.74
N THR A 28 2.34 2.29 7.00
CA THR A 28 2.79 3.66 7.39
C THR A 28 3.91 4.13 6.44
N ASP A 29 4.90 3.31 6.23
CA ASP A 29 6.03 3.71 5.35
C ASP A 29 5.55 4.02 3.93
N VAL A 30 4.88 3.09 3.30
CA VAL A 30 4.40 3.36 1.92
C VAL A 30 3.26 4.37 1.94
N ILE A 31 2.64 4.57 3.08
CA ILE A 31 1.52 5.55 3.15
C ILE A 31 2.05 6.95 2.84
N GLN A 32 3.22 7.29 3.32
CA GLN A 32 3.76 8.65 3.03
C GLN A 32 4.26 8.67 1.58
N THR A 33 4.77 7.57 1.10
CA THR A 33 5.26 7.52 -0.31
C THR A 33 4.07 7.66 -1.26
N LEU A 34 3.04 6.89 -1.06
CA LEU A 34 1.85 6.97 -1.96
C LEU A 34 1.47 8.44 -2.18
N ARG A 35 1.08 9.11 -1.14
CA ARG A 35 0.66 10.54 -1.27
C ARG A 35 1.79 11.40 -1.84
N GLU A 36 2.96 10.84 -2.05
CA GLU A 36 4.06 11.69 -2.60
C GLU A 36 3.86 11.90 -4.11
N HIS A 37 2.97 11.15 -4.73
CA HIS A 37 2.71 11.34 -6.19
C HIS A 37 1.19 11.39 -6.45
N LYS A 38 0.71 10.72 -7.47
CA LYS A 38 -0.76 10.78 -7.79
C LYS A 38 -1.48 9.51 -7.31
N CYS A 39 -1.61 9.34 -6.03
CA CYS A 39 -2.33 8.15 -5.49
C CYS A 39 -2.65 8.40 -4.02
N GLN A 40 -3.88 8.69 -3.72
CA GLN A 40 -4.26 8.95 -2.31
C GLN A 40 -4.29 7.63 -1.50
N PRO A 41 -3.46 7.47 -0.49
CA PRO A 41 -3.44 6.23 0.35
C PRO A 41 -4.50 6.27 1.47
N ARG A 42 -5.06 5.14 1.81
CA ARG A 42 -6.09 5.09 2.88
C ARG A 42 -5.95 3.77 3.63
N LEU A 43 -5.59 3.78 4.89
CA LEU A 43 -5.44 2.50 5.62
C LEU A 43 -6.83 2.00 6.03
N LEU A 44 -7.15 0.82 5.59
CA LEU A 44 -8.48 0.21 5.94
C LEU A 44 -8.25 -0.74 7.11
N TYR A 45 -9.10 -1.75 7.29
CA TYR A 45 -8.96 -2.76 8.40
C TYR A 45 -7.57 -2.69 9.07
N PRO A 46 -7.46 -2.94 10.38
CA PRO A 46 -6.17 -2.88 11.11
C PRO A 46 -4.92 -3.02 10.25
N ALA A 47 -5.01 -3.68 9.11
CA ALA A 47 -3.80 -3.80 8.23
C ALA A 47 -4.21 -3.86 6.75
N LYS A 48 -5.34 -3.31 6.36
CA LYS A 48 -5.72 -3.35 4.90
C LYS A 48 -5.37 -2.00 4.28
N LEU A 49 -4.57 -2.00 3.23
CA LEU A 49 -4.13 -0.71 2.60
C LEU A 49 -4.71 -0.57 1.20
N SER A 50 -5.39 0.52 0.93
CA SER A 50 -6.00 0.76 -0.42
C SER A 50 -5.28 1.92 -1.12
N ILE A 51 -5.20 1.87 -2.42
CA ILE A 51 -4.53 2.95 -3.19
C ILE A 51 -5.35 3.27 -4.45
N THR A 52 -5.30 4.49 -4.90
CA THR A 52 -6.10 4.90 -6.10
C THR A 52 -5.23 4.94 -7.37
N ILE A 53 -5.61 4.19 -8.39
CA ILE A 53 -4.83 4.20 -9.67
C ILE A 53 -5.81 4.09 -10.85
N ASP A 54 -5.56 4.79 -11.91
CA ASP A 54 -6.46 4.72 -13.10
C ASP A 54 -7.93 4.77 -12.64
N GLY A 55 -8.17 5.37 -11.50
CA GLY A 55 -9.58 5.46 -10.99
C GLY A 55 -9.92 4.22 -10.17
N GLU A 56 -9.79 3.06 -10.74
CA GLU A 56 -10.13 1.80 -10.00
C GLU A 56 -9.19 1.65 -8.79
N THR A 57 -9.76 1.52 -7.62
CA THR A 57 -8.92 1.37 -6.39
C THR A 57 -8.62 -0.12 -6.16
N LYS A 58 -7.48 -0.41 -5.59
CA LYS A 58 -7.10 -1.83 -5.29
C LYS A 58 -6.69 -1.91 -3.82
N VAL A 59 -6.77 -3.07 -3.21
CA VAL A 59 -6.41 -3.17 -1.76
C VAL A 59 -5.68 -4.49 -1.49
N PHE A 60 -4.88 -4.52 -0.44
CA PHE A 60 -4.13 -5.77 -0.11
C PHE A 60 -4.12 -5.99 1.40
N HIS A 61 -4.03 -7.23 1.82
CA HIS A 61 -4.02 -7.55 3.28
C HIS A 61 -2.59 -7.89 3.74
N ASP A 62 -1.80 -8.48 2.88
CA ASP A 62 -0.39 -8.86 3.26
C ASP A 62 0.61 -7.91 2.60
N LYS A 63 1.79 -7.80 3.16
CA LYS A 63 2.82 -6.89 2.58
C LYS A 63 3.38 -7.49 1.29
N THR A 64 3.44 -8.79 1.19
CA THR A 64 3.98 -9.41 -0.05
C THR A 64 3.06 -9.09 -1.23
N LYS A 65 1.79 -9.37 -1.08
CA LYS A 65 0.84 -9.10 -2.19
C LYS A 65 1.04 -7.67 -2.70
N PHE A 66 1.21 -6.71 -1.83
CA PHE A 66 1.43 -5.32 -2.32
C PHE A 66 2.70 -5.30 -3.17
N THR A 67 3.80 -5.69 -2.60
CA THR A 67 5.08 -5.70 -3.37
C THR A 67 4.82 -6.37 -4.72
N GLN A 68 4.21 -7.52 -4.71
CA GLN A 68 3.93 -8.24 -5.99
C GLN A 68 3.04 -7.35 -6.85
N TYR A 69 2.03 -6.77 -6.28
CA TYR A 69 1.14 -5.88 -7.08
C TYR A 69 2.00 -4.83 -7.79
N LEU A 70 3.10 -4.45 -7.19
CA LEU A 70 4.00 -3.45 -7.84
C LEU A 70 4.93 -4.16 -8.81
N SER A 71 5.49 -5.26 -8.41
CA SER A 71 6.41 -6.00 -9.32
C SER A 71 5.71 -6.16 -10.66
N THR A 72 4.40 -6.19 -10.66
CA THR A 72 3.64 -6.33 -11.93
C THR A 72 3.17 -4.96 -12.40
N ASN A 73 3.58 -3.91 -11.73
CA ASN A 73 3.17 -2.52 -12.15
C ASN A 73 4.38 -1.60 -12.02
N PRO A 74 5.34 -1.77 -12.90
CA PRO A 74 6.58 -0.95 -12.89
C PRO A 74 6.30 0.55 -12.80
N ALA A 75 5.20 0.99 -13.31
CA ALA A 75 4.87 2.44 -13.26
C ALA A 75 5.08 2.99 -11.85
N LEU A 76 4.50 2.36 -10.86
CA LEU A 76 4.66 2.86 -9.47
C LEU A 76 6.10 2.59 -8.99
N GLN A 77 6.63 1.43 -9.26
CA GLN A 77 8.02 1.11 -8.80
C GLN A 77 8.96 2.31 -9.01
N ARG A 78 8.98 2.87 -10.19
CA ARG A 78 9.88 4.03 -10.43
C ARG A 78 9.42 5.22 -9.59
N ILE A 79 8.14 5.46 -9.53
CA ILE A 79 7.64 6.61 -8.74
C ILE A 79 7.94 6.40 -7.25
N ILE A 80 7.44 5.34 -6.67
CA ILE A 80 7.69 5.08 -5.23
C ILE A 80 9.20 4.96 -4.99
N PHE A 16 -1.84 -9.39 17.43
CA PHE A 16 -1.92 -8.43 16.30
C PHE A 16 -0.89 -7.33 16.48
N SER A 17 -0.01 -7.50 17.42
CA SER A 17 1.03 -6.47 17.69
C SER A 17 2.33 -6.75 16.92
N PRO A 18 2.70 -7.99 16.74
CA PRO A 18 3.94 -8.36 16.03
C PRO A 18 3.73 -8.56 14.52
N GLU A 19 2.78 -9.37 14.14
CA GLU A 19 2.57 -9.62 12.67
C GLU A 19 1.61 -8.62 12.04
N THR A 20 0.42 -8.52 12.56
CA THR A 20 -0.59 -7.58 11.98
C THR A 20 -0.07 -6.16 11.98
N MET A 21 0.44 -5.71 13.09
CA MET A 21 0.89 -4.30 13.15
C MET A 21 1.99 -4.07 12.12
N LYS A 22 2.81 -5.03 11.83
CA LYS A 22 3.87 -4.81 10.79
C LYS A 22 3.17 -4.36 9.51
N ALA A 23 2.11 -5.02 9.14
CA ALA A 23 1.38 -4.59 7.92
C ALA A 23 0.91 -3.16 8.15
N ARG A 24 0.47 -2.88 9.35
CA ARG A 24 0.00 -1.51 9.70
C ARG A 24 1.18 -0.54 9.61
N ARG A 25 2.35 -0.96 10.02
CA ARG A 25 3.53 -0.08 9.93
C ARG A 25 3.91 0.07 8.46
N ALA A 26 3.99 -1.02 7.77
CA ALA A 26 4.31 -0.95 6.31
C ALA A 26 3.26 -0.08 5.62
N TRP A 27 2.11 0.03 6.23
CA TRP A 27 1.02 0.86 5.63
C TRP A 27 1.24 2.32 6.00
N THR A 28 2.02 2.62 7.00
CA THR A 28 2.27 4.04 7.35
C THR A 28 3.39 4.59 6.47
N ASP A 29 4.45 3.83 6.33
CA ASP A 29 5.58 4.29 5.47
C ASP A 29 5.09 4.59 4.07
N VAL A 30 4.24 3.75 3.54
CA VAL A 30 3.72 3.99 2.17
C VAL A 30 2.71 5.14 2.17
N ILE A 31 1.95 5.28 3.23
CA ILE A 31 0.94 6.41 3.27
C ILE A 31 1.65 7.72 2.92
N GLN A 32 2.79 7.97 3.49
CA GLN A 32 3.49 9.25 3.20
C GLN A 32 4.10 9.19 1.80
N THR A 33 4.41 8.01 1.31
CA THR A 33 5.01 7.91 -0.04
C THR A 33 3.93 8.06 -1.11
N LEU A 34 2.83 7.37 -0.99
CA LEU A 34 1.75 7.47 -2.02
C LEU A 34 1.50 8.94 -2.38
N ARG A 35 1.36 9.79 -1.41
CA ARG A 35 1.08 11.23 -1.70
C ARG A 35 2.24 11.86 -2.50
N GLU A 36 3.29 11.13 -2.75
CA GLU A 36 4.43 11.73 -3.52
C GLU A 36 4.07 11.81 -5.01
N HIS A 37 2.96 11.24 -5.42
CA HIS A 37 2.55 11.31 -6.86
C HIS A 37 1.08 11.72 -6.97
N LYS A 38 0.21 10.77 -7.19
CA LYS A 38 -1.24 11.11 -7.29
C LYS A 38 -2.07 9.91 -6.86
N CYS A 39 -2.30 9.80 -5.59
CA CYS A 39 -3.09 8.66 -5.08
C CYS A 39 -3.36 8.87 -3.60
N GLN A 40 -4.57 9.15 -3.28
CA GLN A 40 -4.95 9.37 -1.86
C GLN A 40 -4.87 8.02 -1.10
N PRO A 41 -3.96 7.86 -0.15
CA PRO A 41 -3.81 6.58 0.61
C PRO A 41 -4.74 6.50 1.83
N ARG A 42 -5.27 5.34 2.10
CA ARG A 42 -6.18 5.17 3.28
C ARG A 42 -5.94 3.78 3.90
N LEU A 43 -5.80 3.70 5.19
CA LEU A 43 -5.60 2.39 5.87
C LEU A 43 -6.93 1.94 6.45
N LEU A 44 -7.38 0.80 6.05
CA LEU A 44 -8.69 0.26 6.55
C LEU A 44 -8.41 -0.85 7.56
N TYR A 45 -9.28 -1.83 7.64
CA TYR A 45 -9.14 -3.00 8.59
C TYR A 45 -7.74 -3.03 9.25
N PRO A 46 -7.61 -3.40 10.51
CA PRO A 46 -6.31 -3.45 11.24
C PRO A 46 -5.07 -3.54 10.34
N ALA A 47 -5.21 -4.06 9.16
CA ALA A 47 -4.05 -4.14 8.23
C ALA A 47 -4.52 -4.16 6.78
N LYS A 48 -5.47 -3.31 6.40
CA LYS A 48 -5.95 -3.30 4.97
C LYS A 48 -5.59 -1.94 4.35
N LEU A 49 -4.65 -1.92 3.43
CA LEU A 49 -4.22 -0.62 2.82
C LEU A 49 -4.80 -0.48 1.40
N SER A 50 -5.59 0.56 1.19
CA SER A 50 -6.21 0.79 -0.15
C SER A 50 -5.52 1.96 -0.83
N ILE A 51 -5.46 1.95 -2.15
CA ILE A 51 -4.78 3.06 -2.88
C ILE A 51 -5.54 3.38 -4.19
N THR A 52 -5.47 4.61 -4.61
CA THR A 52 -6.19 5.04 -5.85
C THR A 52 -5.20 5.15 -7.02
N ILE A 53 -5.39 4.35 -8.05
CA ILE A 53 -4.46 4.41 -9.23
C ILE A 53 -5.27 4.24 -10.52
N ASP A 54 -4.91 4.96 -11.55
CA ASP A 54 -5.63 4.87 -12.84
C ASP A 54 -7.15 4.79 -12.61
N GLY A 55 -7.61 5.35 -11.52
CA GLY A 55 -9.08 5.32 -11.23
C GLY A 55 -9.45 4.01 -10.55
N GLU A 56 -8.92 2.90 -10.99
CA GLU A 56 -9.27 1.60 -10.37
C GLU A 56 -8.50 1.46 -9.05
N THR A 57 -9.21 1.34 -7.98
CA THR A 57 -8.56 1.20 -6.64
C THR A 57 -8.30 -0.28 -6.33
N LYS A 58 -7.27 -0.56 -5.58
CA LYS A 58 -6.94 -1.97 -5.20
C LYS A 58 -6.61 -1.97 -3.70
N VAL A 59 -6.46 -3.12 -3.10
CA VAL A 59 -6.13 -3.15 -1.65
C VAL A 59 -5.17 -4.30 -1.35
N PHE A 60 -4.52 -4.25 -0.21
CA PHE A 60 -3.54 -5.30 0.15
C PHE A 60 -3.67 -5.63 1.65
N HIS A 61 -3.75 -6.90 1.98
CA HIS A 61 -3.90 -7.30 3.41
C HIS A 61 -2.54 -7.73 3.98
N ASP A 62 -1.50 -7.74 3.18
CA ASP A 62 -0.15 -8.17 3.71
C ASP A 62 0.95 -7.39 2.98
N LYS A 63 1.97 -7.00 3.72
CA LYS A 63 3.10 -6.25 3.10
C LYS A 63 3.59 -6.96 1.84
N THR A 64 3.59 -8.27 1.85
CA THR A 64 4.06 -9.02 0.66
C THR A 64 3.14 -8.71 -0.52
N LYS A 65 1.88 -8.93 -0.35
CA LYS A 65 0.90 -8.65 -1.44
C LYS A 65 1.19 -7.25 -2.01
N PHE A 66 1.59 -6.34 -1.18
CA PHE A 66 1.89 -4.96 -1.67
C PHE A 66 3.03 -5.05 -2.68
N THR A 67 4.20 -5.44 -2.24
CA THR A 67 5.35 -5.53 -3.20
C THR A 67 4.90 -6.29 -4.45
N GLN A 68 4.32 -7.45 -4.28
CA GLN A 68 3.85 -8.25 -5.45
C GLN A 68 2.95 -7.38 -6.32
N TYR A 69 2.07 -6.63 -5.73
CA TYR A 69 1.18 -5.76 -6.55
C TYR A 69 2.05 -4.82 -7.38
N LEU A 70 3.22 -4.47 -6.89
CA LEU A 70 4.13 -3.58 -7.67
C LEU A 70 4.92 -4.42 -8.66
N SER A 71 5.43 -5.54 -8.24
CA SER A 71 6.21 -6.39 -9.17
C SER A 71 5.39 -6.57 -10.46
N THR A 72 4.10 -6.45 -10.35
CA THR A 72 3.21 -6.57 -11.54
C THR A 72 2.77 -5.18 -12.01
N ASN A 73 3.30 -4.13 -11.42
CA ASN A 73 2.92 -2.74 -11.84
C ASN A 73 4.20 -1.88 -11.85
N PRO A 74 5.04 -2.11 -12.82
CA PRO A 74 6.33 -1.37 -12.97
C PRO A 74 6.17 0.15 -12.86
N ALA A 75 5.03 0.67 -13.23
CA ALA A 75 4.83 2.14 -13.15
C ALA A 75 5.16 2.65 -11.73
N LEU A 76 4.57 2.05 -10.73
CA LEU A 76 4.85 2.51 -9.35
C LEU A 76 6.26 2.07 -8.92
N GLN A 77 6.83 1.09 -9.57
CA GLN A 77 8.20 0.65 -9.17
C GLN A 77 9.18 1.80 -9.41
N ARG A 78 9.07 2.47 -10.53
CA ARG A 78 9.99 3.61 -10.80
C ARG A 78 9.73 4.72 -9.79
N ILE A 79 8.48 5.04 -9.57
CA ILE A 79 8.14 6.11 -8.58
C ILE A 79 8.29 5.56 -7.17
N ILE A 80 8.33 4.25 -7.03
CA ILE A 80 8.45 3.66 -5.68
C ILE A 80 9.10 2.26 -5.81
N PHE A 16 -1.91 -8.92 17.87
CA PHE A 16 -2.09 -7.87 16.82
C PHE A 16 -0.98 -6.83 16.95
N SER A 17 -0.02 -7.11 17.78
CA SER A 17 1.10 -6.13 18.01
C SER A 17 2.30 -6.42 17.11
N PRO A 18 2.72 -7.66 17.02
CA PRO A 18 3.89 -8.05 16.20
C PRO A 18 3.54 -8.38 14.75
N GLU A 19 2.49 -9.12 14.53
CA GLU A 19 2.14 -9.50 13.12
C GLU A 19 1.24 -8.45 12.46
N THR A 20 0.14 -8.12 13.08
CA THR A 20 -0.79 -7.14 12.46
C THR A 20 -0.19 -5.74 12.42
N MET A 21 0.30 -5.27 13.53
CA MET A 21 0.84 -3.89 13.57
C MET A 21 1.95 -3.72 12.50
N LYS A 22 2.78 -4.70 12.32
CA LYS A 22 3.84 -4.56 11.28
C LYS A 22 3.16 -4.26 9.95
N ALA A 23 2.14 -4.99 9.62
CA ALA A 23 1.43 -4.70 8.35
C ALA A 23 0.90 -3.26 8.44
N ARG A 24 0.54 -2.85 9.62
CA ARG A 24 0.05 -1.46 9.82
C ARG A 24 1.24 -0.50 9.71
N ARG A 25 2.40 -0.96 10.10
CA ARG A 25 3.60 -0.08 10.00
C ARG A 25 4.00 -0.01 8.53
N ALA A 26 4.07 -1.14 7.86
CA ALA A 26 4.42 -1.14 6.42
C ALA A 26 3.43 -0.23 5.70
N TRP A 27 2.26 -0.08 6.27
CA TRP A 27 1.23 0.80 5.67
C TRP A 27 1.53 2.25 6.07
N THR A 28 2.35 2.44 7.05
CA THR A 28 2.70 3.83 7.48
C THR A 28 3.81 4.39 6.58
N ASP A 29 4.86 3.63 6.38
CA ASP A 29 5.98 4.11 5.52
C ASP A 29 5.47 4.39 4.11
N VAL A 30 4.67 3.52 3.57
CA VAL A 30 4.15 3.77 2.19
C VAL A 30 3.12 4.90 2.23
N ILE A 31 2.47 5.10 3.35
CA ILE A 31 1.46 6.21 3.41
C ILE A 31 2.16 7.52 3.07
N GLN A 32 3.39 7.69 3.49
CA GLN A 32 4.11 8.96 3.17
C GLN A 32 4.52 8.92 1.69
N THR A 33 4.78 7.75 1.16
CA THR A 33 5.18 7.65 -0.27
C THR A 33 3.96 7.92 -1.16
N LEU A 34 2.93 7.12 -1.03
CA LEU A 34 1.71 7.34 -1.88
C LEU A 34 1.35 8.84 -1.87
N ARG A 35 1.35 9.44 -0.71
CA ARG A 35 1.02 10.89 -0.62
C ARG A 35 1.94 11.67 -1.57
N GLU A 36 2.97 11.04 -2.07
CA GLU A 36 3.90 11.74 -3.01
C GLU A 36 3.40 11.58 -4.45
N HIS A 37 2.21 11.07 -4.62
CA HIS A 37 1.64 10.86 -5.98
C HIS A 37 0.24 11.49 -6.05
N LYS A 38 -0.61 11.01 -6.92
CA LYS A 38 -2.00 11.56 -7.03
C LYS A 38 -2.96 10.51 -6.51
N CYS A 39 -2.43 9.42 -6.03
CA CYS A 39 -3.27 8.33 -5.47
C CYS A 39 -3.39 8.55 -3.96
N GLN A 40 -4.55 8.93 -3.50
CA GLN A 40 -4.73 9.18 -2.05
C GLN A 40 -4.70 7.85 -1.27
N PRO A 41 -3.75 7.65 -0.38
CA PRO A 41 -3.65 6.39 0.43
C PRO A 41 -4.56 6.39 1.64
N ARG A 42 -4.98 5.22 2.09
CA ARG A 42 -5.86 5.16 3.27
C ARG A 42 -5.66 3.82 4.00
N LEU A 43 -5.54 3.84 5.30
CA LEU A 43 -5.36 2.59 6.07
C LEU A 43 -6.72 2.16 6.60
N LEU A 44 -7.18 1.04 6.14
CA LEU A 44 -8.52 0.52 6.56
C LEU A 44 -8.29 -0.62 7.55
N TYR A 45 -9.18 -1.60 7.59
CA TYR A 45 -9.07 -2.79 8.51
C TYR A 45 -7.73 -2.79 9.28
N PRO A 46 -7.71 -3.20 10.55
CA PRO A 46 -6.47 -3.21 11.39
C PRO A 46 -5.15 -3.29 10.61
N ALA A 47 -5.19 -3.71 9.37
CA ALA A 47 -3.95 -3.77 8.57
C ALA A 47 -4.27 -3.90 7.07
N LYS A 48 -5.19 -3.09 6.53
CA LYS A 48 -5.50 -3.19 5.06
C LYS A 48 -5.18 -1.84 4.40
N LEU A 49 -4.50 -1.87 3.27
CA LEU A 49 -4.12 -0.60 2.59
C LEU A 49 -4.72 -0.52 1.19
N SER A 50 -5.52 0.50 0.95
CA SER A 50 -6.15 0.69 -0.40
C SER A 50 -5.49 1.87 -1.10
N ILE A 51 -5.44 1.83 -2.41
CA ILE A 51 -4.79 2.93 -3.19
C ILE A 51 -5.67 3.28 -4.40
N THR A 52 -5.62 4.53 -4.81
CA THR A 52 -6.43 4.98 -5.98
C THR A 52 -5.54 5.12 -7.22
N ILE A 53 -5.72 4.27 -8.20
CA ILE A 53 -4.89 4.36 -9.45
C ILE A 53 -5.80 4.22 -10.67
N ASP A 54 -5.57 5.00 -11.69
CA ASP A 54 -6.42 4.93 -12.92
C ASP A 54 -7.89 4.81 -12.53
N GLY A 55 -8.25 5.34 -11.39
CA GLY A 55 -9.67 5.28 -10.95
C GLY A 55 -9.95 3.92 -10.29
N GLU A 56 -9.77 2.85 -11.00
CA GLU A 56 -10.04 1.51 -10.41
C GLU A 56 -9.27 1.39 -9.09
N THR A 57 -9.98 1.15 -8.02
CA THR A 57 -9.31 1.02 -6.69
C THR A 57 -8.87 -0.43 -6.48
N LYS A 58 -7.70 -0.60 -5.92
CA LYS A 58 -7.17 -1.98 -5.64
C LYS A 58 -6.74 -1.99 -4.19
N VAL A 59 -6.73 -3.12 -3.53
CA VAL A 59 -6.35 -3.15 -2.09
C VAL A 59 -5.50 -4.36 -1.75
N PHE A 60 -4.71 -4.25 -0.71
CA PHE A 60 -3.82 -5.37 -0.29
C PHE A 60 -3.81 -5.49 1.23
N HIS A 61 -3.81 -6.69 1.75
CA HIS A 61 -3.81 -6.89 3.22
C HIS A 61 -2.41 -7.30 3.71
N ASP A 62 -1.63 -7.96 2.88
CA ASP A 62 -0.26 -8.38 3.30
C ASP A 62 0.79 -7.51 2.61
N LYS A 63 1.92 -7.31 3.24
CA LYS A 63 2.99 -6.47 2.63
C LYS A 63 3.50 -7.16 1.37
N THR A 64 3.51 -8.46 1.34
CA THR A 64 3.99 -9.17 0.13
C THR A 64 3.04 -8.86 -1.03
N LYS A 65 1.79 -9.17 -0.86
CA LYS A 65 0.79 -8.92 -1.93
C LYS A 65 1.00 -7.50 -2.50
N PHE A 66 1.21 -6.54 -1.64
CA PHE A 66 1.44 -5.15 -2.15
C PHE A 66 2.69 -5.18 -3.03
N THR A 67 3.80 -5.57 -2.48
CA THR A 67 5.05 -5.63 -3.29
C THR A 67 4.76 -6.30 -4.64
N GLN A 68 4.09 -7.43 -4.62
CA GLN A 68 3.75 -8.13 -5.90
C GLN A 68 3.03 -7.17 -6.82
N TYR A 69 2.01 -6.50 -6.33
CA TYR A 69 1.26 -5.53 -7.19
C TYR A 69 2.27 -4.67 -7.97
N LEU A 70 3.37 -4.33 -7.35
CA LEU A 70 4.40 -3.53 -8.06
C LEU A 70 5.23 -4.44 -8.96
N SER A 71 5.64 -5.57 -8.45
CA SER A 71 6.45 -6.50 -9.29
C SER A 71 5.78 -6.66 -10.64
N THR A 72 4.48 -6.46 -10.67
CA THR A 72 3.72 -6.59 -11.95
C THR A 72 3.42 -5.20 -12.52
N ASN A 73 3.87 -4.16 -11.84
CA ASN A 73 3.63 -2.77 -12.34
C ASN A 73 4.89 -1.92 -12.10
N PRO A 74 5.89 -2.12 -12.92
CA PRO A 74 7.18 -1.38 -12.80
C PRO A 74 6.98 0.14 -12.83
N ALA A 75 5.91 0.61 -13.42
CA ALA A 75 5.66 2.08 -13.47
C ALA A 75 5.77 2.64 -12.05
N LEU A 76 5.06 2.07 -11.12
CA LEU A 76 5.14 2.58 -9.72
C LEU A 76 6.52 2.21 -9.17
N GLN A 77 6.85 0.94 -9.18
CA GLN A 77 8.16 0.48 -8.64
C GLN A 77 9.27 1.46 -9.09
N ARG A 78 9.12 2.05 -10.23
CA ARG A 78 10.16 3.01 -10.70
C ARG A 78 10.11 4.23 -9.78
N ILE A 79 8.93 4.73 -9.51
CA ILE A 79 8.81 5.91 -8.60
C ILE A 79 8.73 5.40 -7.15
N ILE A 80 7.74 4.60 -6.87
CA ILE A 80 7.60 4.04 -5.50
C ILE A 80 8.68 2.97 -5.28
N PHE A 16 -1.75 -9.20 17.96
CA PHE A 16 -1.89 -8.14 16.92
C PHE A 16 -0.76 -7.12 17.09
N SER A 17 -0.54 -6.70 18.30
CA SER A 17 0.50 -5.68 18.57
C SER A 17 1.82 -6.01 17.86
N PRO A 18 2.27 -7.24 17.90
CA PRO A 18 3.54 -7.64 17.27
C PRO A 18 3.43 -7.99 15.78
N GLU A 19 2.49 -8.82 15.42
CA GLU A 19 2.36 -9.21 13.97
C GLU A 19 1.46 -8.25 13.18
N THR A 20 0.24 -8.09 13.60
CA THR A 20 -0.70 -7.21 12.85
C THR A 20 -0.19 -5.77 12.81
N MET A 21 0.23 -5.25 13.93
CA MET A 21 0.67 -3.84 13.95
C MET A 21 1.80 -3.62 12.92
N LYS A 22 2.76 -4.49 12.86
CA LYS A 22 3.85 -4.31 11.87
C LYS A 22 3.24 -4.12 10.49
N ALA A 23 2.20 -4.84 10.17
CA ALA A 23 1.56 -4.63 8.85
C ALA A 23 1.15 -3.17 8.76
N ARG A 24 0.59 -2.63 9.81
CA ARG A 24 0.20 -1.19 9.80
C ARG A 24 1.47 -0.35 9.74
N ARG A 25 2.48 -0.71 10.49
CA ARG A 25 3.74 0.07 10.45
C ARG A 25 4.24 0.08 9.01
N ALA A 26 4.13 -1.04 8.33
CA ALA A 26 4.58 -1.09 6.91
C ALA A 26 3.67 -0.15 6.11
N TRP A 27 2.42 -0.08 6.50
CA TRP A 27 1.47 0.81 5.79
C TRP A 27 1.83 2.26 6.12
N THR A 28 2.61 2.48 7.14
CA THR A 28 2.99 3.87 7.51
C THR A 28 4.04 4.42 6.53
N ASP A 29 5.18 3.78 6.46
CA ASP A 29 6.26 4.26 5.54
C ASP A 29 5.69 4.49 4.14
N VAL A 30 4.91 3.59 3.64
CA VAL A 30 4.35 3.77 2.29
C VAL A 30 3.25 4.84 2.32
N ILE A 31 2.47 4.90 3.38
CA ILE A 31 1.38 5.93 3.45
C ILE A 31 1.94 7.29 3.03
N GLN A 32 3.10 7.65 3.51
CA GLN A 32 3.67 8.98 3.12
C GLN A 32 4.18 8.89 1.68
N THR A 33 4.55 7.71 1.24
CA THR A 33 5.04 7.57 -0.16
C THR A 33 3.92 7.88 -1.15
N LEU A 34 2.82 7.19 -1.07
CA LEU A 34 1.71 7.43 -2.05
C LEU A 34 1.49 8.95 -2.20
N ARG A 35 1.47 9.66 -1.11
CA ARG A 35 1.25 11.13 -1.19
C ARG A 35 2.28 11.76 -2.13
N GLU A 36 3.27 11.01 -2.55
CA GLU A 36 4.30 11.60 -3.46
C GLU A 36 3.69 11.84 -4.84
N HIS A 37 2.80 10.99 -5.29
CA HIS A 37 2.17 11.18 -6.65
C HIS A 37 0.64 11.04 -6.57
N LYS A 38 0.02 10.61 -7.64
CA LYS A 38 -1.47 10.49 -7.66
C LYS A 38 -1.94 9.20 -6.97
N CYS A 39 -2.10 9.23 -5.67
CA CYS A 39 -2.59 8.03 -4.95
C CYS A 39 -3.01 8.42 -3.55
N GLN A 40 -4.28 8.56 -3.32
CA GLN A 40 -4.76 8.91 -1.96
C GLN A 40 -4.65 7.65 -1.07
N PRO A 41 -3.81 7.64 -0.05
CA PRO A 41 -3.65 6.44 0.82
C PRO A 41 -4.73 6.34 1.91
N ARG A 42 -5.11 5.14 2.26
CA ARG A 42 -6.15 4.96 3.32
C ARG A 42 -5.90 3.64 4.06
N LEU A 43 -5.75 3.67 5.36
CA LEU A 43 -5.54 2.42 6.12
C LEU A 43 -6.91 1.92 6.58
N LEU A 44 -7.31 0.79 6.09
CA LEU A 44 -8.64 0.22 6.46
C LEU A 44 -8.42 -0.96 7.39
N TYR A 45 -9.29 -1.95 7.38
CA TYR A 45 -9.18 -3.18 8.27
C TYR A 45 -7.85 -3.18 9.05
N PRO A 46 -7.85 -3.62 10.30
CA PRO A 46 -6.63 -3.65 11.17
C PRO A 46 -5.30 -3.66 10.39
N ALA A 47 -5.30 -4.04 9.16
CA ALA A 47 -4.04 -4.01 8.38
C ALA A 47 -4.31 -4.10 6.87
N LYS A 48 -5.32 -3.42 6.36
CA LYS A 48 -5.58 -3.49 4.87
C LYS A 48 -5.22 -2.13 4.25
N LEU A 49 -4.42 -2.14 3.20
CA LEU A 49 -3.99 -0.85 2.56
C LEU A 49 -4.66 -0.68 1.19
N SER A 50 -5.35 0.41 1.00
CA SER A 50 -6.04 0.71 -0.29
C SER A 50 -5.43 1.96 -0.92
N ILE A 51 -5.37 2.00 -2.24
CA ILE A 51 -4.78 3.18 -2.94
C ILE A 51 -5.54 3.44 -4.25
N THR A 52 -5.56 4.66 -4.68
CA THR A 52 -6.27 5.02 -5.95
C THR A 52 -5.27 5.13 -7.11
N ILE A 53 -5.58 4.55 -8.25
CA ILE A 53 -4.66 4.63 -9.42
C ILE A 53 -5.49 4.88 -10.69
N ASP A 54 -5.30 6.00 -11.32
CA ASP A 54 -6.07 6.34 -12.57
C ASP A 54 -7.53 5.90 -12.43
N GLY A 55 -8.02 5.87 -11.22
CA GLY A 55 -9.44 5.44 -11.00
C GLY A 55 -9.46 3.97 -10.59
N GLU A 56 -8.77 3.12 -11.31
CA GLU A 56 -8.75 1.68 -10.94
C GLU A 56 -8.31 1.56 -9.49
N THR A 57 -9.21 1.18 -8.63
CA THR A 57 -8.86 1.03 -7.18
C THR A 57 -8.31 -0.37 -6.93
N LYS A 58 -7.26 -0.48 -6.18
CA LYS A 58 -6.67 -1.82 -5.87
C LYS A 58 -6.38 -1.85 -4.37
N VAL A 59 -6.51 -2.98 -3.74
CA VAL A 59 -6.26 -3.05 -2.27
C VAL A 59 -5.52 -4.34 -1.93
N PHE A 60 -4.76 -4.32 -0.86
CA PHE A 60 -3.98 -5.53 -0.47
C PHE A 60 -4.02 -5.71 1.04
N HIS A 61 -3.95 -6.93 1.50
CA HIS A 61 -4.01 -7.20 2.97
C HIS A 61 -2.60 -7.49 3.52
N ASP A 62 -1.82 -8.29 2.82
CA ASP A 62 -0.44 -8.63 3.30
C ASP A 62 0.60 -7.81 2.54
N LYS A 63 1.84 -7.84 2.99
CA LYS A 63 2.91 -7.05 2.31
C LYS A 63 3.35 -7.77 1.03
N THR A 64 3.20 -9.06 0.96
CA THR A 64 3.63 -9.78 -0.27
C THR A 64 2.77 -9.33 -1.44
N LYS A 65 1.49 -9.50 -1.35
CA LYS A 65 0.61 -9.07 -2.47
C LYS A 65 0.92 -7.61 -2.82
N PHE A 66 1.13 -6.77 -1.85
CA PHE A 66 1.45 -5.35 -2.15
C PHE A 66 2.77 -5.30 -2.93
N THR A 67 3.85 -5.73 -2.34
CA THR A 67 5.14 -5.70 -3.07
C THR A 67 4.96 -6.34 -4.45
N GLN A 68 4.35 -7.49 -4.50
CA GLN A 68 4.13 -8.17 -5.81
C GLN A 68 3.28 -7.28 -6.71
N TYR A 69 2.28 -6.63 -6.17
CA TYR A 69 1.43 -5.76 -7.02
C TYR A 69 2.34 -4.83 -7.83
N LEU A 70 3.40 -4.36 -7.24
CA LEU A 70 4.35 -3.49 -7.98
C LEU A 70 5.15 -4.33 -8.97
N SER A 71 5.73 -5.41 -8.51
CA SER A 71 6.54 -6.26 -9.42
C SER A 71 5.74 -6.50 -10.71
N THR A 72 4.44 -6.39 -10.62
CA THR A 72 3.58 -6.60 -11.84
C THR A 72 3.02 -5.25 -12.30
N ASN A 73 3.38 -4.17 -11.63
CA ASN A 73 2.90 -2.81 -12.04
C ASN A 73 4.11 -1.88 -12.03
N PRO A 74 4.95 -1.96 -13.05
CA PRO A 74 6.18 -1.13 -13.17
C PRO A 74 5.92 0.38 -13.04
N ALA A 75 4.73 0.82 -13.35
CA ALA A 75 4.42 2.27 -13.26
C ALA A 75 4.76 2.79 -11.85
N LEU A 76 4.31 2.11 -10.83
CA LEU A 76 4.61 2.59 -9.46
C LEU A 76 6.10 2.39 -9.17
N GLN A 77 6.62 1.20 -9.36
CA GLN A 77 8.08 0.97 -9.08
C GLN A 77 8.88 2.16 -9.62
N ARG A 78 8.44 2.73 -10.70
CA ARG A 78 9.16 3.91 -11.23
C ARG A 78 9.14 4.99 -10.15
N ILE A 79 7.97 5.27 -9.62
CA ILE A 79 7.88 6.30 -8.54
C ILE A 79 8.15 5.62 -7.19
N ILE A 80 7.36 4.65 -6.84
CA ILE A 80 7.57 3.94 -5.53
C ILE A 80 8.82 3.07 -5.64
N PHE A 16 -1.59 -8.79 17.95
CA PHE A 16 -1.74 -7.86 16.79
C PHE A 16 -0.62 -6.82 16.85
N SER A 17 0.31 -6.98 17.74
CA SER A 17 1.42 -5.98 17.87
C SER A 17 2.66 -6.38 17.07
N PRO A 18 2.97 -7.64 16.99
CA PRO A 18 4.17 -8.12 16.26
C PRO A 18 3.91 -8.40 14.78
N GLU A 19 2.90 -9.18 14.47
CA GLU A 19 2.62 -9.50 13.04
C GLU A 19 1.67 -8.49 12.39
N THR A 20 0.52 -8.32 12.96
CA THR A 20 -0.49 -7.38 12.37
C THR A 20 0.05 -5.97 12.26
N MET A 21 0.68 -5.47 13.28
CA MET A 21 1.15 -4.06 13.21
C MET A 21 2.14 -3.89 12.06
N LYS A 22 3.09 -4.79 11.91
CA LYS A 22 4.05 -4.67 10.77
C LYS A 22 3.26 -4.37 9.50
N ALA A 23 2.12 -4.99 9.34
CA ALA A 23 1.30 -4.71 8.15
C ALA A 23 0.97 -3.21 8.17
N ARG A 24 0.65 -2.69 9.32
CA ARG A 24 0.33 -1.24 9.43
C ARG A 24 1.60 -0.43 9.19
N ARG A 25 2.68 -0.82 9.83
CA ARG A 25 3.95 -0.10 9.65
C ARG A 25 4.24 0.00 8.14
N ALA A 26 4.10 -1.09 7.44
CA ALA A 26 4.33 -1.04 5.97
C ALA A 26 3.29 -0.10 5.36
N TRP A 27 2.13 -0.02 5.96
CA TRP A 27 1.08 0.90 5.45
C TRP A 27 1.42 2.32 5.88
N THR A 28 2.32 2.47 6.81
CA THR A 28 2.70 3.84 7.28
C THR A 28 3.71 4.47 6.30
N ASP A 29 4.82 3.82 6.09
CA ASP A 29 5.86 4.39 5.17
C ASP A 29 5.23 4.66 3.80
N VAL A 30 4.45 3.75 3.30
CA VAL A 30 3.84 3.96 1.96
C VAL A 30 2.69 4.97 2.05
N ILE A 31 2.10 5.13 3.21
CA ILE A 31 0.97 6.10 3.33
C ILE A 31 1.45 7.50 2.90
N GLN A 32 2.56 7.93 3.44
CA GLN A 32 3.06 9.29 3.06
C GLN A 32 3.67 9.26 1.66
N THR A 33 4.21 8.15 1.25
CA THR A 33 4.83 8.05 -0.10
C THR A 33 3.75 7.78 -1.15
N LEU A 34 2.65 7.20 -0.79
CA LEU A 34 1.59 6.95 -1.82
C LEU A 34 1.27 8.28 -2.54
N ARG A 35 1.03 9.31 -1.78
CA ARG A 35 0.69 10.63 -2.39
C ARG A 35 1.89 11.25 -3.12
N GLU A 36 3.07 10.70 -3.01
CA GLU A 36 4.23 11.32 -3.72
C GLU A 36 3.91 11.41 -5.21
N HIS A 37 2.79 10.85 -5.62
CA HIS A 37 2.39 10.94 -7.07
C HIS A 37 0.92 11.38 -7.17
N LYS A 38 0.00 10.46 -7.30
CA LYS A 38 -1.44 10.85 -7.40
C LYS A 38 -2.30 9.69 -6.90
N CYS A 39 -2.28 9.47 -5.62
CA CYS A 39 -3.09 8.36 -5.06
C CYS A 39 -3.42 8.66 -3.61
N GLN A 40 -4.67 8.87 -3.35
CA GLN A 40 -5.12 9.16 -1.95
C GLN A 40 -4.95 7.86 -1.12
N PRO A 41 -4.10 7.84 -0.11
CA PRO A 41 -3.90 6.64 0.73
C PRO A 41 -4.89 6.57 1.90
N ARG A 42 -5.48 5.42 2.14
CA ARG A 42 -6.45 5.29 3.26
C ARG A 42 -6.25 3.92 3.93
N LEU A 43 -5.80 3.87 5.15
CA LEU A 43 -5.61 2.56 5.81
C LEU A 43 -6.96 2.05 6.32
N LEU A 44 -7.39 0.93 5.81
CA LEU A 44 -8.70 0.35 6.25
C LEU A 44 -8.41 -0.69 7.33
N TYR A 45 -9.31 -1.66 7.51
CA TYR A 45 -9.17 -2.76 8.54
C TYR A 45 -7.78 -2.73 9.23
N PRO A 46 -7.70 -3.00 10.53
CA PRO A 46 -6.42 -2.98 11.29
C PRO A 46 -5.17 -3.23 10.44
N ALA A 47 -5.30 -3.85 9.31
CA ALA A 47 -4.11 -4.06 8.44
C ALA A 47 -4.56 -4.20 6.98
N LYS A 48 -5.43 -3.33 6.51
CA LYS A 48 -5.88 -3.41 5.08
C LYS A 48 -5.71 -2.04 4.45
N LEU A 49 -4.86 -1.91 3.45
CA LEU A 49 -4.61 -0.57 2.83
C LEU A 49 -5.28 -0.47 1.45
N SER A 50 -6.00 0.61 1.23
CA SER A 50 -6.68 0.83 -0.09
C SER A 50 -5.98 1.98 -0.82
N ILE A 51 -5.52 1.75 -2.02
CA ILE A 51 -4.82 2.81 -2.80
C ILE A 51 -5.58 3.11 -4.09
N THR A 52 -5.49 4.32 -4.56
CA THR A 52 -6.20 4.72 -5.82
C THR A 52 -5.23 4.67 -6.99
N ILE A 53 -5.41 3.72 -7.88
CA ILE A 53 -4.52 3.61 -9.07
C ILE A 53 -5.22 4.26 -10.27
N ASP A 54 -4.78 5.42 -10.67
CA ASP A 54 -5.42 6.11 -11.82
C ASP A 54 -6.94 6.09 -11.66
N GLY A 55 -7.41 5.97 -10.45
CA GLY A 55 -8.90 5.96 -10.20
C GLY A 55 -9.32 4.55 -9.73
N GLU A 56 -8.94 3.54 -10.45
CA GLU A 56 -9.33 2.16 -10.06
C GLU A 56 -8.98 1.93 -8.58
N THR A 57 -9.90 1.41 -7.81
CA THR A 57 -9.61 1.16 -6.37
C THR A 57 -8.99 -0.23 -6.20
N LYS A 58 -7.89 -0.32 -5.50
CA LYS A 58 -7.22 -1.63 -5.28
C LYS A 58 -6.87 -1.71 -3.79
N VAL A 59 -6.81 -2.91 -3.23
CA VAL A 59 -6.51 -3.02 -1.77
C VAL A 59 -5.60 -4.22 -1.50
N PHE A 60 -4.84 -4.16 -0.43
CA PHE A 60 -3.91 -5.27 -0.08
C PHE A 60 -3.94 -5.50 1.43
N HIS A 61 -3.98 -6.75 1.84
CA HIS A 61 -4.03 -7.07 3.30
C HIS A 61 -2.62 -7.49 3.77
N ASP A 62 -1.94 -8.29 2.98
CA ASP A 62 -0.58 -8.76 3.38
C ASP A 62 0.48 -7.86 2.74
N LYS A 63 1.67 -7.84 3.30
CA LYS A 63 2.75 -6.98 2.73
C LYS A 63 3.28 -7.58 1.43
N THR A 64 3.35 -8.88 1.33
CA THR A 64 3.87 -9.49 0.07
C THR A 64 2.90 -9.18 -1.07
N LYS A 65 1.64 -9.46 -0.88
CA LYS A 65 0.66 -9.19 -1.96
C LYS A 65 0.87 -7.77 -2.50
N PHE A 66 1.11 -6.82 -1.63
CA PHE A 66 1.34 -5.43 -2.11
C PHE A 66 2.61 -5.40 -2.95
N THR A 67 3.74 -5.71 -2.35
CA THR A 67 5.02 -5.70 -3.12
C THR A 67 4.83 -6.40 -4.47
N GLN A 68 4.21 -7.55 -4.47
CA GLN A 68 3.99 -8.27 -5.76
C GLN A 68 3.36 -7.33 -6.76
N TYR A 69 2.36 -6.59 -6.36
CA TYR A 69 1.71 -5.63 -7.29
C TYR A 69 2.79 -4.81 -7.99
N LEU A 70 3.73 -4.32 -7.24
CA LEU A 70 4.85 -3.54 -7.84
C LEU A 70 5.74 -4.47 -8.66
N SER A 71 6.02 -5.64 -8.14
CA SER A 71 6.85 -6.60 -8.89
C SER A 71 6.23 -6.82 -10.27
N THR A 72 5.05 -6.28 -10.48
CA THR A 72 4.36 -6.43 -11.78
C THR A 72 3.71 -5.10 -12.18
N ASN A 73 4.08 -4.02 -11.52
CA ASN A 73 3.54 -2.68 -11.88
C ASN A 73 4.70 -1.68 -11.86
N PRO A 74 5.61 -1.82 -12.80
CA PRO A 74 6.82 -0.95 -12.93
C PRO A 74 6.52 0.53 -12.69
N ALA A 75 5.44 1.02 -13.22
CA ALA A 75 5.08 2.46 -13.03
C ALA A 75 5.36 2.91 -11.60
N LEU A 76 4.77 2.25 -10.65
CA LEU A 76 5.01 2.65 -9.23
C LEU A 76 6.41 2.17 -8.81
N GLN A 77 6.78 0.99 -9.21
CA GLN A 77 8.12 0.46 -8.82
C GLN A 77 9.21 1.54 -8.97
N ARG A 78 9.17 2.33 -10.01
CA ARG A 78 10.22 3.39 -10.15
C ARG A 78 9.90 4.55 -9.21
N ILE A 79 8.66 4.93 -9.06
CA ILE A 79 8.36 6.05 -8.11
C ILE A 79 8.42 5.51 -6.68
N ILE A 80 7.60 4.55 -6.37
CA ILE A 80 7.60 3.96 -5.01
C ILE A 80 8.83 3.04 -4.88
N PHE A 16 -1.61 -8.27 18.44
CA PHE A 16 -1.71 -7.43 17.21
C PHE A 16 -0.51 -6.47 17.17
N SER A 17 0.44 -6.69 18.02
CA SER A 17 1.64 -5.79 18.08
C SER A 17 2.78 -6.33 17.21
N PRO A 18 3.04 -7.61 17.26
CA PRO A 18 4.14 -8.21 16.48
C PRO A 18 3.77 -8.50 15.02
N GLU A 19 2.71 -9.20 14.77
CA GLU A 19 2.34 -9.53 13.35
C GLU A 19 1.43 -8.46 12.72
N THR A 20 0.31 -8.22 13.32
CA THR A 20 -0.68 -7.25 12.76
C THR A 20 -0.05 -5.87 12.57
N MET A 21 0.63 -5.35 13.55
CA MET A 21 1.19 -3.99 13.39
C MET A 21 2.13 -3.96 12.19
N LYS A 22 2.99 -4.92 12.04
CA LYS A 22 3.91 -4.93 10.86
C LYS A 22 3.10 -4.63 9.61
N ALA A 23 1.89 -5.13 9.54
CA ALA A 23 1.06 -4.82 8.36
C ALA A 23 0.78 -3.32 8.36
N ARG A 24 0.42 -2.78 9.49
CA ARG A 24 0.18 -1.31 9.56
C ARG A 24 1.48 -0.60 9.20
N ARG A 25 2.56 -1.05 9.78
CA ARG A 25 3.88 -0.42 9.49
C ARG A 25 4.09 -0.42 7.97
N ALA A 26 3.89 -1.54 7.34
CA ALA A 26 4.06 -1.60 5.86
C ALA A 26 3.10 -0.57 5.25
N TRP A 27 1.97 -0.38 5.89
CA TRP A 27 0.98 0.60 5.40
C TRP A 27 1.40 2.00 5.88
N THR A 28 2.29 2.07 6.83
CA THR A 28 2.75 3.40 7.32
C THR A 28 3.84 3.95 6.40
N ASP A 29 4.89 3.20 6.19
CA ASP A 29 6.00 3.68 5.32
C ASP A 29 5.45 4.04 3.94
N VAL A 30 4.61 3.22 3.39
CA VAL A 30 4.06 3.53 2.05
C VAL A 30 3.05 4.68 2.16
N ILE A 31 2.36 4.80 3.27
CA ILE A 31 1.36 5.89 3.42
C ILE A 31 2.04 7.23 3.06
N GLN A 32 3.26 7.44 3.48
CA GLN A 32 3.93 8.74 3.17
C GLN A 32 4.38 8.75 1.70
N THR A 33 4.77 7.62 1.17
CA THR A 33 5.23 7.61 -0.25
C THR A 33 4.03 7.76 -1.19
N LEU A 34 2.99 7.02 -0.97
CA LEU A 34 1.79 7.12 -1.88
C LEU A 34 1.47 8.60 -2.16
N ARG A 35 1.16 9.34 -1.13
CA ARG A 35 0.81 10.78 -1.33
C ARG A 35 1.84 11.48 -2.21
N GLU A 36 2.92 10.83 -2.55
CA GLU A 36 3.96 11.51 -3.39
C GLU A 36 3.38 11.85 -4.76
N HIS A 37 2.56 10.99 -5.33
CA HIS A 37 1.98 11.28 -6.68
C HIS A 37 0.45 11.08 -6.69
N LYS A 38 -0.10 10.69 -7.82
CA LYS A 38 -1.59 10.52 -7.92
C LYS A 38 -2.08 9.23 -7.25
N CYS A 39 -2.05 9.17 -5.96
CA CYS A 39 -2.57 7.95 -5.27
C CYS A 39 -2.92 8.29 -3.82
N GLN A 40 -4.19 8.45 -3.55
CA GLN A 40 -4.63 8.78 -2.17
C GLN A 40 -4.49 7.55 -1.25
N PRO A 41 -3.65 7.58 -0.23
CA PRO A 41 -3.48 6.42 0.69
C PRO A 41 -4.50 6.43 1.84
N ARG A 42 -5.06 5.29 2.14
CA ARG A 42 -6.05 5.20 3.24
C ARG A 42 -5.90 3.85 3.94
N LEU A 43 -5.58 3.83 5.21
CA LEU A 43 -5.44 2.54 5.92
C LEU A 43 -6.82 2.16 6.47
N LEU A 44 -7.34 1.06 5.98
CA LEU A 44 -8.69 0.60 6.45
C LEU A 44 -8.47 -0.47 7.52
N TYR A 45 -9.38 -1.42 7.64
CA TYR A 45 -9.27 -2.55 8.66
C TYR A 45 -7.90 -2.56 9.35
N PRO A 46 -7.82 -2.84 10.64
CA PRO A 46 -6.54 -2.85 11.40
C PRO A 46 -5.30 -3.16 10.54
N ALA A 47 -5.47 -3.75 9.39
CA ALA A 47 -4.30 -4.01 8.52
C ALA A 47 -4.73 -4.07 7.05
N LYS A 48 -5.64 -3.22 6.61
CA LYS A 48 -6.06 -3.25 5.16
C LYS A 48 -5.69 -1.91 4.51
N LEU A 49 -4.93 -1.95 3.44
CA LEU A 49 -4.47 -0.68 2.77
C LEU A 49 -5.12 -0.53 1.39
N SER A 50 -5.87 0.53 1.20
CA SER A 50 -6.53 0.80 -0.13
C SER A 50 -5.84 2.00 -0.78
N ILE A 51 -5.65 1.94 -2.08
CA ILE A 51 -4.98 3.07 -2.80
C ILE A 51 -5.62 3.26 -4.17
N THR A 52 -5.58 4.47 -4.67
CA THR A 52 -6.19 4.77 -6.00
C THR A 52 -5.08 4.85 -7.07
N ILE A 53 -5.29 4.24 -8.22
CA ILE A 53 -4.27 4.29 -9.31
C ILE A 53 -5.00 4.55 -10.63
N ASP A 54 -4.57 5.53 -11.37
CA ASP A 54 -5.22 5.85 -12.67
C ASP A 54 -6.74 5.79 -12.53
N GLY A 55 -7.23 5.96 -11.34
CA GLY A 55 -8.72 5.92 -11.13
C GLY A 55 -9.18 4.47 -10.95
N GLU A 56 -8.43 3.67 -10.24
CA GLU A 56 -8.83 2.24 -10.01
C GLU A 56 -8.69 1.92 -8.52
N THR A 57 -9.70 1.34 -7.95
CA THR A 57 -9.66 1.00 -6.50
C THR A 57 -9.09 -0.40 -6.29
N LYS A 58 -7.99 -0.50 -5.59
CA LYS A 58 -7.37 -1.84 -5.32
C LYS A 58 -6.97 -1.86 -3.83
N VAL A 59 -6.89 -3.03 -3.23
CA VAL A 59 -6.52 -3.08 -1.78
C VAL A 59 -5.62 -4.30 -1.51
N PHE A 60 -4.89 -4.25 -0.42
CA PHE A 60 -3.97 -5.37 -0.07
C PHE A 60 -4.00 -5.61 1.44
N HIS A 61 -4.02 -6.85 1.85
CA HIS A 61 -4.05 -7.16 3.32
C HIS A 61 -2.65 -7.59 3.79
N ASP A 62 -1.86 -8.16 2.91
CA ASP A 62 -0.46 -8.59 3.30
C ASP A 62 0.56 -7.73 2.55
N LYS A 63 1.58 -7.29 3.22
CA LYS A 63 2.62 -6.47 2.55
C LYS A 63 3.15 -7.21 1.32
N THR A 64 3.02 -8.51 1.30
CA THR A 64 3.52 -9.29 0.14
C THR A 64 2.68 -8.96 -1.10
N LYS A 65 1.39 -9.13 -1.02
CA LYS A 65 0.53 -8.81 -2.19
C LYS A 65 0.88 -7.41 -2.69
N PHE A 66 1.05 -6.48 -1.80
CA PHE A 66 1.41 -5.10 -2.23
C PHE A 66 2.76 -5.14 -2.94
N THR A 67 3.80 -5.51 -2.24
CA THR A 67 5.14 -5.57 -2.89
C THR A 67 5.03 -6.30 -4.23
N GLN A 68 4.52 -7.49 -4.23
CA GLN A 68 4.38 -8.26 -5.50
C GLN A 68 3.55 -7.45 -6.49
N TYR A 69 2.49 -6.85 -6.05
CA TYR A 69 1.66 -6.04 -6.99
C TYR A 69 2.54 -5.00 -7.67
N LEU A 70 3.59 -4.56 -7.03
CA LEU A 70 4.49 -3.57 -7.68
C LEU A 70 5.51 -4.30 -8.56
N SER A 71 6.10 -5.35 -8.05
CA SER A 71 7.10 -6.09 -8.87
C SER A 71 6.47 -6.39 -10.24
N THR A 72 5.16 -6.44 -10.28
CA THR A 72 4.45 -6.71 -11.56
C THR A 72 3.87 -5.40 -12.11
N ASN A 73 4.15 -4.29 -11.47
CA ASN A 73 3.63 -2.97 -11.96
C ASN A 73 4.76 -1.94 -11.88
N PRO A 74 5.70 -2.02 -12.79
CA PRO A 74 6.87 -1.09 -12.83
C PRO A 74 6.44 0.38 -12.89
N ALA A 75 5.19 0.63 -13.19
CA ALA A 75 4.71 2.04 -13.25
C ALA A 75 4.86 2.68 -11.87
N LEU A 76 4.28 2.09 -10.86
CA LEU A 76 4.40 2.68 -9.50
C LEU A 76 5.82 2.42 -9.01
N GLN A 77 6.31 1.21 -9.15
CA GLN A 77 7.68 0.86 -8.69
C GLN A 77 8.65 1.98 -9.10
N ARG A 78 8.43 2.59 -10.24
CA ARG A 78 9.33 3.67 -10.70
C ARG A 78 9.08 4.94 -9.86
N ILE A 79 7.84 5.23 -9.56
CA ILE A 79 7.55 6.46 -8.77
C ILE A 79 7.82 6.21 -7.28
N ILE A 80 7.17 5.24 -6.69
CA ILE A 80 7.39 4.96 -5.25
C ILE A 80 8.86 4.57 -5.03
N PHE A 16 -2.04 -8.97 17.64
CA PHE A 16 -2.10 -7.92 16.59
C PHE A 16 -0.87 -7.02 16.70
N SER A 17 0.11 -7.46 17.43
CA SER A 17 1.35 -6.63 17.62
C SER A 17 2.42 -7.00 16.59
N PRO A 18 2.67 -8.27 16.40
CA PRO A 18 3.72 -8.75 15.45
C PRO A 18 3.18 -8.94 14.02
N GLU A 19 2.02 -9.52 13.87
CA GLU A 19 1.48 -9.75 12.50
C GLU A 19 0.67 -8.54 12.00
N THR A 20 -0.28 -8.10 12.77
CA THR A 20 -1.15 -6.98 12.34
C THR A 20 -0.43 -5.64 12.35
N MET A 21 0.23 -5.32 13.42
CA MET A 21 0.89 -3.99 13.47
C MET A 21 1.95 -3.89 12.38
N LYS A 22 2.76 -4.88 12.19
CA LYS A 22 3.78 -4.81 11.11
C LYS A 22 3.08 -4.42 9.81
N ALA A 23 1.96 -5.00 9.53
CA ALA A 23 1.24 -4.59 8.29
C ALA A 23 0.85 -3.13 8.47
N ARG A 24 0.55 -2.74 9.68
CA ARG A 24 0.19 -1.32 9.97
C ARG A 24 1.45 -0.45 9.81
N ARG A 25 2.59 -1.00 10.11
CA ARG A 25 3.86 -0.23 9.96
C ARG A 25 4.17 -0.08 8.48
N ALA A 26 4.17 -1.18 7.76
CA ALA A 26 4.44 -1.10 6.29
C ALA A 26 3.39 -0.19 5.65
N TRP A 27 2.27 -0.06 6.30
CA TRP A 27 1.18 0.81 5.78
C TRP A 27 1.50 2.25 6.15
N THR A 28 2.40 2.45 7.06
CA THR A 28 2.79 3.85 7.45
C THR A 28 3.84 4.38 6.46
N ASP A 29 4.92 3.67 6.29
CA ASP A 29 5.99 4.12 5.36
C ASP A 29 5.39 4.41 3.98
N VAL A 30 4.54 3.56 3.50
CA VAL A 30 3.94 3.79 2.16
C VAL A 30 2.92 4.92 2.24
N ILE A 31 2.21 5.03 3.34
CA ILE A 31 1.19 6.13 3.45
C ILE A 31 1.82 7.47 3.01
N GLN A 32 3.02 7.74 3.42
CA GLN A 32 3.66 9.04 3.00
C GLN A 32 4.16 8.92 1.57
N THR A 33 4.68 7.78 1.18
CA THR A 33 5.19 7.63 -0.21
C THR A 33 4.05 7.78 -1.21
N LEU A 34 3.02 6.99 -1.09
CA LEU A 34 1.88 7.07 -2.04
C LEU A 34 1.50 8.56 -2.22
N ARG A 35 1.41 9.28 -1.16
CA ARG A 35 1.04 10.73 -1.25
C ARG A 35 2.05 11.47 -2.12
N GLU A 36 3.09 10.81 -2.57
CA GLU A 36 4.11 11.52 -3.40
C GLU A 36 3.65 11.58 -4.87
N HIS A 37 2.61 10.85 -5.22
CA HIS A 37 2.11 10.92 -6.64
C HIS A 37 0.59 11.11 -6.66
N LYS A 38 -0.09 10.66 -7.68
CA LYS A 38 -1.57 10.85 -7.77
C LYS A 38 -2.30 9.62 -7.22
N CYS A 39 -2.30 9.45 -5.93
CA CYS A 39 -3.01 8.30 -5.32
C CYS A 39 -3.21 8.58 -3.84
N GLN A 40 -4.42 8.86 -3.48
CA GLN A 40 -4.71 9.15 -2.04
C GLN A 40 -4.62 7.85 -1.22
N PRO A 41 -3.69 7.72 -0.29
CA PRO A 41 -3.56 6.48 0.54
C PRO A 41 -4.48 6.50 1.76
N ARG A 42 -5.04 5.37 2.10
CA ARG A 42 -5.95 5.30 3.28
C ARG A 42 -5.81 3.91 3.93
N LEU A 43 -5.52 3.84 5.20
CA LEU A 43 -5.38 2.51 5.86
C LEU A 43 -6.76 2.01 6.28
N LEU A 44 -7.16 0.91 5.74
CA LEU A 44 -8.50 0.32 6.06
C LEU A 44 -8.31 -0.70 7.19
N TYR A 45 -9.20 -1.69 7.31
CA TYR A 45 -9.12 -2.77 8.38
C TYR A 45 -7.74 -2.75 9.09
N PRO A 46 -7.68 -3.05 10.38
CA PRO A 46 -6.41 -3.07 11.16
C PRO A 46 -5.14 -3.26 10.31
N ALA A 47 -5.26 -3.88 9.16
CA ALA A 47 -4.05 -4.07 8.31
C ALA A 47 -4.44 -4.08 6.81
N LYS A 48 -5.44 -3.32 6.41
CA LYS A 48 -5.84 -3.29 4.96
C LYS A 48 -5.49 -1.92 4.39
N LEU A 49 -4.66 -1.87 3.37
CA LEU A 49 -4.25 -0.56 2.77
C LEU A 49 -4.82 -0.42 1.36
N SER A 50 -5.65 0.58 1.15
CA SER A 50 -6.24 0.79 -0.22
C SER A 50 -5.49 1.91 -0.93
N ILE A 51 -5.48 1.87 -2.23
CA ILE A 51 -4.77 2.92 -3.02
C ILE A 51 -5.57 3.23 -4.30
N THR A 52 -5.51 4.46 -4.76
CA THR A 52 -6.24 4.86 -5.99
C THR A 52 -5.28 4.80 -7.19
N ILE A 53 -5.51 3.90 -8.09
CA ILE A 53 -4.61 3.78 -9.30
C ILE A 53 -5.29 4.42 -10.50
N ASP A 54 -5.17 5.72 -10.61
CA ASP A 54 -5.79 6.45 -11.76
C ASP A 54 -7.16 5.87 -12.12
N GLY A 55 -7.85 5.28 -11.18
CA GLY A 55 -9.19 4.72 -11.51
C GLY A 55 -9.63 3.71 -10.46
N GLU A 56 -9.80 2.48 -10.85
CA GLU A 56 -10.26 1.44 -9.90
C GLU A 56 -9.24 1.25 -8.77
N THR A 57 -9.69 1.38 -7.57
CA THR A 57 -8.80 1.21 -6.38
C THR A 57 -8.72 -0.26 -5.99
N LYS A 58 -7.62 -0.68 -5.41
CA LYS A 58 -7.47 -2.10 -4.97
C LYS A 58 -6.99 -2.08 -3.51
N VAL A 59 -6.87 -3.22 -2.87
CA VAL A 59 -6.42 -3.23 -1.45
C VAL A 59 -5.56 -4.45 -1.18
N PHE A 60 -4.78 -4.40 -0.12
CA PHE A 60 -3.89 -5.56 0.23
C PHE A 60 -3.95 -5.81 1.74
N HIS A 61 -3.89 -7.05 2.15
CA HIS A 61 -3.95 -7.37 3.62
C HIS A 61 -2.52 -7.55 4.17
N ASP A 62 -1.69 -8.29 3.47
CA ASP A 62 -0.29 -8.52 3.94
C ASP A 62 0.64 -7.50 3.27
N LYS A 63 1.84 -7.34 3.78
CA LYS A 63 2.78 -6.36 3.17
C LYS A 63 3.41 -6.93 1.89
N THR A 64 3.59 -8.22 1.82
CA THR A 64 4.22 -8.81 0.60
C THR A 64 3.32 -8.59 -0.61
N LYS A 65 2.07 -8.93 -0.51
CA LYS A 65 1.16 -8.74 -1.66
C LYS A 65 1.34 -7.33 -2.24
N PHE A 66 1.54 -6.34 -1.41
CA PHE A 66 1.72 -4.97 -1.92
C PHE A 66 3.01 -4.89 -2.76
N THR A 67 4.14 -5.16 -2.18
CA THR A 67 5.41 -5.08 -2.97
C THR A 67 5.24 -5.85 -4.27
N GLN A 68 4.56 -6.95 -4.24
CA GLN A 68 4.36 -7.74 -5.48
C GLN A 68 3.40 -6.98 -6.39
N TYR A 69 2.41 -6.33 -5.84
CA TYR A 69 1.47 -5.55 -6.70
C TYR A 69 2.29 -4.59 -7.57
N LEU A 70 3.37 -4.08 -7.04
CA LEU A 70 4.22 -3.15 -7.84
C LEU A 70 5.19 -3.95 -8.71
N SER A 71 5.82 -4.95 -8.16
CA SER A 71 6.77 -5.76 -8.98
C SER A 71 6.11 -6.12 -10.30
N THR A 72 4.80 -6.21 -10.32
CA THR A 72 4.08 -6.55 -11.58
C THR A 72 3.60 -5.27 -12.25
N ASN A 73 3.75 -4.14 -11.59
CA ASN A 73 3.33 -2.83 -12.18
C ASN A 73 4.52 -1.86 -12.11
N PRO A 74 5.47 -2.00 -13.00
CA PRO A 74 6.68 -1.14 -13.03
C PRO A 74 6.33 0.35 -12.91
N ALA A 75 5.20 0.75 -13.44
CA ALA A 75 4.78 2.18 -13.37
C ALA A 75 5.05 2.73 -11.96
N LEU A 76 4.47 2.13 -10.96
CA LEU A 76 4.71 2.62 -9.58
C LEU A 76 6.13 2.25 -9.17
N GLN A 77 6.48 0.99 -9.28
CA GLN A 77 7.86 0.56 -8.89
C GLN A 77 8.86 1.56 -9.49
N ARG A 78 8.53 2.18 -10.59
CA ARG A 78 9.43 3.17 -11.19
C ARG A 78 9.59 4.32 -10.20
N ILE A 79 8.49 4.97 -9.88
CA ILE A 79 8.56 6.08 -8.90
C ILE A 79 8.66 5.49 -7.49
N ILE A 80 7.69 4.71 -7.12
CA ILE A 80 7.69 4.07 -5.78
C ILE A 80 8.92 3.16 -5.67
N PHE A 16 -1.54 -8.79 18.12
CA PHE A 16 -1.70 -7.85 16.98
C PHE A 16 -0.60 -6.79 17.05
N SER A 17 0.39 -7.04 17.86
CA SER A 17 1.50 -6.05 18.01
C SER A 17 2.66 -6.37 17.08
N PRO A 18 3.03 -7.62 16.96
CA PRO A 18 4.16 -8.04 16.11
C PRO A 18 3.76 -8.36 14.66
N GLU A 19 2.72 -9.12 14.47
CA GLU A 19 2.32 -9.47 13.07
C GLU A 19 1.35 -8.44 12.48
N THR A 20 0.26 -8.21 13.14
CA THR A 20 -0.76 -7.24 12.61
C THR A 20 -0.20 -5.82 12.54
N MET A 21 0.34 -5.32 13.61
CA MET A 21 0.84 -3.93 13.59
C MET A 21 1.94 -3.79 12.53
N LYS A 22 2.80 -4.77 12.41
CA LYS A 22 3.87 -4.69 11.37
C LYS A 22 3.21 -4.37 10.03
N ALA A 23 2.05 -4.88 9.80
CA ALA A 23 1.36 -4.57 8.51
C ALA A 23 1.03 -3.08 8.48
N ARG A 24 0.46 -2.58 9.55
CA ARG A 24 0.13 -1.13 9.60
C ARG A 24 1.43 -0.32 9.52
N ARG A 25 2.35 -0.59 10.41
CA ARG A 25 3.65 0.13 10.38
C ARG A 25 4.17 0.09 8.93
N ALA A 26 4.00 -1.01 8.26
CA ALA A 26 4.45 -1.09 6.85
C ALA A 26 3.57 -0.12 6.04
N TRP A 27 2.31 -0.04 6.39
CA TRP A 27 1.40 0.89 5.67
C TRP A 27 1.77 2.33 6.00
N THR A 28 2.54 2.53 7.04
CA THR A 28 2.95 3.91 7.40
C THR A 28 4.00 4.40 6.40
N ASP A 29 4.97 3.56 6.11
CA ASP A 29 6.04 3.95 5.16
C ASP A 29 5.45 4.28 3.78
N VAL A 30 4.58 3.45 3.28
CA VAL A 30 3.99 3.74 1.95
C VAL A 30 2.95 4.85 2.07
N ILE A 31 2.38 5.04 3.23
CA ILE A 31 1.36 6.13 3.37
C ILE A 31 2.02 7.46 2.99
N GLN A 32 3.24 7.68 3.39
CA GLN A 32 3.91 8.96 3.02
C GLN A 32 4.36 8.89 1.56
N THR A 33 4.71 7.73 1.08
CA THR A 33 5.15 7.60 -0.34
C THR A 33 3.96 7.84 -1.26
N LEU A 34 2.89 7.12 -1.04
CA LEU A 34 1.67 7.30 -1.90
C LEU A 34 1.40 8.80 -2.04
N ARG A 35 1.54 9.54 -0.97
CA ARG A 35 1.30 11.00 -1.03
C ARG A 35 2.25 11.62 -2.06
N GLU A 36 3.36 10.98 -2.32
CA GLU A 36 4.31 11.53 -3.31
C GLU A 36 3.74 11.29 -4.72
N HIS A 37 2.52 10.81 -4.79
CA HIS A 37 1.88 10.54 -6.11
C HIS A 37 0.47 11.17 -6.13
N LYS A 38 -0.43 10.61 -6.90
CA LYS A 38 -1.82 11.14 -6.98
C LYS A 38 -2.76 10.07 -6.41
N CYS A 39 -2.21 8.94 -6.08
CA CYS A 39 -3.03 7.85 -5.50
C CYS A 39 -3.15 8.09 -4.01
N GLN A 40 -4.31 8.48 -3.55
CA GLN A 40 -4.47 8.77 -2.11
C GLN A 40 -4.41 7.46 -1.28
N PRO A 41 -3.61 7.40 -0.23
CA PRO A 41 -3.52 6.18 0.62
C PRO A 41 -4.63 6.14 1.67
N ARG A 42 -5.22 4.99 1.90
CA ARG A 42 -6.31 4.88 2.92
C ARG A 42 -6.15 3.54 3.65
N LEU A 43 -5.93 3.58 4.94
CA LEU A 43 -5.77 2.32 5.71
C LEU A 43 -7.15 1.87 6.19
N LEU A 44 -7.53 0.70 5.81
CA LEU A 44 -8.87 0.15 6.21
C LEU A 44 -8.63 -0.94 7.25
N TYR A 45 -9.52 -1.92 7.32
CA TYR A 45 -9.41 -3.07 8.30
C TYR A 45 -8.06 -3.05 9.03
N PRO A 46 -8.01 -3.40 10.31
CA PRO A 46 -6.77 -3.39 11.13
C PRO A 46 -5.46 -3.42 10.32
N ALA A 47 -5.47 -3.92 9.12
CA ALA A 47 -4.21 -3.91 8.32
C ALA A 47 -4.50 -4.03 6.82
N LYS A 48 -5.33 -3.18 6.23
CA LYS A 48 -5.57 -3.25 4.74
C LYS A 48 -5.12 -1.92 4.12
N LEU A 49 -4.39 -1.98 3.03
CA LEU A 49 -3.86 -0.74 2.37
C LEU A 49 -4.55 -0.56 1.01
N SER A 50 -5.38 0.45 0.89
CA SER A 50 -6.10 0.72 -0.39
C SER A 50 -5.48 1.95 -1.06
N ILE A 51 -5.46 1.96 -2.38
CA ILE A 51 -4.87 3.12 -3.11
C ILE A 51 -5.65 3.38 -4.42
N THR A 52 -5.65 4.61 -4.86
CA THR A 52 -6.40 4.97 -6.11
C THR A 52 -5.43 4.96 -7.32
N ILE A 53 -5.59 4.03 -8.22
CA ILE A 53 -4.70 3.99 -9.42
C ILE A 53 -5.43 4.63 -10.61
N ASP A 54 -5.16 5.88 -10.87
CA ASP A 54 -5.83 6.57 -12.02
C ASP A 54 -7.32 6.24 -12.05
N GLY A 55 -7.88 5.89 -10.92
CA GLY A 55 -9.35 5.55 -10.86
C GLY A 55 -9.55 4.11 -10.40
N GLU A 56 -8.80 3.18 -10.92
CA GLU A 56 -8.98 1.76 -10.51
C GLU A 56 -8.59 1.60 -9.03
N THR A 57 -9.51 1.17 -8.22
CA THR A 57 -9.23 0.99 -6.76
C THR A 57 -8.74 -0.44 -6.50
N LYS A 58 -7.64 -0.60 -5.80
CA LYS A 58 -7.13 -1.97 -5.48
C LYS A 58 -6.70 -1.99 -4.01
N VAL A 59 -6.82 -3.11 -3.36
CA VAL A 59 -6.42 -3.18 -1.90
C VAL A 59 -5.73 -4.50 -1.62
N PHE A 60 -4.91 -4.54 -0.59
CA PHE A 60 -4.18 -5.80 -0.25
C PHE A 60 -4.11 -5.96 1.28
N HIS A 61 -3.85 -7.17 1.76
CA HIS A 61 -3.82 -7.40 3.25
C HIS A 61 -2.37 -7.56 3.77
N ASP A 62 -1.51 -8.28 3.06
CA ASP A 62 -0.11 -8.50 3.57
C ASP A 62 0.89 -7.58 2.85
N LYS A 63 2.00 -7.29 3.50
CA LYS A 63 3.04 -6.42 2.88
C LYS A 63 3.52 -7.04 1.57
N THR A 64 3.66 -8.33 1.52
CA THR A 64 4.10 -8.97 0.26
C THR A 64 3.02 -8.76 -0.79
N LYS A 65 1.81 -9.05 -0.44
CA LYS A 65 0.68 -8.88 -1.38
C LYS A 65 0.78 -7.49 -2.03
N PHE A 66 0.98 -6.46 -1.25
CA PHE A 66 1.12 -5.09 -1.84
C PHE A 66 2.35 -5.08 -2.75
N THR A 67 3.51 -5.35 -2.20
CA THR A 67 4.76 -5.36 -3.03
C THR A 67 4.48 -6.07 -4.35
N GLN A 68 3.95 -7.25 -4.30
CA GLN A 68 3.65 -8.01 -5.54
C GLN A 68 2.92 -7.11 -6.53
N TYR A 69 1.88 -6.45 -6.09
CA TYR A 69 1.13 -5.54 -7.03
C TYR A 69 2.12 -4.69 -7.81
N LEU A 70 3.12 -4.18 -7.15
CA LEU A 70 4.14 -3.36 -7.87
C LEU A 70 5.03 -4.27 -8.70
N SER A 71 5.49 -5.36 -8.14
CA SER A 71 6.36 -6.28 -8.91
C SER A 71 5.72 -6.56 -10.26
N THR A 72 4.42 -6.45 -10.34
CA THR A 72 3.70 -6.68 -11.63
C THR A 72 3.30 -5.34 -12.25
N ASN A 73 3.70 -4.24 -11.64
CA ASN A 73 3.34 -2.89 -12.20
C ASN A 73 4.57 -1.98 -12.05
N PRO A 74 5.57 -2.22 -12.87
CA PRO A 74 6.84 -1.44 -12.83
C PRO A 74 6.63 0.08 -12.84
N ALA A 75 5.56 0.56 -13.43
CA ALA A 75 5.32 2.03 -13.45
C ALA A 75 5.47 2.61 -12.05
N LEU A 76 4.83 2.00 -11.08
CA LEU A 76 4.94 2.53 -9.69
C LEU A 76 6.38 2.31 -9.21
N GLN A 77 6.90 1.12 -9.36
CA GLN A 77 8.29 0.86 -8.91
C GLN A 77 9.20 2.00 -9.37
N ARG A 78 8.95 2.55 -10.53
CA ARG A 78 9.78 3.66 -11.02
C ARG A 78 9.69 4.81 -10.01
N ILE A 79 8.49 5.21 -9.64
CA ILE A 79 8.37 6.31 -8.65
C ILE A 79 8.43 5.71 -7.24
N ILE A 80 7.53 4.83 -6.93
CA ILE A 80 7.53 4.19 -5.59
C ILE A 80 8.76 3.29 -5.46
N PHE A 16 -1.69 -9.20 17.50
CA PHE A 16 -1.81 -8.22 16.39
C PHE A 16 -0.69 -7.18 16.52
N SER A 17 0.32 -7.50 17.28
CA SER A 17 1.45 -6.54 17.49
C SER A 17 2.57 -6.80 16.48
N PRO A 18 2.95 -8.03 16.29
CA PRO A 18 4.06 -8.39 15.36
C PRO A 18 3.59 -8.64 13.92
N GLU A 19 2.50 -9.34 13.75
CA GLU A 19 2.02 -9.63 12.36
C GLU A 19 1.09 -8.54 11.83
N THR A 20 0.08 -8.21 12.58
CA THR A 20 -0.91 -7.19 12.11
C THR A 20 -0.33 -5.78 12.12
N MET A 21 0.24 -5.38 13.21
CA MET A 21 0.78 -3.99 13.29
C MET A 21 1.86 -3.79 12.22
N LYS A 22 2.78 -4.71 12.09
CA LYS A 22 3.83 -4.53 11.05
C LYS A 22 3.15 -4.31 9.71
N ALA A 23 2.04 -4.95 9.46
CA ALA A 23 1.34 -4.69 8.17
C ALA A 23 0.81 -3.26 8.24
N ARG A 24 0.40 -2.87 9.42
CA ARG A 24 -0.11 -1.49 9.63
C ARG A 24 1.09 -0.53 9.54
N ARG A 25 2.25 -1.01 9.88
CA ARG A 25 3.47 -0.16 9.81
C ARG A 25 3.89 -0.08 8.34
N ALA A 26 3.89 -1.19 7.66
CA ALA A 26 4.25 -1.19 6.23
C ALA A 26 3.28 -0.25 5.53
N TRP A 27 2.13 -0.05 6.12
CA TRP A 27 1.12 0.86 5.54
C TRP A 27 1.46 2.29 5.93
N THR A 28 2.29 2.45 6.94
CA THR A 28 2.67 3.83 7.37
C THR A 28 3.77 4.38 6.45
N ASP A 29 4.85 3.66 6.34
CA ASP A 29 5.98 4.13 5.48
C ASP A 29 5.48 4.39 4.06
N VAL A 30 4.70 3.51 3.51
CA VAL A 30 4.20 3.73 2.13
C VAL A 30 3.15 4.85 2.13
N ILE A 31 2.44 5.02 3.22
CA ILE A 31 1.41 6.10 3.25
C ILE A 31 2.07 7.43 2.85
N GLN A 32 3.26 7.70 3.31
CA GLN A 32 3.91 8.99 2.94
C GLN A 32 4.38 8.91 1.48
N THR A 33 4.75 7.74 1.02
CA THR A 33 5.20 7.61 -0.39
C THR A 33 3.99 7.70 -1.33
N LEU A 34 2.93 6.99 -1.03
CA LEU A 34 1.73 7.03 -1.92
C LEU A 34 1.38 8.49 -2.23
N ARG A 35 0.99 9.24 -1.23
CA ARG A 35 0.59 10.66 -1.44
C ARG A 35 1.69 11.44 -2.18
N GLU A 36 2.81 10.84 -2.45
CA GLU A 36 3.89 11.59 -3.16
C GLU A 36 3.52 11.78 -4.64
N HIS A 37 2.67 10.92 -5.17
CA HIS A 37 2.27 11.05 -6.61
C HIS A 37 0.73 10.94 -6.74
N LYS A 38 0.25 10.41 -7.83
CA LYS A 38 -1.23 10.32 -8.04
C LYS A 38 -1.82 9.08 -7.36
N CYS A 39 -1.84 9.05 -6.05
CA CYS A 39 -2.44 7.88 -5.34
C CYS A 39 -2.80 8.29 -3.90
N GLN A 40 -4.06 8.54 -3.67
CA GLN A 40 -4.50 8.94 -2.30
C GLN A 40 -4.51 7.69 -1.38
N PRO A 41 -3.67 7.63 -0.36
CA PRO A 41 -3.63 6.45 0.56
C PRO A 41 -4.61 6.53 1.73
N ARG A 42 -5.14 5.40 2.14
CA ARG A 42 -6.10 5.39 3.27
C ARG A 42 -6.01 4.03 4.00
N LEU A 43 -5.61 4.00 5.24
CA LEU A 43 -5.50 2.70 5.94
C LEU A 43 -6.89 2.22 6.38
N LEU A 44 -7.26 1.04 5.98
CA LEU A 44 -8.59 0.46 6.36
C LEU A 44 -8.33 -0.59 7.44
N TYR A 45 -9.25 -1.51 7.66
CA TYR A 45 -9.11 -2.61 8.71
C TYR A 45 -7.70 -2.60 9.37
N PRO A 46 -7.58 -2.89 10.65
CA PRO A 46 -6.28 -2.89 11.38
C PRO A 46 -5.04 -3.06 10.50
N ALA A 47 -5.14 -3.70 9.37
CA ALA A 47 -3.95 -3.85 8.49
C ALA A 47 -4.35 -3.93 7.01
N LYS A 48 -5.44 -3.33 6.61
CA LYS A 48 -5.84 -3.36 5.15
C LYS A 48 -5.64 -1.96 4.58
N LEU A 49 -4.80 -1.84 3.58
CA LEU A 49 -4.51 -0.49 2.99
C LEU A 49 -5.15 -0.37 1.60
N SER A 50 -5.83 0.71 1.35
CA SER A 50 -6.45 0.95 0.02
C SER A 50 -5.64 1.99 -0.73
N ILE A 51 -5.41 1.78 -1.99
CA ILE A 51 -4.60 2.75 -2.81
C ILE A 51 -5.32 3.01 -4.13
N THR A 52 -5.41 4.26 -4.52
CA THR A 52 -6.12 4.61 -5.79
C THR A 52 -5.10 4.79 -6.94
N ILE A 53 -5.40 4.26 -8.09
CA ILE A 53 -4.49 4.42 -9.27
C ILE A 53 -5.33 4.72 -10.52
N ASP A 54 -5.12 5.88 -11.11
CA ASP A 54 -5.91 6.24 -12.33
C ASP A 54 -7.38 5.89 -12.13
N GLY A 55 -7.81 5.81 -10.89
CA GLY A 55 -9.23 5.48 -10.60
C GLY A 55 -9.35 4.00 -10.19
N GLU A 56 -8.44 3.16 -10.60
CA GLU A 56 -8.54 1.72 -10.22
C GLU A 56 -8.40 1.59 -8.70
N THR A 57 -9.42 1.11 -8.06
CA THR A 57 -9.40 0.93 -6.58
C THR A 57 -8.90 -0.47 -6.23
N LYS A 58 -7.82 -0.57 -5.48
CA LYS A 58 -7.30 -1.91 -5.08
C LYS A 58 -6.92 -1.85 -3.59
N VAL A 59 -6.83 -2.99 -2.95
CA VAL A 59 -6.47 -3.00 -1.51
C VAL A 59 -5.57 -4.19 -1.21
N PHE A 60 -4.81 -4.15 -0.14
CA PHE A 60 -3.89 -5.27 0.18
C PHE A 60 -3.88 -5.54 1.69
N HIS A 61 -3.86 -6.79 2.07
CA HIS A 61 -3.87 -7.15 3.52
C HIS A 61 -2.43 -7.43 3.99
N ASP A 62 -1.70 -8.25 3.28
CA ASP A 62 -0.30 -8.57 3.69
C ASP A 62 0.69 -7.65 2.94
N LYS A 63 1.84 -7.44 3.50
CA LYS A 63 2.84 -6.56 2.82
C LYS A 63 3.34 -7.26 1.55
N THR A 64 3.33 -8.57 1.54
CA THR A 64 3.79 -9.30 0.32
C THR A 64 2.79 -9.05 -0.81
N LYS A 65 1.52 -9.16 -0.52
CA LYS A 65 0.49 -8.93 -1.56
C LYS A 65 0.77 -7.58 -2.23
N PHE A 66 1.01 -6.56 -1.45
CA PHE A 66 1.30 -5.22 -2.01
C PHE A 66 2.61 -5.26 -2.82
N THR A 67 3.71 -5.62 -2.20
CA THR A 67 5.00 -5.68 -2.93
C THR A 67 4.80 -6.40 -4.26
N GLN A 68 4.28 -7.60 -4.23
CA GLN A 68 4.06 -8.36 -5.50
C GLN A 68 3.22 -7.51 -6.45
N TYR A 69 2.18 -6.89 -5.95
CA TYR A 69 1.33 -6.05 -6.86
C TYR A 69 2.23 -5.07 -7.62
N LEU A 70 3.20 -4.50 -6.97
CA LEU A 70 4.12 -3.56 -7.68
C LEU A 70 5.12 -4.36 -8.49
N SER A 71 5.65 -5.42 -7.93
CA SER A 71 6.64 -6.23 -8.67
C SER A 71 6.08 -6.52 -10.06
N THR A 72 4.78 -6.54 -10.19
CA THR A 72 4.15 -6.81 -11.52
C THR A 72 3.73 -5.49 -12.17
N ASN A 73 4.07 -4.37 -11.56
CA ASN A 73 3.70 -3.05 -12.16
C ASN A 73 4.87 -2.09 -11.97
N PRO A 74 5.93 -2.30 -12.71
CA PRO A 74 7.16 -1.45 -12.64
C PRO A 74 6.84 0.04 -12.72
N ALA A 75 5.71 0.38 -13.27
CA ALA A 75 5.34 1.82 -13.39
C ALA A 75 5.40 2.49 -12.02
N LEU A 76 4.81 1.88 -11.02
CA LEU A 76 4.85 2.49 -9.66
C LEU A 76 6.28 2.37 -9.10
N GLN A 77 6.88 1.22 -9.24
CA GLN A 77 8.27 1.03 -8.71
C GLN A 77 9.13 2.23 -9.12
N ARG A 78 8.93 2.73 -10.30
CA ARG A 78 9.73 3.89 -10.76
C ARG A 78 9.26 5.14 -10.03
N ILE A 79 7.99 5.21 -9.68
CA ILE A 79 7.49 6.43 -8.97
C ILE A 79 7.63 6.27 -7.46
N ILE A 80 7.03 5.26 -6.89
CA ILE A 80 7.15 5.09 -5.41
C ILE A 80 8.63 5.02 -5.03
N PHE A 16 -1.70 -8.93 17.89
CA PHE A 16 -1.80 -8.02 16.71
C PHE A 16 -0.68 -6.99 16.78
N SER A 17 0.26 -7.19 17.66
CA SER A 17 1.38 -6.21 17.83
C SER A 17 2.60 -6.60 16.98
N PRO A 18 2.90 -7.86 16.86
CA PRO A 18 4.07 -8.33 16.10
C PRO A 18 3.78 -8.56 14.60
N GLU A 19 2.76 -9.32 14.29
CA GLU A 19 2.45 -9.60 12.85
C GLU A 19 1.53 -8.54 12.24
N THR A 20 0.37 -8.37 12.81
CA THR A 20 -0.62 -7.40 12.27
C THR A 20 -0.03 -6.00 12.21
N MET A 21 0.61 -5.56 13.24
CA MET A 21 1.13 -4.18 13.23
C MET A 21 2.20 -4.03 12.14
N LYS A 22 3.00 -5.04 11.90
CA LYS A 22 4.03 -4.91 10.81
C LYS A 22 3.30 -4.47 9.54
N ALA A 23 2.14 -5.01 9.30
CA ALA A 23 1.40 -4.57 8.09
C ALA A 23 0.96 -3.13 8.33
N ARG A 24 0.44 -2.86 9.50
CA ARG A 24 0.01 -1.46 9.84
C ARG A 24 1.23 -0.55 9.73
N ARG A 25 2.40 -1.09 9.92
CA ARG A 25 3.65 -0.29 9.82
C ARG A 25 4.01 -0.17 8.34
N ALA A 26 4.03 -1.26 7.65
CA ALA A 26 4.34 -1.21 6.19
C ALA A 26 3.34 -0.27 5.54
N TRP A 27 2.23 -0.05 6.20
CA TRP A 27 1.19 0.86 5.67
C TRP A 27 1.58 2.31 5.97
N THR A 28 2.24 2.56 7.07
CA THR A 28 2.66 3.96 7.37
C THR A 28 3.74 4.40 6.39
N ASP A 29 4.78 3.63 6.26
CA ASP A 29 5.89 3.98 5.34
C ASP A 29 5.35 4.27 3.93
N VAL A 30 4.53 3.40 3.41
CA VAL A 30 4.01 3.62 2.04
C VAL A 30 2.94 4.72 2.05
N ILE A 31 2.25 4.93 3.14
CA ILE A 31 1.21 5.99 3.16
C ILE A 31 1.87 7.33 2.80
N GLN A 32 3.02 7.61 3.35
CA GLN A 32 3.70 8.89 3.03
C GLN A 32 4.26 8.80 1.61
N THR A 33 4.56 7.62 1.16
CA THR A 33 5.12 7.47 -0.21
C THR A 33 4.00 7.61 -1.26
N LEU A 34 2.90 6.93 -1.07
CA LEU A 34 1.79 7.01 -2.07
C LEU A 34 1.55 8.49 -2.45
N ARG A 35 1.48 9.35 -1.48
CA ARG A 35 1.24 10.80 -1.76
C ARG A 35 2.38 11.39 -2.61
N GLU A 36 3.40 10.62 -2.91
CA GLU A 36 4.53 11.19 -3.71
C GLU A 36 4.15 11.31 -5.19
N HIS A 37 2.98 10.84 -5.58
CA HIS A 37 2.56 10.97 -7.02
C HIS A 37 1.14 11.53 -7.08
N LYS A 38 0.15 10.69 -7.23
CA LYS A 38 -1.25 11.20 -7.28
C LYS A 38 -2.20 10.08 -6.89
N CYS A 39 -2.14 9.66 -5.66
CA CYS A 39 -3.05 8.58 -5.19
C CYS A 39 -3.22 8.71 -3.68
N GLN A 40 -4.33 9.21 -3.25
CA GLN A 40 -4.56 9.38 -1.79
C GLN A 40 -4.67 7.98 -1.14
N PRO A 41 -3.84 7.63 -0.18
CA PRO A 41 -3.89 6.30 0.50
C PRO A 41 -4.85 6.26 1.70
N ARG A 42 -5.39 5.11 2.02
CA ARG A 42 -6.32 5.00 3.20
C ARG A 42 -6.10 3.64 3.89
N LEU A 43 -5.93 3.64 5.18
CA LEU A 43 -5.73 2.37 5.91
C LEU A 43 -7.11 1.85 6.36
N LEU A 44 -7.49 0.70 5.89
CA LEU A 44 -8.82 0.12 6.29
C LEU A 44 -8.54 -0.92 7.37
N TYR A 45 -9.37 -1.97 7.44
CA TYR A 45 -9.20 -3.08 8.47
C TYR A 45 -7.85 -2.97 9.20
N PRO A 46 -7.79 -3.28 10.48
CA PRO A 46 -6.54 -3.19 11.29
C PRO A 46 -5.24 -3.30 10.48
N ALA A 47 -5.29 -3.86 9.30
CA ALA A 47 -4.04 -3.95 8.50
C ALA A 47 -4.35 -4.01 6.98
N LYS A 48 -5.35 -3.30 6.50
CA LYS A 48 -5.62 -3.32 5.02
C LYS A 48 -5.09 -2.03 4.39
N LEU A 49 -4.79 -2.03 3.12
CA LEU A 49 -4.26 -0.78 2.46
C LEU A 49 -4.87 -0.61 1.07
N SER A 50 -5.64 0.44 0.88
CA SER A 50 -6.27 0.70 -0.45
C SER A 50 -5.54 1.85 -1.14
N ILE A 51 -5.57 1.88 -2.45
CA ILE A 51 -4.86 2.95 -3.19
C ILE A 51 -5.69 3.42 -4.38
N THR A 52 -5.56 4.69 -4.73
CA THR A 52 -6.34 5.26 -5.86
C THR A 52 -5.46 5.36 -7.11
N ILE A 53 -5.72 4.55 -8.10
CA ILE A 53 -4.92 4.60 -9.37
C ILE A 53 -5.88 4.44 -10.55
N ASP A 54 -5.68 5.20 -11.60
CA ASP A 54 -6.58 5.11 -12.78
C ASP A 54 -8.04 5.08 -12.32
N GLY A 55 -8.31 5.64 -11.18
CA GLY A 55 -9.70 5.65 -10.66
C GLY A 55 -10.07 4.25 -10.15
N GLU A 56 -9.41 3.24 -10.64
CA GLU A 56 -9.72 1.86 -10.19
C GLU A 56 -9.22 1.67 -8.76
N THR A 57 -10.08 1.24 -7.88
CA THR A 57 -9.68 1.04 -6.46
C THR A 57 -9.08 -0.36 -6.30
N LYS A 58 -7.89 -0.45 -5.75
CA LYS A 58 -7.24 -1.78 -5.55
C LYS A 58 -6.81 -1.86 -4.08
N VAL A 59 -6.81 -3.03 -3.50
CA VAL A 59 -6.43 -3.14 -2.06
C VAL A 59 -5.62 -4.41 -1.81
N PHE A 60 -4.85 -4.42 -0.76
CA PHE A 60 -4.00 -5.60 -0.42
C PHE A 60 -4.04 -5.82 1.09
N HIS A 61 -4.04 -7.04 1.54
CA HIS A 61 -4.11 -7.32 3.01
C HIS A 61 -2.72 -7.57 3.60
N ASP A 62 -1.94 -8.44 3.02
CA ASP A 62 -0.58 -8.72 3.58
C ASP A 62 0.44 -7.74 2.99
N LYS A 63 1.50 -7.49 3.72
CA LYS A 63 2.54 -6.55 3.23
C LYS A 63 3.14 -7.08 1.93
N THR A 64 3.36 -8.36 1.85
CA THR A 64 3.94 -8.94 0.60
C THR A 64 2.95 -8.68 -0.53
N LYS A 65 1.70 -8.97 -0.28
CA LYS A 65 0.66 -8.75 -1.30
C LYS A 65 0.85 -7.36 -1.92
N PHE A 66 1.12 -6.37 -1.11
CA PHE A 66 1.35 -5.01 -1.65
C PHE A 66 2.61 -5.03 -2.51
N THR A 67 3.73 -5.35 -1.93
CA THR A 67 5.00 -5.40 -2.71
C THR A 67 4.78 -6.16 -4.01
N GLN A 68 3.98 -7.19 -3.98
CA GLN A 68 3.72 -7.97 -5.22
C GLN A 68 3.07 -7.06 -6.26
N TYR A 69 2.17 -6.23 -5.83
CA TYR A 69 1.51 -5.32 -6.81
C TYR A 69 2.61 -4.56 -7.57
N LEU A 70 3.59 -4.05 -6.87
CA LEU A 70 4.70 -3.35 -7.55
C LEU A 70 5.52 -4.37 -8.34
N SER A 71 5.75 -5.51 -7.76
CA SER A 71 6.53 -6.56 -8.46
C SER A 71 5.86 -6.86 -9.81
N THR A 72 4.71 -6.29 -10.04
CA THR A 72 3.98 -6.51 -11.32
C THR A 72 3.40 -5.18 -11.80
N ASN A 73 3.84 -4.08 -11.23
CA ASN A 73 3.37 -2.74 -11.67
C ASN A 73 4.58 -1.81 -11.67
N PRO A 74 5.57 -2.11 -12.48
CA PRO A 74 6.82 -1.32 -12.57
C PRO A 74 6.57 0.20 -12.52
N ALA A 75 5.59 0.68 -13.24
CA ALA A 75 5.29 2.15 -13.25
C ALA A 75 5.52 2.76 -11.86
N LEU A 76 4.99 2.14 -10.84
CA LEU A 76 5.21 2.69 -9.48
C LEU A 76 6.67 2.46 -9.08
N GLN A 77 7.21 1.30 -9.35
CA GLN A 77 8.63 1.04 -8.98
C GLN A 77 9.49 2.22 -9.47
N ARG A 78 9.08 2.85 -10.54
CA ARG A 78 9.86 4.02 -11.04
C ARG A 78 9.76 5.13 -10.01
N ILE A 79 8.55 5.48 -9.61
CA ILE A 79 8.38 6.56 -8.60
C ILE A 79 8.55 5.97 -7.20
N ILE A 80 7.73 5.03 -6.84
CA ILE A 80 7.84 4.39 -5.49
C ILE A 80 9.10 3.52 -5.45
N PHE A 16 -1.68 -8.35 18.18
CA PHE A 16 -1.76 -7.41 17.02
C PHE A 16 -0.58 -6.44 17.07
N SER A 17 0.37 -6.69 17.92
CA SER A 17 1.54 -5.78 18.04
C SER A 17 2.71 -6.25 17.16
N PRO A 18 2.92 -7.53 17.04
CA PRO A 18 4.03 -8.08 16.23
C PRO A 18 3.63 -8.33 14.76
N GLU A 19 2.55 -9.03 14.53
CA GLU A 19 2.15 -9.33 13.12
C GLU A 19 1.25 -8.23 12.52
N THR A 20 0.15 -7.95 13.14
CA THR A 20 -0.79 -6.93 12.61
C THR A 20 -0.13 -5.56 12.51
N MET A 21 0.62 -5.17 13.49
CA MET A 21 1.22 -3.82 13.45
C MET A 21 2.26 -3.76 12.31
N LYS A 22 2.96 -4.82 12.04
CA LYS A 22 3.96 -4.76 10.94
C LYS A 22 3.23 -4.34 9.67
N ALA A 23 2.07 -4.89 9.41
CA ALA A 23 1.32 -4.45 8.21
C ALA A 23 0.95 -2.99 8.40
N ARG A 24 0.60 -2.64 9.61
CA ARG A 24 0.26 -1.22 9.92
C ARG A 24 1.49 -0.35 9.68
N ARG A 25 2.65 -0.87 9.96
CA ARG A 25 3.90 -0.09 9.74
C ARG A 25 4.16 -0.03 8.24
N ALA A 26 4.20 -1.16 7.59
CA ALA A 26 4.42 -1.15 6.11
C ALA A 26 3.37 -0.23 5.48
N TRP A 27 2.25 -0.11 6.15
CA TRP A 27 1.16 0.77 5.65
C TRP A 27 1.47 2.23 6.02
N THR A 28 2.38 2.44 6.92
CA THR A 28 2.73 3.84 7.30
C THR A 28 3.78 4.38 6.32
N ASP A 29 4.88 3.70 6.20
CA ASP A 29 5.96 4.17 5.27
C ASP A 29 5.38 4.41 3.88
N VAL A 30 4.53 3.54 3.42
CA VAL A 30 3.94 3.74 2.07
C VAL A 30 2.92 4.88 2.12
N ILE A 31 2.26 5.06 3.23
CA ILE A 31 1.28 6.18 3.32
C ILE A 31 2.01 7.49 3.01
N GLN A 32 3.22 7.63 3.47
CA GLN A 32 4.00 8.86 3.21
C GLN A 32 4.50 8.82 1.76
N THR A 33 4.62 7.64 1.20
CA THR A 33 5.11 7.53 -0.22
C THR A 33 3.94 7.75 -1.17
N LEU A 34 2.85 7.05 -0.99
CA LEU A 34 1.68 7.23 -1.90
C LEU A 34 1.41 8.73 -2.06
N ARG A 35 1.49 9.46 -0.98
CA ARG A 35 1.24 10.93 -1.06
C ARG A 35 2.18 11.53 -2.11
N GLU A 36 3.21 10.81 -2.48
CA GLU A 36 4.16 11.32 -3.50
C GLU A 36 3.65 10.94 -4.89
N HIS A 37 2.43 10.43 -4.93
CA HIS A 37 1.82 10.00 -6.23
C HIS A 37 0.46 10.69 -6.38
N LYS A 38 -0.46 10.10 -7.09
CA LYS A 38 -1.83 10.69 -7.26
C LYS A 38 -2.83 9.75 -6.60
N CYS A 39 -2.37 8.64 -6.11
CA CYS A 39 -3.27 7.67 -5.44
C CYS A 39 -3.28 7.95 -3.94
N GLN A 40 -4.36 8.46 -3.43
CA GLN A 40 -4.42 8.77 -1.97
C GLN A 40 -4.44 7.45 -1.17
N PRO A 41 -3.60 7.29 -0.16
CA PRO A 41 -3.57 6.05 0.65
C PRO A 41 -4.63 6.04 1.76
N ARG A 42 -5.16 4.89 2.07
CA ARG A 42 -6.19 4.79 3.14
C ARG A 42 -6.02 3.46 3.88
N LEU A 43 -5.74 3.50 5.17
CA LEU A 43 -5.56 2.25 5.93
C LEU A 43 -6.91 1.83 6.49
N LEU A 44 -7.37 0.69 6.07
CA LEU A 44 -8.69 0.16 6.51
C LEU A 44 -8.42 -0.96 7.52
N TYR A 45 -9.29 -1.95 7.57
CA TYR A 45 -9.14 -3.13 8.51
C TYR A 45 -7.74 -3.15 9.17
N PRO A 46 -7.63 -3.55 10.43
CA PRO A 46 -6.33 -3.58 11.16
C PRO A 46 -5.09 -3.69 10.27
N ALA A 47 -5.24 -4.11 9.04
CA ALA A 47 -4.05 -4.20 8.15
C ALA A 47 -4.46 -4.15 6.67
N LYS A 48 -5.39 -3.30 6.28
CA LYS A 48 -5.77 -3.23 4.81
C LYS A 48 -5.38 -1.85 4.25
N LEU A 49 -4.72 -1.84 3.11
CA LEU A 49 -4.27 -0.54 2.50
C LEU A 49 -4.91 -0.37 1.11
N SER A 50 -5.70 0.65 0.94
CA SER A 50 -6.35 0.89 -0.40
C SER A 50 -5.65 2.05 -1.11
N ILE A 51 -5.53 1.97 -2.41
CA ILE A 51 -4.87 3.05 -3.19
C ILE A 51 -5.72 3.38 -4.43
N THR A 52 -5.65 4.60 -4.88
CA THR A 52 -6.47 5.03 -6.07
C THR A 52 -5.59 5.23 -7.31
N ILE A 53 -5.65 4.33 -8.27
CA ILE A 53 -4.83 4.49 -9.52
C ILE A 53 -5.77 4.65 -10.71
N ASP A 54 -5.49 5.59 -11.58
CA ASP A 54 -6.35 5.81 -12.78
C ASP A 54 -7.82 5.71 -12.39
N GLY A 55 -8.15 6.04 -11.17
CA GLY A 55 -9.57 5.97 -10.73
C GLY A 55 -9.87 4.55 -10.22
N GLU A 56 -9.18 3.57 -10.71
CA GLU A 56 -9.44 2.17 -10.26
C GLU A 56 -8.84 1.98 -8.86
N THR A 57 -9.67 1.70 -7.90
CA THR A 57 -9.18 1.49 -6.50
C THR A 57 -8.85 0.02 -6.27
N LYS A 58 -7.74 -0.25 -5.61
CA LYS A 58 -7.34 -1.68 -5.33
C LYS A 58 -6.95 -1.75 -3.84
N VAL A 59 -6.96 -2.91 -3.25
CA VAL A 59 -6.60 -3.03 -1.81
C VAL A 59 -5.85 -4.33 -1.55
N PHE A 60 -5.00 -4.34 -0.54
CA PHE A 60 -4.23 -5.58 -0.21
C PHE A 60 -4.23 -5.78 1.31
N HIS A 61 -4.10 -7.01 1.75
CA HIS A 61 -4.11 -7.29 3.23
C HIS A 61 -2.67 -7.55 3.70
N ASP A 62 -1.95 -8.42 3.04
CA ASP A 62 -0.55 -8.72 3.47
C ASP A 62 0.40 -7.68 2.87
N LYS A 63 1.60 -7.59 3.38
CA LYS A 63 2.57 -6.60 2.84
C LYS A 63 3.24 -7.16 1.58
N THR A 64 3.35 -8.45 1.49
CA THR A 64 3.98 -9.06 0.28
C THR A 64 3.10 -8.80 -0.92
N LYS A 65 1.85 -9.15 -0.81
CA LYS A 65 0.90 -8.95 -1.93
C LYS A 65 1.07 -7.54 -2.52
N PHE A 66 1.17 -6.54 -1.69
CA PHE A 66 1.36 -5.16 -2.21
C PHE A 66 2.65 -5.11 -3.02
N THR A 67 3.76 -5.43 -2.41
CA THR A 67 5.05 -5.41 -3.16
C THR A 67 4.89 -6.15 -4.49
N GLN A 68 4.21 -7.27 -4.48
CA GLN A 68 4.01 -8.04 -5.74
C GLN A 68 3.16 -7.20 -6.70
N TYR A 69 2.16 -6.52 -6.20
CA TYR A 69 1.32 -5.70 -7.12
C TYR A 69 2.25 -4.77 -7.92
N LEU A 70 3.31 -4.29 -7.32
CA LEU A 70 4.25 -3.42 -8.07
C LEU A 70 5.22 -4.29 -8.86
N SER A 71 5.69 -5.35 -8.28
CA SER A 71 6.64 -6.24 -9.01
C SER A 71 6.06 -6.53 -10.40
N THR A 72 4.76 -6.49 -10.51
CA THR A 72 4.10 -6.75 -11.82
C THR A 72 3.68 -5.40 -12.46
N ASN A 73 3.98 -4.30 -11.81
CA ASN A 73 3.61 -2.97 -12.37
C ASN A 73 4.77 -2.00 -12.09
N PRO A 74 5.88 -2.21 -12.77
CA PRO A 74 7.11 -1.37 -12.59
C PRO A 74 6.80 0.13 -12.51
N ALA A 75 5.79 0.58 -13.19
CA ALA A 75 5.43 2.04 -13.16
C ALA A 75 5.57 2.58 -11.73
N LEU A 76 5.00 1.90 -10.78
CA LEU A 76 5.10 2.38 -9.37
C LEU A 76 6.52 2.13 -8.84
N GLN A 77 7.02 0.93 -9.01
CA GLN A 77 8.39 0.59 -8.49
C GLN A 77 9.37 1.74 -8.77
N ARG A 78 9.46 2.19 -9.98
CA ARG A 78 10.42 3.30 -10.29
C ARG A 78 10.04 4.55 -9.51
N ILE A 79 8.77 4.85 -9.42
CA ILE A 79 8.35 6.09 -8.68
C ILE A 79 8.41 5.87 -7.17
N ILE A 80 7.67 4.93 -6.64
CA ILE A 80 7.70 4.71 -5.16
C ILE A 80 9.15 4.48 -4.72
N PHE A 16 -1.58 -8.48 18.08
CA PHE A 16 -1.61 -7.69 16.82
C PHE A 16 -0.57 -6.56 16.94
N SER A 17 0.30 -6.64 17.89
CA SER A 17 1.32 -5.57 18.09
C SER A 17 2.60 -5.90 17.32
N PRO A 18 3.04 -7.12 17.37
CA PRO A 18 4.28 -7.54 16.68
C PRO A 18 4.04 -7.99 15.23
N GLU A 19 3.05 -8.82 15.00
CA GLU A 19 2.81 -9.32 13.60
C GLU A 19 1.87 -8.38 12.81
N THR A 20 0.68 -8.16 13.30
CA THR A 20 -0.28 -7.30 12.57
C THR A 20 0.26 -5.89 12.41
N MET A 21 0.73 -5.31 13.47
CA MET A 21 1.21 -3.92 13.39
C MET A 21 2.33 -3.81 12.34
N LYS A 22 3.11 -4.85 12.17
CA LYS A 22 4.19 -4.76 11.13
C LYS A 22 3.52 -4.44 9.81
N ALA A 23 2.42 -5.10 9.53
CA ALA A 23 1.69 -4.80 8.27
C ALA A 23 1.24 -3.34 8.35
N ARG A 24 0.68 -2.96 9.46
CA ARG A 24 0.23 -1.55 9.65
C ARG A 24 1.44 -0.63 9.56
N ARG A 25 2.59 -1.11 9.96
CA ARG A 25 3.82 -0.29 9.90
C ARG A 25 4.19 -0.13 8.43
N ALA A 26 4.31 -1.23 7.74
CA ALA A 26 4.64 -1.16 6.29
C ALA A 26 3.67 -0.16 5.66
N TRP A 27 2.41 -0.37 5.88
CA TRP A 27 1.37 0.56 5.37
C TRP A 27 1.77 2.00 5.73
N THR A 28 2.11 2.24 6.96
CA THR A 28 2.52 3.62 7.35
C THR A 28 3.61 4.14 6.40
N ASP A 29 4.64 3.34 6.20
CA ASP A 29 5.75 3.77 5.31
C ASP A 29 5.23 4.10 3.91
N VAL A 30 4.58 3.18 3.25
CA VAL A 30 4.09 3.48 1.88
C VAL A 30 2.92 4.45 1.93
N ILE A 31 2.27 4.59 3.06
CA ILE A 31 1.13 5.54 3.14
C ILE A 31 1.65 6.95 2.83
N GLN A 32 2.78 7.31 3.35
CA GLN A 32 3.32 8.68 3.08
C GLN A 32 3.86 8.71 1.64
N THR A 33 4.28 7.59 1.15
CA THR A 33 4.82 7.54 -0.25
C THR A 33 3.67 7.67 -1.25
N LEU A 34 2.63 6.90 -1.09
CA LEU A 34 1.49 6.99 -2.05
C LEU A 34 1.12 8.46 -2.29
N ARG A 35 0.99 9.22 -1.23
CA ARG A 35 0.61 10.65 -1.38
C ARG A 35 1.68 11.42 -2.15
N GLU A 36 2.80 10.83 -2.45
CA GLU A 36 3.84 11.60 -3.21
C GLU A 36 3.43 11.73 -4.66
N HIS A 37 2.44 10.99 -5.10
CA HIS A 37 1.97 11.10 -6.52
C HIS A 37 0.44 11.22 -6.58
N LYS A 38 -0.15 10.76 -7.65
CA LYS A 38 -1.63 10.85 -7.81
C LYS A 38 -2.34 9.64 -7.20
N CYS A 39 -2.41 9.56 -5.90
CA CYS A 39 -3.11 8.42 -5.27
C CYS A 39 -3.40 8.73 -3.81
N GLN A 40 -4.64 8.99 -3.52
CA GLN A 40 -5.04 9.28 -2.12
C GLN A 40 -4.99 7.97 -1.30
N PRO A 41 -4.11 7.85 -0.32
CA PRO A 41 -3.99 6.59 0.49
C PRO A 41 -4.92 6.55 1.72
N ARG A 42 -5.43 5.40 2.05
CA ARG A 42 -6.31 5.25 3.24
C ARG A 42 -6.08 3.87 3.87
N LEU A 43 -5.94 3.79 5.18
CA LEU A 43 -5.71 2.48 5.84
C LEU A 43 -7.05 1.97 6.35
N LEU A 44 -7.41 0.79 5.97
CA LEU A 44 -8.71 0.20 6.42
C LEU A 44 -8.39 -0.90 7.43
N TYR A 45 -9.22 -1.94 7.51
CA TYR A 45 -8.99 -3.08 8.49
C TYR A 45 -7.56 -3.03 9.10
N PRO A 46 -7.39 -3.34 10.38
CA PRO A 46 -6.06 -3.29 11.06
C PRO A 46 -4.85 -3.39 10.12
N ALA A 47 -5.00 -3.97 8.96
CA ALA A 47 -3.87 -4.05 8.01
C ALA A 47 -4.39 -4.08 6.56
N LYS A 48 -5.38 -3.28 6.22
CA LYS A 48 -5.88 -3.28 4.80
C LYS A 48 -5.56 -1.91 4.19
N LEU A 49 -4.65 -1.86 3.25
CA LEU A 49 -4.27 -0.54 2.63
C LEU A 49 -4.98 -0.38 1.29
N SER A 50 -5.64 0.73 1.09
CA SER A 50 -6.33 1.00 -0.21
C SER A 50 -5.56 2.08 -0.95
N ILE A 51 -5.40 1.93 -2.24
CA ILE A 51 -4.63 2.93 -3.04
C ILE A 51 -5.39 3.25 -4.34
N THR A 52 -5.40 4.51 -4.72
CA THR A 52 -6.11 4.92 -5.96
C THR A 52 -5.09 5.26 -7.04
N ILE A 53 -5.01 4.45 -8.07
CA ILE A 53 -4.04 4.73 -9.19
C ILE A 53 -4.80 5.41 -10.33
N ASP A 54 -4.91 6.71 -10.26
CA ASP A 54 -5.62 7.49 -11.32
C ASP A 54 -6.83 6.74 -11.88
N GLY A 55 -7.51 5.95 -11.09
CA GLY A 55 -8.69 5.23 -11.63
C GLY A 55 -9.08 4.03 -10.77
N GLU A 56 -9.06 2.85 -11.35
CA GLU A 56 -9.45 1.63 -10.60
C GLU A 56 -8.68 1.54 -9.27
N THR A 57 -9.42 1.49 -8.19
CA THR A 57 -8.77 1.39 -6.84
C THR A 57 -8.54 -0.08 -6.49
N LYS A 58 -7.50 -0.36 -5.74
CA LYS A 58 -7.22 -1.77 -5.33
C LYS A 58 -6.76 -1.77 -3.88
N VAL A 59 -6.92 -2.87 -3.18
CA VAL A 59 -6.50 -2.92 -1.74
C VAL A 59 -5.67 -4.19 -1.49
N PHE A 60 -4.88 -4.19 -0.46
CA PHE A 60 -4.04 -5.38 -0.14
C PHE A 60 -4.05 -5.65 1.36
N HIS A 61 -4.22 -6.89 1.75
CA HIS A 61 -4.28 -7.23 3.20
C HIS A 61 -2.87 -7.59 3.72
N ASP A 62 -2.07 -8.25 2.92
CA ASP A 62 -0.69 -8.65 3.38
C ASP A 62 0.38 -7.78 2.71
N LYS A 63 1.48 -7.58 3.40
CA LYS A 63 2.59 -6.76 2.84
C LYS A 63 3.10 -7.39 1.55
N THR A 64 3.10 -8.70 1.49
CA THR A 64 3.60 -9.39 0.27
C THR A 64 2.70 -9.06 -0.91
N LYS A 65 1.43 -9.33 -0.78
CA LYS A 65 0.50 -9.06 -1.91
C LYS A 65 0.75 -7.65 -2.45
N PHE A 66 1.09 -6.71 -1.61
CA PHE A 66 1.35 -5.33 -2.11
C PHE A 66 2.57 -5.31 -3.03
N THR A 67 3.72 -5.66 -2.52
CA THR A 67 4.95 -5.64 -3.38
C THR A 67 4.70 -6.46 -4.64
N GLN A 68 4.05 -7.58 -4.51
CA GLN A 68 3.77 -8.42 -5.71
C GLN A 68 2.99 -7.58 -6.72
N TYR A 69 1.99 -6.88 -6.25
CA TYR A 69 1.20 -6.02 -7.19
C TYR A 69 2.18 -5.07 -7.88
N LEU A 70 3.25 -4.70 -7.21
CA LEU A 70 4.25 -3.80 -7.82
C LEU A 70 5.23 -4.62 -8.64
N SER A 71 5.68 -5.72 -8.11
CA SER A 71 6.64 -6.58 -8.87
C SER A 71 6.10 -6.77 -10.28
N THR A 72 4.80 -6.64 -10.43
CA THR A 72 4.17 -6.81 -11.76
C THR A 72 3.80 -5.42 -12.32
N ASN A 73 3.69 -4.43 -11.46
CA ASN A 73 3.35 -3.04 -11.93
C ASN A 73 4.59 -2.16 -11.73
N PRO A 74 5.49 -2.09 -12.69
CA PRO A 74 6.73 -1.27 -12.56
C PRO A 74 6.44 0.23 -12.65
N ALA A 75 5.23 0.60 -13.00
CA ALA A 75 4.91 2.05 -13.09
C ALA A 75 5.13 2.68 -11.71
N LEU A 76 4.55 2.11 -10.69
CA LEU A 76 4.74 2.67 -9.32
C LEU A 76 6.12 2.28 -8.80
N GLN A 77 6.47 1.02 -8.84
CA GLN A 77 7.79 0.56 -8.34
C GLN A 77 8.90 1.55 -8.75
N ARG A 78 8.72 2.23 -9.86
CA ARG A 78 9.74 3.21 -10.29
C ARG A 78 9.50 4.53 -9.56
N ILE A 79 8.27 4.94 -9.41
CA ILE A 79 7.99 6.21 -8.71
C ILE A 79 8.17 6.02 -7.20
N ILE A 80 7.49 5.07 -6.62
CA ILE A 80 7.62 4.84 -5.16
C ILE A 80 9.08 4.52 -4.83
N PHE A 16 -1.88 -8.86 17.49
CA PHE A 16 -1.97 -7.81 16.44
C PHE A 16 -0.72 -6.94 16.53
N SER A 17 0.27 -7.38 17.24
CA SER A 17 1.53 -6.60 17.39
C SER A 17 2.56 -7.01 16.33
N PRO A 18 2.72 -8.28 16.12
CA PRO A 18 3.71 -8.81 15.15
C PRO A 18 3.16 -8.95 13.72
N GLU A 19 1.99 -9.53 13.56
CA GLU A 19 1.45 -9.72 12.18
C GLU A 19 0.63 -8.50 11.72
N THR A 20 -0.31 -8.08 12.51
CA THR A 20 -1.18 -6.94 12.12
C THR A 20 -0.42 -5.62 12.11
N MET A 21 0.27 -5.32 13.16
CA MET A 21 0.97 -4.01 13.20
C MET A 21 2.02 -3.92 12.10
N LYS A 22 2.88 -4.90 11.95
CA LYS A 22 3.89 -4.81 10.86
C LYS A 22 3.17 -4.51 9.55
N ALA A 23 1.99 -5.03 9.36
CA ALA A 23 1.25 -4.72 8.12
C ALA A 23 0.79 -3.26 8.24
N ARG A 24 0.50 -2.84 9.44
CA ARG A 24 0.08 -1.42 9.67
C ARG A 24 1.31 -0.53 9.51
N ARG A 25 2.47 -1.06 9.82
CA ARG A 25 3.72 -0.28 9.68
C ARG A 25 4.08 -0.21 8.21
N ALA A 26 4.06 -1.34 7.55
CA ALA A 26 4.36 -1.35 6.09
C ALA A 26 3.38 -0.38 5.43
N TRP A 27 2.25 -0.19 6.04
CA TRP A 27 1.23 0.74 5.50
C TRP A 27 1.58 2.17 5.93
N THR A 28 2.43 2.32 6.91
CA THR A 28 2.82 3.69 7.37
C THR A 28 3.90 4.27 6.46
N ASP A 29 4.97 3.55 6.26
CA ASP A 29 6.07 4.07 5.38
C ASP A 29 5.53 4.33 3.98
N VAL A 30 4.74 3.45 3.44
CA VAL A 30 4.21 3.68 2.09
C VAL A 30 3.15 4.78 2.13
N ILE A 31 2.46 4.94 3.23
CA ILE A 31 1.43 6.00 3.31
C ILE A 31 2.06 7.36 2.93
N GLN A 32 3.23 7.64 3.41
CA GLN A 32 3.85 8.95 3.05
C GLN A 32 4.36 8.91 1.61
N THR A 33 4.69 7.75 1.10
CA THR A 33 5.17 7.68 -0.30
C THR A 33 3.98 7.75 -1.26
N LEU A 34 2.94 7.01 -0.99
CA LEU A 34 1.76 7.04 -1.91
C LEU A 34 1.41 8.49 -2.27
N ARG A 35 1.31 9.35 -1.29
CA ARG A 35 0.94 10.77 -1.57
C ARG A 35 2.03 11.47 -2.40
N GLU A 36 3.17 10.85 -2.59
CA GLU A 36 4.23 11.53 -3.40
C GLU A 36 3.69 11.88 -4.78
N HIS A 37 2.80 11.07 -5.30
CA HIS A 37 2.23 11.34 -6.67
C HIS A 37 0.70 11.26 -6.64
N LYS A 38 0.10 10.86 -7.73
CA LYS A 38 -1.39 10.80 -7.79
C LYS A 38 -1.94 9.51 -7.17
N CYS A 39 -2.00 9.44 -5.87
CA CYS A 39 -2.56 8.22 -5.20
C CYS A 39 -2.92 8.55 -3.75
N GLN A 40 -4.17 8.78 -3.49
CA GLN A 40 -4.60 9.11 -2.09
C GLN A 40 -4.59 7.81 -1.24
N PRO A 41 -3.74 7.71 -0.23
CA PRO A 41 -3.67 6.48 0.63
C PRO A 41 -4.62 6.55 1.84
N ARG A 42 -5.25 5.45 2.16
CA ARG A 42 -6.17 5.42 3.33
C ARG A 42 -6.09 4.03 3.98
N LEU A 43 -5.67 3.95 5.22
CA LEU A 43 -5.55 2.64 5.89
C LEU A 43 -6.93 2.16 6.36
N LEU A 44 -7.33 0.99 5.93
CA LEU A 44 -8.65 0.43 6.37
C LEU A 44 -8.35 -0.56 7.50
N TYR A 45 -9.24 -1.53 7.74
CA TYR A 45 -9.05 -2.58 8.84
C TYR A 45 -7.64 -2.51 9.46
N PRO A 46 -7.48 -2.75 10.75
CA PRO A 46 -6.17 -2.70 11.45
C PRO A 46 -4.95 -2.94 10.55
N ALA A 47 -5.10 -3.63 9.46
CA ALA A 47 -3.93 -3.85 8.55
C ALA A 47 -4.39 -3.95 7.09
N LYS A 48 -5.45 -3.26 6.71
CA LYS A 48 -5.91 -3.32 5.28
C LYS A 48 -5.67 -1.96 4.64
N LEU A 49 -4.82 -1.89 3.62
CA LEU A 49 -4.53 -0.56 2.97
C LEU A 49 -5.15 -0.51 1.57
N SER A 50 -5.87 0.55 1.28
CA SER A 50 -6.48 0.74 -0.07
C SER A 50 -5.74 1.86 -0.78
N ILE A 51 -5.55 1.75 -2.07
CA ILE A 51 -4.82 2.81 -2.84
C ILE A 51 -5.59 3.16 -4.11
N THR A 52 -5.51 4.40 -4.54
CA THR A 52 -6.25 4.83 -5.78
C THR A 52 -5.28 4.89 -6.97
N ILE A 53 -5.57 4.16 -8.02
CA ILE A 53 -4.67 4.19 -9.23
C ILE A 53 -5.54 4.17 -10.49
N ASP A 54 -5.19 4.96 -11.48
CA ASP A 54 -5.97 5.00 -12.74
C ASP A 54 -7.48 4.97 -12.45
N GLY A 55 -7.87 5.47 -11.31
CA GLY A 55 -9.32 5.47 -10.95
C GLY A 55 -9.68 4.15 -10.29
N GLU A 56 -9.20 3.05 -10.80
CA GLU A 56 -9.51 1.74 -10.21
C GLU A 56 -8.74 1.57 -8.90
N THR A 57 -9.45 1.39 -7.83
CA THR A 57 -8.79 1.22 -6.49
C THR A 57 -8.47 -0.26 -6.25
N LYS A 58 -7.39 -0.54 -5.56
CA LYS A 58 -7.01 -1.95 -5.24
C LYS A 58 -6.67 -1.98 -3.74
N VAL A 59 -6.66 -3.12 -3.12
CA VAL A 59 -6.37 -3.17 -1.65
C VAL A 59 -5.48 -4.37 -1.31
N PHE A 60 -4.73 -4.26 -0.24
CA PHE A 60 -3.81 -5.37 0.17
C PHE A 60 -3.85 -5.52 1.70
N HIS A 61 -4.02 -6.73 2.18
CA HIS A 61 -4.05 -6.96 3.66
C HIS A 61 -2.71 -7.57 4.11
N ASP A 62 -1.82 -7.81 3.18
CA ASP A 62 -0.49 -8.40 3.52
C ASP A 62 0.62 -7.55 2.89
N LYS A 63 1.59 -7.16 3.67
CA LYS A 63 2.71 -6.32 3.14
C LYS A 63 3.34 -6.96 1.91
N THR A 64 3.44 -8.26 1.89
CA THR A 64 4.06 -8.92 0.70
C THR A 64 3.17 -8.71 -0.51
N LYS A 65 1.91 -8.98 -0.38
CA LYS A 65 0.97 -8.80 -1.52
C LYS A 65 1.20 -7.41 -2.14
N PHE A 66 1.42 -6.41 -1.32
CA PHE A 66 1.66 -5.05 -1.88
C PHE A 66 2.91 -5.11 -2.76
N THR A 67 4.03 -5.47 -2.19
CA THR A 67 5.28 -5.55 -2.99
C THR A 67 5.00 -6.29 -4.31
N GLN A 68 4.37 -7.44 -4.22
CA GLN A 68 4.06 -8.21 -5.46
C GLN A 68 3.30 -7.33 -6.44
N TYR A 69 2.25 -6.70 -5.98
CA TYR A 69 1.46 -5.80 -6.89
C TYR A 69 2.41 -4.91 -7.68
N LEU A 70 3.46 -4.45 -7.06
CA LEU A 70 4.43 -3.59 -7.79
C LEU A 70 5.37 -4.46 -8.62
N SER A 71 5.85 -5.53 -8.06
CA SER A 71 6.77 -6.42 -8.84
C SER A 71 6.12 -6.71 -10.19
N THR A 72 4.82 -6.57 -10.26
CA THR A 72 4.09 -6.82 -11.55
C THR A 72 3.63 -5.47 -12.13
N ASN A 73 3.96 -4.37 -11.49
CA ASN A 73 3.56 -3.02 -12.02
C ASN A 73 4.73 -2.04 -11.88
N PRO A 74 5.70 -2.16 -12.74
CA PRO A 74 6.91 -1.27 -12.72
C PRO A 74 6.57 0.21 -12.80
N ALA A 75 5.37 0.54 -13.21
CA ALA A 75 4.99 1.97 -13.30
C ALA A 75 5.11 2.61 -11.92
N LEU A 76 4.51 2.02 -10.92
CA LEU A 76 4.60 2.59 -9.55
C LEU A 76 6.02 2.36 -9.01
N GLN A 77 6.48 1.14 -9.10
CA GLN A 77 7.85 0.80 -8.59
C GLN A 77 8.84 1.91 -8.97
N ARG A 78 8.67 2.51 -10.10
CA ARG A 78 9.59 3.58 -10.53
C ARG A 78 9.27 4.86 -9.74
N ILE A 79 8.01 5.21 -9.65
CA ILE A 79 7.63 6.44 -8.91
C ILE A 79 7.94 6.28 -7.42
N ILE A 80 7.37 5.30 -6.79
CA ILE A 80 7.63 5.09 -5.34
C ILE A 80 9.15 5.00 -5.11
N PHE A 16 -1.03 -9.25 17.54
CA PHE A 16 -1.28 -8.24 16.47
C PHE A 16 -0.20 -7.15 16.55
N SER A 17 0.08 -6.70 17.73
CA SER A 17 1.09 -5.61 17.91
C SER A 17 2.36 -5.92 17.10
N PRO A 18 2.85 -7.13 17.12
CA PRO A 18 4.07 -7.52 16.39
C PRO A 18 3.80 -7.93 14.94
N GLU A 19 2.85 -8.81 14.72
CA GLU A 19 2.57 -9.29 13.33
C GLU A 19 1.56 -8.38 12.59
N THR A 20 0.39 -8.22 13.12
CA THR A 20 -0.64 -7.39 12.43
C THR A 20 -0.16 -5.96 12.28
N MET A 21 0.43 -5.41 13.30
CA MET A 21 0.87 -4.00 13.22
C MET A 21 1.86 -3.84 12.06
N LYS A 22 2.79 -4.75 11.90
CA LYS A 22 3.75 -4.62 10.76
C LYS A 22 2.95 -4.40 9.48
N ALA A 23 1.85 -5.09 9.34
CA ALA A 23 1.01 -4.86 8.12
C ALA A 23 0.65 -3.36 8.08
N ARG A 24 0.43 -2.79 9.24
CA ARG A 24 0.09 -1.34 9.30
C ARG A 24 1.37 -0.53 9.09
N ARG A 25 2.46 -0.99 9.61
CA ARG A 25 3.73 -0.24 9.42
C ARG A 25 4.02 -0.19 7.93
N ALA A 26 3.86 -1.29 7.24
CA ALA A 26 4.09 -1.29 5.77
C ALA A 26 3.08 -0.34 5.14
N TRP A 27 1.95 -0.17 5.78
CA TRP A 27 0.93 0.76 5.26
C TRP A 27 1.30 2.19 5.65
N THR A 28 2.19 2.34 6.59
CA THR A 28 2.62 3.70 7.01
C THR A 28 3.70 4.22 6.06
N ASP A 29 4.72 3.44 5.84
CA ASP A 29 5.82 3.88 4.93
C ASP A 29 5.27 4.21 3.56
N VAL A 30 4.33 3.44 3.08
CA VAL A 30 3.76 3.72 1.74
C VAL A 30 2.81 4.92 1.84
N ILE A 31 2.23 5.15 2.98
CA ILE A 31 1.29 6.30 3.11
C ILE A 31 2.04 7.60 2.77
N GLN A 32 3.26 7.76 3.21
CA GLN A 32 4.01 9.00 2.88
C GLN A 32 4.44 8.93 1.41
N THR A 33 4.66 7.75 0.92
CA THR A 33 5.08 7.60 -0.51
C THR A 33 3.85 7.78 -1.40
N LEU A 34 2.84 6.97 -1.20
CA LEU A 34 1.61 7.08 -2.03
C LEU A 34 1.21 8.56 -2.15
N ARG A 35 1.23 9.27 -1.05
CA ARG A 35 0.85 10.71 -1.09
C ARG A 35 1.85 11.49 -1.95
N GLU A 36 2.97 10.89 -2.27
CA GLU A 36 3.97 11.61 -3.12
C GLU A 36 3.52 11.52 -4.58
N HIS A 37 2.43 10.84 -4.82
CA HIS A 37 1.90 10.68 -6.21
C HIS A 37 0.48 11.27 -6.25
N LYS A 38 -0.35 10.80 -7.15
CA LYS A 38 -1.76 11.30 -7.23
C LYS A 38 -2.67 10.22 -6.66
N CYS A 39 -2.10 9.28 -5.95
CA CYS A 39 -2.90 8.18 -5.34
C CYS A 39 -3.08 8.46 -3.85
N GLN A 40 -4.25 8.85 -3.45
CA GLN A 40 -4.48 9.14 -2.01
C GLN A 40 -4.52 7.82 -1.21
N PRO A 41 -3.60 7.59 -0.28
CA PRO A 41 -3.59 6.33 0.53
C PRO A 41 -4.55 6.40 1.73
N ARG A 42 -5.17 5.31 2.07
CA ARG A 42 -6.12 5.30 3.23
C ARG A 42 -6.01 3.94 3.94
N LEU A 43 -5.68 3.94 5.21
CA LEU A 43 -5.57 2.66 5.96
C LEU A 43 -6.85 2.42 6.76
N LEU A 44 -7.47 1.30 6.55
CA LEU A 44 -8.72 0.95 7.30
C LEU A 44 -8.40 -0.27 8.16
N TYR A 45 -9.40 -1.12 8.40
CA TYR A 45 -9.24 -2.39 9.22
C TYR A 45 -7.79 -2.62 9.70
N PRO A 46 -7.57 -3.14 10.89
CA PRO A 46 -6.21 -3.38 11.45
C PRO A 46 -5.10 -3.62 10.42
N ALA A 47 -5.43 -3.88 9.19
CA ALA A 47 -4.36 -4.06 8.16
C ALA A 47 -4.94 -3.97 6.75
N LYS A 48 -5.99 -3.20 6.54
CA LYS A 48 -6.55 -3.08 5.15
C LYS A 48 -6.01 -1.79 4.51
N LEU A 49 -5.19 -1.93 3.48
CA LEU A 49 -4.61 -0.72 2.81
C LEU A 49 -5.18 -0.58 1.40
N SER A 50 -5.95 0.45 1.18
CA SER A 50 -6.55 0.68 -0.17
C SER A 50 -5.76 1.81 -0.86
N ILE A 51 -5.64 1.76 -2.16
CA ILE A 51 -4.89 2.82 -2.90
C ILE A 51 -5.65 3.20 -4.17
N THR A 52 -5.57 4.44 -4.56
CA THR A 52 -6.28 4.92 -5.79
C THR A 52 -5.28 5.05 -6.94
N ILE A 53 -5.46 4.32 -8.01
CA ILE A 53 -4.52 4.41 -9.17
C ILE A 53 -5.33 4.40 -10.47
N ASP A 54 -5.02 5.29 -11.37
CA ASP A 54 -5.75 5.35 -12.66
C ASP A 54 -7.26 5.19 -12.42
N GLY A 55 -7.72 5.57 -11.26
CA GLY A 55 -9.17 5.45 -10.94
C GLY A 55 -9.45 4.10 -10.27
N GLU A 56 -9.17 3.02 -10.94
CA GLU A 56 -9.44 1.67 -10.35
C GLU A 56 -8.74 1.56 -8.99
N THR A 57 -9.50 1.33 -7.95
CA THR A 57 -8.90 1.20 -6.59
C THR A 57 -8.52 -0.26 -6.34
N LYS A 58 -7.50 -0.48 -5.56
CA LYS A 58 -7.06 -1.88 -5.24
C LYS A 58 -6.76 -1.94 -3.74
N VAL A 59 -6.62 -3.11 -3.18
CA VAL A 59 -6.36 -3.21 -1.70
C VAL A 59 -5.41 -4.36 -1.40
N PHE A 60 -4.75 -4.31 -0.25
CA PHE A 60 -3.78 -5.40 0.11
C PHE A 60 -3.69 -5.58 1.62
N HIS A 61 -3.78 -6.80 2.10
CA HIS A 61 -3.69 -7.07 3.58
C HIS A 61 -2.31 -7.65 3.91
N ASP A 62 -1.62 -8.19 2.94
CA ASP A 62 -0.27 -8.78 3.19
C ASP A 62 0.78 -7.92 2.47
N LYS A 63 1.79 -7.49 3.18
CA LYS A 63 2.83 -6.65 2.54
C LYS A 63 3.33 -7.33 1.26
N THR A 64 3.31 -8.63 1.22
CA THR A 64 3.78 -9.34 0.00
C THR A 64 2.83 -9.05 -1.15
N LYS A 65 1.55 -9.18 -0.91
CA LYS A 65 0.58 -8.92 -2.01
C LYS A 65 0.82 -7.52 -2.56
N PHE A 66 0.97 -6.55 -1.71
CA PHE A 66 1.24 -5.16 -2.21
C PHE A 66 2.55 -5.18 -3.01
N THR A 67 3.62 -5.58 -2.38
CA THR A 67 4.93 -5.63 -3.11
C THR A 67 4.73 -6.34 -4.46
N GLN A 68 4.09 -7.47 -4.45
CA GLN A 68 3.84 -8.21 -5.72
C GLN A 68 3.17 -7.28 -6.72
N TYR A 69 2.12 -6.63 -6.31
CA TYR A 69 1.40 -5.69 -7.23
C TYR A 69 2.44 -4.80 -7.93
N LEU A 70 3.47 -4.43 -7.24
CA LEU A 70 4.53 -3.59 -7.87
C LEU A 70 5.48 -4.50 -8.65
N SER A 71 5.78 -5.65 -8.10
CA SER A 71 6.68 -6.59 -8.82
C SER A 71 6.07 -6.86 -10.21
N THR A 72 4.87 -6.38 -10.43
CA THR A 72 4.20 -6.58 -11.74
C THR A 72 3.66 -5.22 -12.22
N ASN A 73 4.02 -4.15 -11.56
CA ASN A 73 3.58 -2.79 -11.99
C ASN A 73 4.76 -1.82 -11.83
N PRO A 74 5.77 -1.99 -12.62
CA PRO A 74 7.00 -1.13 -12.58
C PRO A 74 6.69 0.36 -12.51
N ALA A 75 5.61 0.78 -13.12
CA ALA A 75 5.24 2.23 -13.09
C ALA A 75 5.40 2.76 -11.66
N LEU A 76 4.72 2.17 -10.72
CA LEU A 76 4.84 2.63 -9.31
C LEU A 76 6.24 2.24 -8.80
N GLN A 77 6.62 1.00 -8.96
CA GLN A 77 7.96 0.56 -8.49
C GLN A 77 9.02 1.59 -8.93
N ARG A 78 8.76 2.27 -10.02
CA ARG A 78 9.72 3.26 -10.54
C ARG A 78 9.77 4.48 -9.62
N ILE A 79 8.64 5.06 -9.29
CA ILE A 79 8.65 6.26 -8.41
C ILE A 79 8.80 5.84 -6.94
N ILE A 80 7.90 5.06 -6.42
CA ILE A 80 8.01 4.65 -4.99
C ILE A 80 9.44 4.20 -4.69
N PHE A 16 -2.02 -8.51 18.23
CA PHE A 16 -2.12 -7.58 17.08
C PHE A 16 -0.99 -6.56 17.14
N SER A 17 0.00 -6.82 17.95
CA SER A 17 1.13 -5.86 18.09
C SER A 17 2.30 -6.22 17.15
N PRO A 18 2.65 -7.46 17.08
CA PRO A 18 3.78 -7.92 16.23
C PRO A 18 3.37 -8.27 14.80
N GLU A 19 2.31 -9.01 14.63
CA GLU A 19 1.88 -9.42 13.26
C GLU A 19 0.95 -8.37 12.63
N THR A 20 -0.11 -8.06 13.29
CA THR A 20 -1.09 -7.08 12.73
C THR A 20 -0.48 -5.69 12.59
N MET A 21 0.08 -5.18 13.65
CA MET A 21 0.66 -3.81 13.59
C MET A 21 1.82 -3.78 12.58
N LYS A 22 2.42 -4.90 12.31
CA LYS A 22 3.53 -4.94 11.34
C LYS A 22 2.94 -4.66 9.96
N ALA A 23 1.74 -5.10 9.72
CA ALA A 23 1.10 -4.81 8.42
C ALA A 23 0.81 -3.31 8.39
N ARG A 24 0.33 -2.78 9.50
CA ARG A 24 0.05 -1.33 9.57
C ARG A 24 1.38 -0.59 9.49
N ARG A 25 2.41 -1.21 10.01
CA ARG A 25 3.76 -0.57 9.98
C ARG A 25 4.22 -0.48 8.53
N ALA A 26 4.13 -1.55 7.80
CA ALA A 26 4.54 -1.52 6.36
C ALA A 26 3.65 -0.50 5.65
N TRP A 27 2.44 -0.38 6.10
CA TRP A 27 1.49 0.60 5.49
C TRP A 27 1.90 2.01 5.88
N THR A 28 2.74 2.15 6.86
CA THR A 28 3.16 3.52 7.29
C THR A 28 4.22 4.06 6.32
N ASP A 29 5.27 3.31 6.10
CA ASP A 29 6.35 3.78 5.18
C ASP A 29 5.78 4.11 3.80
N VAL A 30 4.89 3.29 3.31
CA VAL A 30 4.31 3.58 1.97
C VAL A 30 3.32 4.73 2.08
N ILE A 31 2.65 4.85 3.20
CA ILE A 31 1.66 5.97 3.35
C ILE A 31 2.35 7.30 3.03
N GLN A 32 3.57 7.50 3.46
CA GLN A 32 4.25 8.78 3.17
C GLN A 32 4.70 8.81 1.70
N THR A 33 4.99 7.68 1.14
CA THR A 33 5.43 7.65 -0.29
C THR A 33 4.23 7.83 -1.22
N LEU A 34 3.19 7.08 -1.02
CA LEU A 34 2.01 7.19 -1.91
C LEU A 34 1.64 8.67 -2.11
N ARG A 35 1.32 9.36 -1.05
CA ARG A 35 0.93 10.80 -1.17
C ARG A 35 1.95 11.60 -1.99
N GLU A 36 3.03 11.00 -2.42
CA GLU A 36 4.04 11.79 -3.19
C GLU A 36 3.59 11.94 -4.65
N HIS A 37 2.73 11.09 -5.13
CA HIS A 37 2.25 11.20 -6.54
C HIS A 37 0.71 11.08 -6.61
N LYS A 38 0.20 10.57 -7.70
CA LYS A 38 -1.29 10.46 -7.84
C LYS A 38 -1.83 9.20 -7.16
N CYS A 39 -1.94 9.23 -5.86
CA CYS A 39 -2.50 8.07 -5.14
C CYS A 39 -2.87 8.47 -3.71
N GLN A 40 -4.13 8.66 -3.46
CA GLN A 40 -4.56 9.05 -2.09
C GLN A 40 -4.42 7.82 -1.17
N PRO A 41 -3.56 7.85 -0.17
CA PRO A 41 -3.36 6.68 0.74
C PRO A 41 -4.42 6.60 1.85
N ARG A 42 -4.88 5.42 2.16
CA ARG A 42 -5.89 5.25 3.24
C ARG A 42 -5.72 3.86 3.89
N LEU A 43 -5.90 3.77 5.18
CA LEU A 43 -5.76 2.46 5.88
C LEU A 43 -7.13 2.02 6.39
N LEU A 44 -7.59 0.89 5.94
CA LEU A 44 -8.92 0.36 6.37
C LEU A 44 -8.68 -0.76 7.37
N TYR A 45 -9.56 -1.76 7.41
CA TYR A 45 -9.44 -2.94 8.35
C TYR A 45 -8.05 -2.98 9.04
N PRO A 46 -7.97 -3.36 10.31
CA PRO A 46 -6.69 -3.41 11.06
C PRO A 46 -5.43 -3.53 10.20
N ALA A 47 -5.54 -3.98 8.98
CA ALA A 47 -4.33 -4.06 8.11
C ALA A 47 -4.71 -3.98 6.63
N LYS A 48 -5.75 -3.26 6.26
CA LYS A 48 -6.12 -3.17 4.82
C LYS A 48 -5.64 -1.82 4.26
N LEU A 49 -4.72 -1.84 3.32
CA LEU A 49 -4.19 -0.56 2.74
C LEU A 49 -4.76 -0.37 1.33
N SER A 50 -5.58 0.64 1.14
CA SER A 50 -6.18 0.90 -0.21
C SER A 50 -5.49 2.09 -0.87
N ILE A 51 -5.41 2.07 -2.17
CA ILE A 51 -4.76 3.19 -2.93
C ILE A 51 -5.51 3.42 -4.24
N THR A 52 -5.52 4.63 -4.71
CA THR A 52 -6.25 4.96 -5.97
C THR A 52 -5.30 4.91 -7.18
N ILE A 53 -5.70 4.26 -8.24
CA ILE A 53 -4.85 4.19 -9.47
C ILE A 53 -5.75 4.32 -10.70
N ASP A 54 -5.48 5.28 -11.55
CA ASP A 54 -6.32 5.48 -12.78
C ASP A 54 -7.80 5.30 -12.44
N GLY A 55 -8.18 5.62 -11.23
CA GLY A 55 -9.61 5.48 -10.82
C GLY A 55 -9.84 4.09 -10.22
N GLU A 56 -9.19 3.09 -10.75
CA GLU A 56 -9.38 1.72 -10.20
C GLU A 56 -8.64 1.61 -8.87
N THR A 57 -9.35 1.32 -7.82
CA THR A 57 -8.70 1.20 -6.47
C THR A 57 -8.20 -0.23 -6.26
N LYS A 58 -7.11 -0.38 -5.56
CA LYS A 58 -6.55 -1.74 -5.27
C LYS A 58 -6.21 -1.80 -3.77
N VAL A 59 -6.36 -2.94 -3.15
CA VAL A 59 -6.06 -3.04 -1.68
C VAL A 59 -5.24 -4.29 -1.38
N PHE A 60 -4.60 -4.32 -0.24
CA PHE A 60 -3.74 -5.49 0.13
C PHE A 60 -3.92 -5.81 1.61
N HIS A 61 -3.88 -7.06 1.96
CA HIS A 61 -4.02 -7.48 3.39
C HIS A 61 -2.64 -7.79 3.97
N ASP A 62 -1.72 -8.16 3.12
CA ASP A 62 -0.32 -8.49 3.57
C ASP A 62 0.67 -7.60 2.82
N LYS A 63 1.81 -7.33 3.40
CA LYS A 63 2.81 -6.46 2.69
C LYS A 63 3.32 -7.16 1.44
N THR A 64 3.30 -8.46 1.42
CA THR A 64 3.81 -9.20 0.22
C THR A 64 2.94 -8.88 -0.99
N LYS A 65 1.68 -9.15 -0.92
CA LYS A 65 0.78 -8.86 -2.07
C LYS A 65 1.07 -7.47 -2.61
N PHE A 66 1.39 -6.54 -1.76
CA PHE A 66 1.70 -5.16 -2.23
C PHE A 66 2.97 -5.20 -3.08
N THR A 67 4.10 -5.51 -2.50
CA THR A 67 5.36 -5.55 -3.29
C THR A 67 5.11 -6.33 -4.59
N GLN A 68 4.64 -7.54 -4.49
CA GLN A 68 4.37 -8.35 -5.70
C GLN A 68 3.59 -7.52 -6.72
N TYR A 69 2.51 -6.92 -6.29
CA TYR A 69 1.72 -6.10 -7.25
C TYR A 69 2.66 -5.11 -7.95
N LEU A 70 3.57 -4.52 -7.22
CA LEU A 70 4.53 -3.58 -7.86
C LEU A 70 5.54 -4.38 -8.67
N SER A 71 5.99 -5.48 -8.12
CA SER A 71 6.96 -6.34 -8.87
C SER A 71 6.38 -6.65 -10.24
N THR A 72 5.14 -6.30 -10.45
CA THR A 72 4.48 -6.57 -11.76
C THR A 72 3.72 -5.32 -12.20
N ASN A 73 3.99 -4.20 -11.55
CA ASN A 73 3.32 -2.91 -11.94
C ASN A 73 4.39 -1.80 -11.88
N PRO A 74 5.34 -1.84 -12.77
CA PRO A 74 6.45 -0.85 -12.83
C PRO A 74 5.96 0.60 -12.75
N ALA A 75 4.77 0.86 -13.23
CA ALA A 75 4.24 2.25 -13.17
C ALA A 75 4.47 2.84 -11.79
N LEU A 76 3.98 2.18 -10.77
CA LEU A 76 4.18 2.70 -9.39
C LEU A 76 5.63 2.41 -8.95
N GLN A 77 6.05 1.16 -9.04
CA GLN A 77 7.43 0.80 -8.63
C GLN A 77 8.43 1.82 -9.19
N ARG A 78 8.11 2.43 -10.30
CA ARG A 78 9.04 3.41 -10.91
C ARG A 78 8.90 4.75 -10.17
N ILE A 79 7.71 5.11 -9.78
CA ILE A 79 7.52 6.41 -9.08
C ILE A 79 7.81 6.26 -7.58
N ILE A 80 7.12 5.35 -6.92
CA ILE A 80 7.35 5.16 -5.46
C ILE A 80 8.85 4.93 -5.23
N PHE A 16 -1.35 -9.64 17.20
CA PHE A 16 -1.55 -8.53 16.23
C PHE A 16 -0.41 -7.52 16.38
N SER A 17 0.03 -7.32 17.59
CA SER A 17 1.12 -6.34 17.84
C SER A 17 2.33 -6.63 16.93
N PRO A 18 2.71 -7.86 16.78
CA PRO A 18 3.87 -8.24 15.96
C PRO A 18 3.52 -8.49 14.48
N GLU A 19 2.49 -9.25 14.22
CA GLU A 19 2.14 -9.56 12.79
C GLU A 19 1.21 -8.51 12.20
N THR A 20 0.11 -8.23 12.83
CA THR A 20 -0.85 -7.24 12.28
C THR A 20 -0.30 -5.82 12.29
N MET A 21 0.20 -5.38 13.41
CA MET A 21 0.71 -3.99 13.47
C MET A 21 1.81 -3.78 12.42
N LYS A 22 2.78 -4.66 12.36
CA LYS A 22 3.86 -4.48 11.34
C LYS A 22 3.21 -4.23 9.98
N ALA A 23 2.16 -4.92 9.66
CA ALA A 23 1.48 -4.66 8.37
C ALA A 23 0.90 -3.24 8.43
N ARG A 24 0.53 -2.82 9.61
CA ARG A 24 -0.02 -1.45 9.81
C ARG A 24 1.14 -0.44 9.74
N ARG A 25 2.30 -0.84 10.22
CA ARG A 25 3.47 0.08 10.16
C ARG A 25 3.90 0.20 8.71
N ALA A 26 4.02 -0.91 8.04
CA ALA A 26 4.41 -0.88 6.60
C ALA A 26 3.45 0.08 5.87
N TRP A 27 2.19 -0.02 6.18
CA TRP A 27 1.19 0.87 5.56
C TRP A 27 1.53 2.33 5.86
N THR A 28 2.25 2.58 6.92
CA THR A 28 2.62 4.00 7.22
C THR A 28 3.72 4.47 6.25
N ASP A 29 4.82 3.76 6.21
CA ASP A 29 5.94 4.16 5.32
C ASP A 29 5.43 4.39 3.89
N VAL A 30 4.65 3.48 3.38
CA VAL A 30 4.13 3.66 1.99
C VAL A 30 3.12 4.81 1.98
N ILE A 31 2.35 4.96 3.03
CA ILE A 31 1.36 6.07 3.05
C ILE A 31 2.13 7.38 2.85
N GLN A 32 3.34 7.42 3.30
CA GLN A 32 4.16 8.65 3.15
C GLN A 32 4.67 8.69 1.70
N THR A 33 4.78 7.57 1.06
CA THR A 33 5.28 7.53 -0.35
C THR A 33 4.10 7.67 -1.32
N LEU A 34 2.95 7.17 -0.98
CA LEU A 34 1.79 7.28 -1.92
C LEU A 34 1.46 8.76 -2.13
N ARG A 35 1.32 9.52 -1.09
CA ARG A 35 1.00 10.97 -1.26
C ARG A 35 2.01 11.59 -2.22
N GLU A 36 3.18 11.03 -2.30
CA GLU A 36 4.22 11.56 -3.23
C GLU A 36 3.80 11.19 -4.66
N HIS A 37 2.60 10.72 -4.82
CA HIS A 37 2.09 10.33 -6.17
C HIS A 37 0.72 10.99 -6.40
N LYS A 38 -0.13 10.37 -7.19
CA LYS A 38 -1.49 10.94 -7.47
C LYS A 38 -2.51 9.90 -7.05
N CYS A 39 -2.33 9.32 -5.90
CA CYS A 39 -3.28 8.30 -5.40
C CYS A 39 -3.49 8.53 -3.90
N GLN A 40 -4.65 9.01 -3.53
CA GLN A 40 -4.91 9.27 -2.09
C GLN A 40 -4.89 7.93 -1.33
N PRO A 41 -3.93 7.72 -0.44
CA PRO A 41 -3.83 6.44 0.33
C PRO A 41 -4.66 6.45 1.60
N ARG A 42 -5.12 5.31 2.04
CA ARG A 42 -5.93 5.28 3.30
C ARG A 42 -5.75 3.93 3.99
N LEU A 43 -5.62 3.94 5.29
CA LEU A 43 -5.46 2.67 6.05
C LEU A 43 -6.83 2.23 6.56
N LEU A 44 -7.22 1.05 6.22
CA LEU A 44 -8.55 0.53 6.65
C LEU A 44 -8.32 -0.60 7.65
N TYR A 45 -9.21 -1.57 7.69
CA TYR A 45 -9.10 -2.77 8.63
C TYR A 45 -7.77 -2.75 9.43
N PRO A 46 -7.76 -3.19 10.68
CA PRO A 46 -6.54 -3.22 11.54
C PRO A 46 -5.22 -3.19 10.78
N ALA A 47 -5.20 -3.61 9.54
CA ALA A 47 -3.93 -3.56 8.77
C ALA A 47 -4.21 -3.73 7.26
N LYS A 48 -5.20 -3.06 6.71
CA LYS A 48 -5.47 -3.21 5.23
C LYS A 48 -5.14 -1.88 4.53
N LEU A 49 -4.48 -1.93 3.40
CA LEU A 49 -4.08 -0.67 2.68
C LEU A 49 -4.75 -0.57 1.31
N SER A 50 -5.38 0.56 1.04
CA SER A 50 -6.05 0.78 -0.27
C SER A 50 -5.35 1.92 -1.03
N ILE A 51 -5.49 1.95 -2.33
CA ILE A 51 -4.84 3.01 -3.15
C ILE A 51 -5.75 3.38 -4.34
N THR A 52 -5.73 4.62 -4.74
CA THR A 52 -6.58 5.06 -5.91
C THR A 52 -5.70 5.17 -7.16
N ILE A 53 -5.92 4.32 -8.13
CA ILE A 53 -5.10 4.39 -9.39
C ILE A 53 -6.02 4.18 -10.60
N ASP A 54 -5.75 4.87 -11.67
CA ASP A 54 -6.59 4.75 -12.90
C ASP A 54 -8.07 4.67 -12.53
N GLY A 55 -8.45 5.31 -11.45
CA GLY A 55 -9.87 5.29 -11.03
C GLY A 55 -10.16 3.99 -10.27
N GLU A 56 -10.03 2.87 -10.93
CA GLU A 56 -10.29 1.57 -10.24
C GLU A 56 -9.42 1.48 -8.99
N THR A 57 -10.04 1.28 -7.87
CA THR A 57 -9.26 1.17 -6.59
C THR A 57 -8.83 -0.27 -6.37
N LYS A 58 -7.72 -0.47 -5.73
CA LYS A 58 -7.21 -1.85 -5.43
C LYS A 58 -6.84 -1.88 -3.95
N VAL A 59 -6.76 -3.03 -3.36
CA VAL A 59 -6.42 -3.09 -1.90
C VAL A 59 -5.55 -4.30 -1.59
N PHE A 60 -4.78 -4.23 -0.54
CA PHE A 60 -3.87 -5.35 -0.18
C PHE A 60 -3.88 -5.57 1.33
N HIS A 61 -3.74 -6.80 1.77
CA HIS A 61 -3.76 -7.09 3.24
C HIS A 61 -2.34 -7.34 3.78
N ASP A 62 -1.56 -8.16 3.13
CA ASP A 62 -0.16 -8.43 3.61
C ASP A 62 0.84 -7.60 2.80
N LYS A 63 2.03 -7.44 3.33
CA LYS A 63 3.08 -6.64 2.63
C LYS A 63 3.44 -7.29 1.29
N THR A 64 3.47 -8.58 1.22
CA THR A 64 3.83 -9.25 -0.06
C THR A 64 2.80 -8.90 -1.12
N LYS A 65 1.55 -9.15 -0.84
CA LYS A 65 0.49 -8.83 -1.83
C LYS A 65 0.72 -7.43 -2.41
N PHE A 66 1.04 -6.46 -1.58
CA PHE A 66 1.29 -5.09 -2.11
C PHE A 66 2.54 -5.12 -3.00
N THR A 67 3.67 -5.46 -2.45
CA THR A 67 4.91 -5.50 -3.27
C THR A 67 4.63 -6.24 -4.60
N GLN A 68 3.93 -7.33 -4.54
CA GLN A 68 3.62 -8.09 -5.78
C GLN A 68 2.94 -7.15 -6.78
N TYR A 69 1.90 -6.47 -6.35
CA TYR A 69 1.20 -5.52 -7.27
C TYR A 69 2.25 -4.66 -7.98
N LEU A 70 3.27 -4.27 -7.28
CA LEU A 70 4.33 -3.44 -7.93
C LEU A 70 5.24 -4.34 -8.77
N SER A 71 5.67 -5.45 -8.23
CA SER A 71 6.55 -6.35 -9.00
C SER A 71 5.95 -6.57 -10.39
N THR A 72 4.66 -6.43 -10.50
CA THR A 72 3.98 -6.60 -11.82
C THR A 72 3.67 -5.24 -12.42
N ASN A 73 4.03 -4.18 -11.74
CA ASN A 73 3.76 -2.80 -12.27
C ASN A 73 4.97 -1.91 -11.99
N PRO A 74 6.03 -2.09 -12.74
CA PRO A 74 7.29 -1.30 -12.58
C PRO A 74 7.04 0.22 -12.56
N ALA A 75 6.01 0.68 -13.22
CA ALA A 75 5.73 2.14 -13.22
C ALA A 75 5.78 2.67 -11.78
N LEU A 76 5.10 2.02 -10.88
CA LEU A 76 5.11 2.47 -9.46
C LEU A 76 6.48 2.15 -8.84
N GLN A 77 6.82 0.90 -8.77
CA GLN A 77 8.12 0.48 -8.15
C GLN A 77 9.24 1.43 -8.61
N ARG A 78 9.09 2.03 -9.75
CA ARG A 78 10.14 2.94 -10.25
C ARG A 78 10.03 4.30 -9.54
N ILE A 79 8.84 4.78 -9.35
CA ILE A 79 8.66 6.10 -8.68
C ILE A 79 8.67 5.93 -7.16
N ILE A 80 7.78 5.14 -6.62
CA ILE A 80 7.75 4.95 -5.14
C ILE A 80 9.17 4.68 -4.62
N PHE A 16 -1.39 -9.15 17.46
CA PHE A 16 -1.54 -8.04 16.49
C PHE A 16 -0.31 -7.13 16.55
N SER A 17 0.22 -6.97 17.72
CA SER A 17 1.41 -6.10 17.90
C SER A 17 2.51 -6.44 16.89
N PRO A 18 2.86 -7.70 16.79
CA PRO A 18 3.94 -8.14 15.86
C PRO A 18 3.45 -8.43 14.42
N GLU A 19 2.34 -9.10 14.27
CA GLU A 19 1.86 -9.42 12.88
C GLU A 19 0.98 -8.29 12.31
N THR A 20 -0.07 -7.95 12.98
CA THR A 20 -0.99 -6.89 12.47
C THR A 20 -0.31 -5.54 12.40
N MET A 21 0.37 -5.16 13.43
CA MET A 21 1.00 -3.81 13.40
C MET A 21 2.06 -3.75 12.31
N LYS A 22 2.77 -4.82 12.07
CA LYS A 22 3.79 -4.78 10.99
C LYS A 22 3.11 -4.33 9.71
N ALA A 23 1.93 -4.82 9.43
CA ALA A 23 1.21 -4.35 8.21
C ALA A 23 0.90 -2.86 8.41
N ARG A 24 0.42 -2.52 9.57
CA ARG A 24 0.11 -1.10 9.88
C ARG A 24 1.37 -0.25 9.65
N ARG A 25 2.50 -0.77 10.04
CA ARG A 25 3.77 -0.02 9.84
C ARG A 25 4.06 0.01 8.35
N ALA A 26 4.13 -1.13 7.73
CA ALA A 26 4.39 -1.18 6.26
C ALA A 26 3.37 -0.27 5.58
N TRP A 27 2.22 -0.13 6.18
CA TRP A 27 1.15 0.73 5.60
C TRP A 27 1.47 2.19 5.92
N THR A 28 2.35 2.43 6.85
CA THR A 28 2.71 3.85 7.18
C THR A 28 3.77 4.34 6.19
N ASP A 29 4.82 3.57 6.00
CA ASP A 29 5.89 3.97 5.05
C ASP A 29 5.30 4.25 3.67
N VAL A 30 4.36 3.45 3.24
CA VAL A 30 3.76 3.67 1.90
C VAL A 30 2.80 4.85 1.96
N ILE A 31 2.18 5.09 3.09
CA ILE A 31 1.23 6.23 3.19
C ILE A 31 1.97 7.53 2.80
N GLN A 32 3.18 7.71 3.26
CA GLN A 32 3.93 8.94 2.90
C GLN A 32 4.44 8.83 1.47
N THR A 33 4.72 7.64 1.01
CA THR A 33 5.22 7.48 -0.38
C THR A 33 4.07 7.65 -1.37
N LEU A 34 3.04 6.85 -1.26
CA LEU A 34 1.89 6.98 -2.19
C LEU A 34 1.51 8.47 -2.31
N ARG A 35 1.06 9.04 -1.23
CA ARG A 35 0.65 10.47 -1.24
C ARG A 35 1.74 11.35 -1.87
N GLU A 36 2.89 10.80 -2.16
CA GLU A 36 3.95 11.66 -2.76
C GLU A 36 3.63 11.93 -4.23
N HIS A 37 2.76 11.15 -4.84
CA HIS A 37 2.39 11.38 -6.27
C HIS A 37 0.86 11.35 -6.44
N LYS A 38 0.39 10.95 -7.59
CA LYS A 38 -1.08 10.94 -7.84
C LYS A 38 -1.74 9.68 -7.28
N CYS A 39 -1.90 9.61 -5.99
CA CYS A 39 -2.56 8.42 -5.37
C CYS A 39 -2.78 8.69 -3.89
N GLN A 40 -3.98 9.05 -3.53
CA GLN A 40 -4.26 9.33 -2.10
C GLN A 40 -4.33 7.99 -1.32
N PRO A 41 -3.44 7.73 -0.39
CA PRO A 41 -3.44 6.46 0.39
C PRO A 41 -4.45 6.46 1.54
N ARG A 42 -5.02 5.31 1.83
CA ARG A 42 -6.02 5.23 2.94
C ARG A 42 -5.85 3.86 3.64
N LEU A 43 -5.72 3.86 4.94
CA LEU A 43 -5.57 2.58 5.70
C LEU A 43 -6.95 2.16 6.21
N LEU A 44 -7.36 0.99 5.86
CA LEU A 44 -8.70 0.48 6.30
C LEU A 44 -8.48 -0.60 7.36
N TYR A 45 -9.36 -1.58 7.44
CA TYR A 45 -9.26 -2.71 8.45
C TYR A 45 -7.89 -2.70 9.15
N PRO A 46 -7.81 -3.01 10.45
CA PRO A 46 -6.54 -3.01 11.23
C PRO A 46 -5.27 -3.18 10.39
N ALA A 47 -5.38 -3.75 9.22
CA ALA A 47 -4.17 -3.90 8.37
C ALA A 47 -4.57 -3.97 6.88
N LYS A 48 -5.49 -3.12 6.42
CA LYS A 48 -5.89 -3.16 4.97
C LYS A 48 -5.43 -1.85 4.32
N LEU A 49 -4.50 -1.92 3.40
CA LEU A 49 -3.98 -0.68 2.73
C LEU A 49 -4.67 -0.51 1.37
N SER A 50 -5.40 0.57 1.22
CA SER A 50 -6.09 0.84 -0.08
C SER A 50 -5.36 1.93 -0.85
N ILE A 51 -5.44 1.92 -2.15
CA ILE A 51 -4.75 2.95 -2.97
C ILE A 51 -5.64 3.35 -4.16
N THR A 52 -5.56 4.60 -4.56
CA THR A 52 -6.38 5.07 -5.72
C THR A 52 -5.51 5.13 -6.97
N ILE A 53 -5.74 4.26 -7.91
CA ILE A 53 -4.95 4.27 -9.17
C ILE A 53 -5.89 4.02 -10.36
N ASP A 54 -5.63 4.67 -11.46
CA ASP A 54 -6.50 4.49 -12.66
C ASP A 54 -7.97 4.51 -12.25
N GLY A 55 -8.28 5.21 -11.19
CA GLY A 55 -9.71 5.27 -10.73
C GLY A 55 -10.08 3.98 -10.02
N GLU A 56 -9.63 2.86 -10.51
CA GLU A 56 -9.98 1.57 -9.86
C GLU A 56 -9.28 1.49 -8.50
N THR A 57 -10.05 1.27 -7.45
CA THR A 57 -9.45 1.17 -6.09
C THR A 57 -8.99 -0.27 -5.85
N LYS A 58 -7.81 -0.44 -5.30
CA LYS A 58 -7.28 -1.82 -5.03
C LYS A 58 -6.82 -1.84 -3.57
N VAL A 59 -6.69 -3.00 -2.99
CA VAL A 59 -6.25 -3.07 -1.56
C VAL A 59 -5.33 -4.27 -1.35
N PHE A 60 -4.56 -4.23 -0.30
CA PHE A 60 -3.60 -5.33 -0.01
C PHE A 60 -3.57 -5.60 1.49
N HIS A 61 -3.78 -6.82 1.89
CA HIS A 61 -3.80 -7.16 3.34
C HIS A 61 -2.38 -7.52 3.83
N ASP A 62 -1.63 -8.27 3.06
CA ASP A 62 -0.25 -8.67 3.49
C ASP A 62 0.80 -7.87 2.72
N LYS A 63 1.98 -7.75 3.26
CA LYS A 63 3.05 -6.97 2.57
C LYS A 63 3.38 -7.63 1.21
N THR A 64 3.33 -8.94 1.14
CA THR A 64 3.63 -9.62 -0.15
C THR A 64 2.59 -9.23 -1.17
N LYS A 65 1.34 -9.32 -0.82
CA LYS A 65 0.27 -8.97 -1.76
C LYS A 65 0.58 -7.60 -2.38
N PHE A 66 0.93 -6.65 -1.58
CA PHE A 66 1.28 -5.30 -2.12
C PHE A 66 2.54 -5.43 -2.99
N THR A 67 3.63 -5.85 -2.41
CA THR A 67 4.90 -5.98 -3.21
C THR A 67 4.61 -6.61 -4.57
N GLN A 68 3.95 -7.74 -4.58
CA GLN A 68 3.62 -8.41 -5.89
C GLN A 68 2.95 -7.41 -6.82
N TYR A 69 1.96 -6.71 -6.35
CA TYR A 69 1.26 -5.72 -7.22
C TYR A 69 2.28 -4.84 -7.94
N LEU A 70 3.29 -4.41 -7.26
CA LEU A 70 4.33 -3.55 -7.91
C LEU A 70 5.27 -4.43 -8.72
N SER A 71 5.67 -5.55 -8.20
CA SER A 71 6.59 -6.44 -8.97
C SER A 71 6.04 -6.62 -10.37
N THR A 72 4.74 -6.49 -10.52
CA THR A 72 4.10 -6.63 -11.86
C THR A 72 3.76 -5.25 -12.42
N ASN A 73 4.18 -4.19 -11.75
CA ASN A 73 3.89 -2.81 -12.25
C ASN A 73 5.12 -1.94 -12.04
N PRO A 74 6.15 -2.17 -12.82
CA PRO A 74 7.41 -1.41 -12.73
C PRO A 74 7.17 0.10 -12.79
N ALA A 75 5.96 0.50 -13.11
CA ALA A 75 5.64 1.95 -13.20
C ALA A 75 5.66 2.56 -11.81
N LEU A 76 4.93 1.99 -10.89
CA LEU A 76 4.92 2.57 -9.51
C LEU A 76 6.28 2.31 -8.86
N GLN A 77 6.92 1.22 -9.18
CA GLN A 77 8.26 0.93 -8.58
C GLN A 77 9.17 2.14 -8.77
N ARG A 78 9.11 2.75 -9.92
CA ARG A 78 9.97 3.93 -10.20
C ARG A 78 9.53 5.10 -9.32
N ILE A 79 8.25 5.34 -9.21
CA ILE A 79 7.78 6.48 -8.37
C ILE A 79 8.07 6.16 -6.88
N ILE A 80 7.52 5.10 -6.38
CA ILE A 80 7.75 4.76 -4.94
C ILE A 80 9.25 4.61 -4.69
N PHE A 16 -1.98 -8.73 18.18
CA PHE A 16 -2.05 -7.71 17.09
C PHE A 16 -0.78 -6.85 17.13
N SER A 17 -0.35 -6.50 18.30
CA SER A 17 0.86 -5.65 18.44
C SER A 17 2.05 -6.19 17.64
N PRO A 18 2.28 -7.47 17.66
CA PRO A 18 3.42 -8.08 16.94
C PRO A 18 3.17 -8.29 15.44
N GLU A 19 2.14 -9.00 15.09
CA GLU A 19 1.88 -9.29 13.64
C GLU A 19 1.02 -8.20 12.97
N THR A 20 -0.14 -7.96 13.48
CA THR A 20 -1.04 -6.94 12.85
C THR A 20 -0.36 -5.58 12.76
N MET A 21 0.27 -5.16 13.81
CA MET A 21 0.89 -3.81 13.77
C MET A 21 2.01 -3.79 12.73
N LYS A 22 2.72 -4.87 12.54
CA LYS A 22 3.79 -4.85 11.51
C LYS A 22 3.17 -4.41 10.19
N ALA A 23 2.02 -4.92 9.85
CA ALA A 23 1.38 -4.49 8.59
C ALA A 23 1.04 -3.00 8.73
N ARG A 24 0.58 -2.62 9.89
CA ARG A 24 0.25 -1.18 10.13
C ARG A 24 1.50 -0.34 9.91
N ARG A 25 2.62 -0.77 10.45
CA ARG A 25 3.89 -0.01 10.27
C ARG A 25 4.26 -0.02 8.79
N ALA A 26 4.31 -1.18 8.19
CA ALA A 26 4.63 -1.24 6.74
C ALA A 26 3.68 -0.32 5.99
N TRP A 27 2.44 -0.35 6.39
CA TRP A 27 1.40 0.51 5.75
C TRP A 27 1.71 1.99 6.04
N THR A 28 2.57 2.26 6.98
CA THR A 28 2.91 3.67 7.27
C THR A 28 3.91 4.18 6.22
N ASP A 29 4.86 3.36 5.87
CA ASP A 29 5.88 3.77 4.87
C ASP A 29 5.21 4.07 3.53
N VAL A 30 4.29 3.23 3.10
CA VAL A 30 3.63 3.48 1.80
C VAL A 30 2.65 4.65 1.96
N ILE A 31 2.22 4.94 3.15
CA ILE A 31 1.27 6.08 3.33
C ILE A 31 1.98 7.38 2.94
N GLN A 32 3.21 7.55 3.35
CA GLN A 32 3.94 8.80 3.01
C GLN A 32 4.41 8.77 1.55
N THR A 33 4.68 7.60 1.02
CA THR A 33 5.16 7.52 -0.39
C THR A 33 3.99 7.77 -1.35
N LEU A 34 2.96 6.97 -1.27
CA LEU A 34 1.78 7.16 -2.19
C LEU A 34 1.45 8.66 -2.26
N ARG A 35 1.42 9.30 -1.13
CA ARG A 35 1.11 10.76 -1.10
C ARG A 35 2.07 11.52 -2.01
N GLU A 36 3.03 10.85 -2.62
CA GLU A 36 4.00 11.59 -3.49
C GLU A 36 3.42 11.83 -4.88
N HIS A 37 2.43 11.06 -5.31
CA HIS A 37 1.85 11.29 -6.68
C HIS A 37 0.32 11.32 -6.62
N LYS A 38 -0.33 10.96 -7.70
CA LYS A 38 -1.82 11.00 -7.74
C LYS A 38 -2.41 9.73 -7.10
N CYS A 39 -2.49 9.71 -5.80
CA CYS A 39 -3.07 8.51 -5.14
C CYS A 39 -3.23 8.80 -3.65
N GLN A 40 -4.41 9.12 -3.22
CA GLN A 40 -4.61 9.39 -1.77
C GLN A 40 -4.53 8.06 -1.00
N PRO A 41 -3.58 7.87 -0.12
CA PRO A 41 -3.44 6.59 0.63
C PRO A 41 -4.47 6.48 1.76
N ARG A 42 -4.85 5.28 2.11
CA ARG A 42 -5.84 5.10 3.20
C ARG A 42 -5.64 3.74 3.89
N LEU A 43 -5.58 3.70 5.19
CA LEU A 43 -5.42 2.42 5.92
C LEU A 43 -6.80 1.97 6.41
N LEU A 44 -7.25 0.87 5.93
CA LEU A 44 -8.58 0.35 6.35
C LEU A 44 -8.40 -0.75 7.39
N TYR A 45 -9.29 -1.72 7.44
CA TYR A 45 -9.21 -2.86 8.45
C TYR A 45 -7.84 -2.87 9.16
N PRO A 46 -7.78 -3.17 10.45
CA PRO A 46 -6.51 -3.17 11.23
C PRO A 46 -5.23 -3.31 10.39
N ALA A 47 -5.32 -3.91 9.24
CA ALA A 47 -4.11 -4.03 8.37
C ALA A 47 -4.52 -4.11 6.89
N LYS A 48 -5.40 -3.22 6.42
CA LYS A 48 -5.79 -3.25 4.97
C LYS A 48 -5.39 -1.92 4.34
N LEU A 49 -4.56 -1.96 3.31
CA LEU A 49 -4.07 -0.69 2.66
C LEU A 49 -4.74 -0.51 1.29
N SER A 50 -5.53 0.53 1.14
CA SER A 50 -6.21 0.80 -0.17
C SER A 50 -5.51 1.98 -0.85
N ILE A 51 -5.56 2.04 -2.15
CA ILE A 51 -4.87 3.14 -2.91
C ILE A 51 -5.70 3.53 -4.15
N THR A 52 -5.62 4.78 -4.53
CA THR A 52 -6.36 5.26 -5.75
C THR A 52 -5.39 5.32 -6.93
N ILE A 53 -5.63 4.56 -7.97
CA ILE A 53 -4.74 4.58 -9.17
C ILE A 53 -5.61 4.56 -10.43
N ASP A 54 -5.35 5.46 -11.34
CA ASP A 54 -6.17 5.51 -12.60
C ASP A 54 -7.64 5.35 -12.25
N GLY A 55 -8.01 5.72 -11.06
CA GLY A 55 -9.43 5.59 -10.64
C GLY A 55 -9.67 4.19 -10.05
N GLU A 56 -9.26 3.16 -10.75
CA GLU A 56 -9.47 1.78 -10.23
C GLU A 56 -8.85 1.67 -8.83
N THR A 57 -9.64 1.23 -7.88
CA THR A 57 -9.12 1.08 -6.49
C THR A 57 -8.54 -0.32 -6.28
N LYS A 58 -7.44 -0.43 -5.58
CA LYS A 58 -6.83 -1.78 -5.33
C LYS A 58 -6.44 -1.83 -3.84
N VAL A 59 -6.50 -2.99 -3.23
CA VAL A 59 -6.15 -3.08 -1.78
C VAL A 59 -5.33 -4.35 -1.52
N PHE A 60 -4.60 -4.38 -0.43
CA PHE A 60 -3.75 -5.58 -0.11
C PHE A 60 -3.82 -5.86 1.39
N HIS A 61 -3.89 -7.11 1.76
CA HIS A 61 -3.96 -7.48 3.21
C HIS A 61 -2.57 -7.91 3.68
N ASP A 62 -1.75 -8.39 2.78
CA ASP A 62 -0.36 -8.84 3.16
C ASP A 62 0.67 -7.88 2.54
N LYS A 63 1.87 -7.88 3.05
CA LYS A 63 2.92 -6.98 2.49
C LYS A 63 3.45 -7.55 1.18
N THR A 64 3.48 -8.85 1.06
CA THR A 64 3.98 -9.47 -0.20
C THR A 64 3.02 -9.14 -1.34
N LYS A 65 1.77 -9.40 -1.16
CA LYS A 65 0.78 -9.12 -2.23
C LYS A 65 1.01 -7.71 -2.78
N PHE A 66 1.25 -6.75 -1.93
CA PHE A 66 1.51 -5.37 -2.43
C PHE A 66 2.75 -5.40 -3.31
N THR A 67 3.88 -5.73 -2.74
CA THR A 67 5.14 -5.78 -3.54
C THR A 67 4.87 -6.49 -4.87
N GLN A 68 4.15 -7.58 -4.85
CA GLN A 68 3.86 -8.29 -6.13
C GLN A 68 3.10 -7.37 -7.07
N TYR A 69 2.06 -6.73 -6.59
CA TYR A 69 1.29 -5.79 -7.47
C TYR A 69 2.27 -4.87 -8.20
N LEU A 70 3.30 -4.45 -7.53
CA LEU A 70 4.30 -3.55 -8.20
C LEU A 70 5.26 -4.41 -9.03
N SER A 71 5.67 -5.53 -8.50
CA SER A 71 6.59 -6.40 -9.27
C SER A 71 5.99 -6.63 -10.66
N THR A 72 4.69 -6.56 -10.76
CA THR A 72 4.02 -6.75 -12.09
C THR A 72 3.74 -5.38 -12.70
N ASN A 73 3.93 -4.32 -11.94
CA ASN A 73 3.68 -2.94 -12.46
C ASN A 73 4.96 -2.12 -12.22
N PRO A 74 5.90 -2.13 -13.13
CA PRO A 74 7.17 -1.37 -12.95
C PRO A 74 6.95 0.14 -13.06
N ALA A 75 5.75 0.54 -13.37
CA ALA A 75 5.47 2.00 -13.49
C ALA A 75 5.47 2.62 -12.09
N LEU A 76 4.70 2.08 -11.18
CA LEU A 76 4.67 2.64 -9.80
C LEU A 76 6.01 2.34 -9.11
N GLN A 77 6.53 1.16 -9.34
CA GLN A 77 7.81 0.77 -8.69
C GLN A 77 8.88 1.87 -8.87
N ARG A 78 8.98 2.46 -10.02
CA ARG A 78 10.02 3.51 -10.20
C ARG A 78 9.55 4.79 -9.52
N ILE A 79 8.27 5.02 -9.45
CA ILE A 79 7.78 6.26 -8.77
C ILE A 79 7.96 6.11 -7.26
N ILE A 80 7.36 5.10 -6.68
CA ILE A 80 7.50 4.91 -5.20
C ILE A 80 8.99 4.82 -4.84
N PHE A 16 -1.55 -8.37 18.16
CA PHE A 16 -1.70 -7.47 16.98
C PHE A 16 -0.60 -6.41 17.02
N SER A 17 0.00 -6.25 18.16
CA SER A 17 1.06 -5.23 18.31
C SER A 17 2.32 -5.62 17.53
N PRO A 18 2.68 -6.88 17.52
CA PRO A 18 3.90 -7.35 16.82
C PRO A 18 3.65 -7.76 15.36
N GLU A 19 2.66 -8.58 15.11
CA GLU A 19 2.41 -9.05 13.71
C GLU A 19 1.47 -8.11 12.94
N THR A 20 0.28 -7.90 13.45
CA THR A 20 -0.69 -7.03 12.74
C THR A 20 -0.14 -5.63 12.59
N MET A 21 0.43 -5.09 13.63
CA MET A 21 0.94 -3.70 13.54
C MET A 21 2.01 -3.62 12.44
N LYS A 22 2.80 -4.64 12.27
CA LYS A 22 3.83 -4.58 11.18
C LYS A 22 3.12 -4.28 9.88
N ALA A 23 2.01 -4.91 9.62
CA ALA A 23 1.27 -4.61 8.37
C ALA A 23 0.89 -3.13 8.40
N ARG A 24 0.54 -2.64 9.56
CA ARG A 24 0.16 -1.20 9.67
C ARG A 24 1.43 -0.35 9.51
N ARG A 25 2.53 -0.87 10.01
CA ARG A 25 3.82 -0.13 9.90
C ARG A 25 4.24 -0.13 8.42
N ALA A 26 4.08 -1.23 7.76
CA ALA A 26 4.42 -1.28 6.31
C ALA A 26 3.44 -0.37 5.57
N TRP A 27 2.26 -0.24 6.12
CA TRP A 27 1.25 0.65 5.49
C TRP A 27 1.59 2.10 5.84
N THR A 28 2.43 2.30 6.83
CA THR A 28 2.80 3.69 7.20
C THR A 28 3.88 4.21 6.25
N ASP A 29 4.98 3.51 6.16
CA ASP A 29 6.09 3.94 5.27
C ASP A 29 5.55 4.22 3.87
N VAL A 30 4.75 3.33 3.35
CA VAL A 30 4.20 3.55 2.00
C VAL A 30 3.16 4.68 2.03
N ILE A 31 2.40 4.77 3.09
CA ILE A 31 1.39 5.88 3.15
C ILE A 31 2.11 7.19 2.87
N GLN A 32 3.34 7.30 3.29
CA GLN A 32 4.11 8.53 3.04
C GLN A 32 4.54 8.53 1.57
N THR A 33 4.73 7.38 1.01
CA THR A 33 5.15 7.29 -0.42
C THR A 33 3.93 7.47 -1.33
N LEU A 34 2.85 6.78 -1.06
CA LEU A 34 1.64 6.90 -1.92
C LEU A 34 1.27 8.39 -2.06
N ARG A 35 0.83 8.98 -0.98
CA ARG A 35 0.41 10.41 -1.02
C ARG A 35 1.54 11.29 -1.55
N GLU A 36 2.70 10.75 -1.81
CA GLU A 36 3.81 11.60 -2.33
C GLU A 36 3.60 11.83 -3.83
N HIS A 37 2.75 11.03 -4.45
CA HIS A 37 2.47 11.21 -5.92
C HIS A 37 0.96 11.18 -6.17
N LYS A 38 0.53 10.74 -7.32
CA LYS A 38 -0.94 10.72 -7.61
C LYS A 38 -1.60 9.46 -7.08
N CYS A 39 -1.68 9.31 -5.78
CA CYS A 39 -2.36 8.11 -5.21
C CYS A 39 -2.77 8.40 -3.76
N GLN A 40 -4.01 8.68 -3.53
CA GLN A 40 -4.49 8.97 -2.15
C GLN A 40 -4.55 7.65 -1.34
N PRO A 41 -3.74 7.47 -0.31
CA PRO A 41 -3.75 6.23 0.52
C PRO A 41 -4.67 6.31 1.73
N ARG A 42 -5.28 5.20 2.09
CA ARG A 42 -6.19 5.17 3.27
C ARG A 42 -6.07 3.78 3.92
N LEU A 43 -5.74 3.70 5.19
CA LEU A 43 -5.61 2.38 5.85
C LEU A 43 -6.98 1.91 6.34
N LEU A 44 -7.41 0.77 5.88
CA LEU A 44 -8.73 0.21 6.31
C LEU A 44 -8.45 -0.87 7.36
N TYR A 45 -9.38 -1.81 7.53
CA TYR A 45 -9.23 -2.95 8.53
C TYR A 45 -7.86 -2.95 9.24
N PRO A 46 -7.80 -3.28 10.51
CA PRO A 46 -6.52 -3.29 11.30
C PRO A 46 -5.26 -3.51 10.45
N ALA A 47 -5.39 -4.10 9.29
CA ALA A 47 -4.20 -4.28 8.42
C ALA A 47 -4.64 -4.44 6.96
N LYS A 48 -5.47 -3.54 6.46
CA LYS A 48 -5.89 -3.62 5.03
C LYS A 48 -5.66 -2.25 4.41
N LEU A 49 -4.81 -2.17 3.40
CA LEU A 49 -4.50 -0.86 2.77
C LEU A 49 -5.16 -0.73 1.40
N SER A 50 -5.78 0.38 1.15
CA SER A 50 -6.44 0.63 -0.17
C SER A 50 -5.68 1.76 -0.86
N ILE A 51 -5.40 1.61 -2.13
CA ILE A 51 -4.65 2.65 -2.88
C ILE A 51 -5.36 2.97 -4.21
N THR A 52 -5.42 4.23 -4.55
CA THR A 52 -6.11 4.65 -5.81
C THR A 52 -5.07 4.87 -6.92
N ILE A 53 -5.41 4.55 -8.16
CA ILE A 53 -4.47 4.77 -9.29
C ILE A 53 -5.26 5.25 -10.51
N ASP A 54 -5.11 6.49 -10.88
CA ASP A 54 -5.86 7.03 -12.06
C ASP A 54 -7.31 6.54 -12.04
N GLY A 55 -7.84 6.27 -10.87
CA GLY A 55 -9.26 5.80 -10.75
C GLY A 55 -9.31 4.32 -10.37
N GLU A 56 -8.45 3.51 -10.94
CA GLU A 56 -8.48 2.05 -10.60
C GLU A 56 -8.20 1.87 -9.10
N THR A 57 -9.19 1.44 -8.37
CA THR A 57 -9.01 1.22 -6.90
C THR A 57 -8.59 -0.23 -6.63
N LYS A 58 -7.61 -0.43 -5.78
CA LYS A 58 -7.16 -1.82 -5.46
C LYS A 58 -6.86 -1.89 -3.96
N VAL A 59 -6.80 -3.07 -3.39
CA VAL A 59 -6.52 -3.18 -1.93
C VAL A 59 -5.69 -4.42 -1.65
N PHE A 60 -4.88 -4.38 -0.60
CA PHE A 60 -4.03 -5.54 -0.25
C PHE A 60 -4.00 -5.71 1.28
N HIS A 61 -3.97 -6.93 1.75
CA HIS A 61 -3.96 -7.19 3.23
C HIS A 61 -2.54 -7.55 3.69
N ASP A 62 -1.70 -8.02 2.79
CA ASP A 62 -0.31 -8.43 3.18
C ASP A 62 0.72 -7.60 2.41
N LYS A 63 1.84 -7.30 3.03
CA LYS A 63 2.88 -6.49 2.34
C LYS A 63 3.40 -7.25 1.11
N THR A 64 3.44 -8.56 1.18
CA THR A 64 3.94 -9.34 0.02
C THR A 64 2.99 -9.15 -1.15
N LYS A 65 1.72 -9.33 -0.93
CA LYS A 65 0.74 -9.16 -2.03
C LYS A 65 0.92 -7.76 -2.63
N PHE A 66 1.05 -6.76 -1.80
CA PHE A 66 1.25 -5.37 -2.32
C PHE A 66 2.56 -5.34 -3.11
N THR A 67 3.66 -5.66 -2.46
CA THR A 67 4.96 -5.65 -3.18
C THR A 67 4.82 -6.41 -4.50
N GLN A 68 4.17 -7.55 -4.46
CA GLN A 68 3.97 -8.34 -5.71
C GLN A 68 3.19 -7.49 -6.71
N TYR A 69 2.15 -6.85 -6.27
CA TYR A 69 1.36 -5.99 -7.20
C TYR A 69 2.32 -5.04 -7.91
N LEU A 70 3.35 -4.60 -7.24
CA LEU A 70 4.33 -3.67 -7.88
C LEU A 70 5.34 -4.48 -8.68
N SER A 71 5.82 -5.57 -8.14
CA SER A 71 6.79 -6.41 -8.88
C SER A 71 6.22 -6.66 -10.28
N THR A 72 4.92 -6.65 -10.41
CA THR A 72 4.28 -6.88 -11.73
C THR A 72 3.81 -5.55 -12.34
N ASN A 73 4.02 -4.45 -11.64
CA ASN A 73 3.61 -3.11 -12.19
C ASN A 73 4.75 -2.10 -12.00
N PRO A 74 5.75 -2.18 -12.84
CA PRO A 74 6.93 -1.27 -12.77
C PRO A 74 6.52 0.21 -12.90
N ALA A 75 5.33 0.47 -13.38
CA ALA A 75 4.88 1.88 -13.53
C ALA A 75 4.92 2.58 -12.17
N LEU A 76 4.26 2.03 -11.18
CA LEU A 76 4.28 2.68 -9.85
C LEU A 76 5.70 2.56 -9.30
N GLN A 77 6.24 1.37 -9.31
CA GLN A 77 7.62 1.15 -8.78
C GLN A 77 8.54 2.30 -9.22
N ARG A 78 8.38 2.80 -10.41
CA ARG A 78 9.22 3.93 -10.86
C ARG A 78 8.93 5.13 -9.97
N ILE A 79 7.67 5.43 -9.76
CA ILE A 79 7.30 6.58 -8.89
C ILE A 79 7.43 6.15 -7.42
N ILE A 80 7.48 4.86 -7.19
CA ILE A 80 7.58 4.31 -5.81
C ILE A 80 8.94 3.62 -5.65
N PHE A 16 -1.68 -7.79 18.60
CA PHE A 16 -1.77 -6.95 17.38
C PHE A 16 -0.54 -6.03 17.30
N SER A 17 0.45 -6.31 18.09
CA SER A 17 1.67 -5.44 18.11
C SER A 17 2.74 -5.95 17.16
N PRO A 18 3.00 -7.22 17.16
CA PRO A 18 4.06 -7.81 16.29
C PRO A 18 3.54 -8.22 14.90
N GLU A 19 2.42 -8.88 14.85
CA GLU A 19 1.90 -9.34 13.51
C GLU A 19 1.01 -8.27 12.84
N THR A 20 -0.02 -7.85 13.52
CA THR A 20 -0.95 -6.85 12.93
C THR A 20 -0.23 -5.54 12.68
N MET A 21 0.55 -5.11 13.62
CA MET A 21 1.21 -3.79 13.44
C MET A 21 2.18 -3.86 12.27
N LYS A 22 2.89 -4.95 12.07
CA LYS A 22 3.81 -5.00 10.90
C LYS A 22 3.02 -4.63 9.65
N ALA A 23 1.83 -5.12 9.51
CA ALA A 23 1.03 -4.74 8.33
C ALA A 23 0.73 -3.25 8.43
N ARG A 24 0.51 -2.78 9.64
CA ARG A 24 0.23 -1.33 9.86
C ARG A 24 1.50 -0.52 9.53
N ARG A 25 2.64 -1.03 9.90
CA ARG A 25 3.91 -0.32 9.61
C ARG A 25 4.12 -0.31 8.10
N ALA A 26 4.04 -1.47 7.49
CA ALA A 26 4.21 -1.52 6.00
C ALA A 26 3.19 -0.55 5.40
N TRP A 27 2.11 -0.34 6.09
CA TRP A 27 1.06 0.59 5.60
C TRP A 27 1.44 2.01 6.04
N THR A 28 2.33 2.15 6.98
CA THR A 28 2.73 3.51 7.44
C THR A 28 3.82 4.06 6.52
N ASP A 29 4.87 3.32 6.33
CA ASP A 29 5.99 3.79 5.47
C ASP A 29 5.47 4.07 4.06
N VAL A 30 4.67 3.19 3.52
CA VAL A 30 4.16 3.41 2.15
C VAL A 30 3.11 4.54 2.17
N ILE A 31 2.44 4.72 3.28
CA ILE A 31 1.41 5.80 3.35
C ILE A 31 2.07 7.15 3.01
N GLN A 32 3.27 7.39 3.48
CA GLN A 32 3.92 8.69 3.18
C GLN A 32 4.42 8.69 1.74
N THR A 33 4.79 7.54 1.22
CA THR A 33 5.29 7.48 -0.17
C THR A 33 4.13 7.64 -1.16
N LEU A 34 3.10 6.85 -1.04
CA LEU A 34 1.95 6.98 -1.98
C LEU A 34 1.55 8.46 -2.10
N ARG A 35 1.18 9.05 -0.99
CA ARG A 35 0.77 10.48 -1.02
C ARG A 35 1.83 11.33 -1.74
N GLU A 36 2.94 10.76 -2.13
CA GLU A 36 3.98 11.59 -2.82
C GLU A 36 3.68 11.67 -4.32
N HIS A 37 2.75 10.87 -4.83
CA HIS A 37 2.42 10.93 -6.28
C HIS A 37 0.89 10.97 -6.47
N LYS A 38 0.41 10.46 -7.57
CA LYS A 38 -1.07 10.48 -7.85
C LYS A 38 -1.77 9.26 -7.24
N CYS A 39 -1.94 9.26 -5.96
CA CYS A 39 -2.66 8.13 -5.31
C CYS A 39 -2.83 8.43 -3.83
N GLN A 40 -4.01 8.82 -3.46
CA GLN A 40 -4.28 9.14 -2.04
C GLN A 40 -4.34 7.82 -1.22
N PRO A 41 -3.42 7.59 -0.30
CA PRO A 41 -3.42 6.35 0.52
C PRO A 41 -4.41 6.39 1.68
N ARG A 42 -5.00 5.27 2.01
CA ARG A 42 -5.97 5.22 3.14
C ARG A 42 -5.86 3.86 3.83
N LEU A 43 -5.50 3.82 5.09
CA LEU A 43 -5.39 2.51 5.78
C LEU A 43 -6.79 2.03 6.20
N LEU A 44 -7.20 0.90 5.69
CA LEU A 44 -8.53 0.35 6.03
C LEU A 44 -8.36 -0.57 7.24
N TYR A 45 -9.28 -1.51 7.46
CA TYR A 45 -9.21 -2.49 8.62
C TYR A 45 -7.82 -2.47 9.29
N PRO A 46 -7.71 -2.62 10.60
CA PRO A 46 -6.41 -2.60 11.33
C PRO A 46 -5.19 -2.97 10.48
N ALA A 47 -5.37 -3.68 9.40
CA ALA A 47 -4.20 -4.02 8.54
C ALA A 47 -4.64 -4.14 7.06
N LYS A 48 -5.67 -3.42 6.65
CA LYS A 48 -6.10 -3.47 5.21
C LYS A 48 -5.68 -2.15 4.55
N LEU A 49 -4.89 -2.19 3.50
CA LEU A 49 -4.41 -0.93 2.86
C LEU A 49 -4.94 -0.77 1.43
N SER A 50 -5.58 0.34 1.14
CA SER A 50 -6.14 0.59 -0.23
C SER A 50 -5.38 1.75 -0.91
N ILE A 51 -5.36 1.74 -2.22
CA ILE A 51 -4.65 2.81 -2.98
C ILE A 51 -5.44 3.15 -4.26
N THR A 52 -5.29 4.37 -4.71
CA THR A 52 -6.02 4.80 -5.95
C THR A 52 -5.11 4.64 -7.17
N ILE A 53 -5.59 3.98 -8.19
CA ILE A 53 -4.77 3.77 -9.44
C ILE A 53 -5.65 4.07 -10.66
N ASP A 54 -5.29 5.06 -11.43
CA ASP A 54 -6.09 5.41 -12.64
C ASP A 54 -7.59 5.34 -12.32
N GLY A 55 -7.95 5.58 -11.09
CA GLY A 55 -9.39 5.54 -10.71
C GLY A 55 -9.71 4.18 -10.09
N GLU A 56 -9.40 3.11 -10.78
CA GLU A 56 -9.70 1.75 -10.23
C GLU A 56 -9.04 1.61 -8.86
N THR A 57 -9.81 1.24 -7.87
CA THR A 57 -9.25 1.06 -6.50
C THR A 57 -8.77 -0.38 -6.31
N LYS A 58 -7.64 -0.57 -5.67
CA LYS A 58 -7.11 -1.94 -5.41
C LYS A 58 -6.72 -2.02 -3.93
N VAL A 59 -6.76 -3.17 -3.32
CA VAL A 59 -6.43 -3.26 -1.86
C VAL A 59 -5.66 -4.54 -1.54
N PHE A 60 -4.90 -4.51 -0.47
CA PHE A 60 -4.09 -5.71 -0.07
C PHE A 60 -4.13 -5.89 1.45
N HIS A 61 -4.12 -7.12 1.90
CA HIS A 61 -4.14 -7.40 3.37
C HIS A 61 -2.74 -7.81 3.82
N ASP A 62 -1.94 -8.34 2.91
CA ASP A 62 -0.55 -8.77 3.27
C ASP A 62 0.47 -7.86 2.58
N LYS A 63 1.62 -7.69 3.17
CA LYS A 63 2.67 -6.80 2.56
C LYS A 63 3.19 -7.41 1.27
N THR A 64 3.30 -8.71 1.19
CA THR A 64 3.82 -9.32 -0.06
C THR A 64 2.84 -9.05 -1.20
N LYS A 65 1.60 -9.40 -1.03
CA LYS A 65 0.60 -9.17 -2.11
C LYS A 65 0.76 -7.74 -2.63
N PHE A 66 0.91 -6.78 -1.77
CA PHE A 66 1.09 -5.38 -2.25
C PHE A 66 2.40 -5.30 -3.04
N THR A 67 3.50 -5.58 -2.41
CA THR A 67 4.81 -5.53 -3.12
C THR A 67 4.70 -6.20 -4.49
N GLN A 68 3.96 -7.28 -4.57
CA GLN A 68 3.79 -7.95 -5.89
C GLN A 68 3.02 -7.03 -6.82
N TYR A 69 2.04 -6.35 -6.32
CA TYR A 69 1.25 -5.41 -7.19
C TYR A 69 2.21 -4.55 -8.01
N LEU A 70 3.25 -4.07 -7.38
CA LEU A 70 4.22 -3.22 -8.13
C LEU A 70 5.19 -4.12 -8.91
N SER A 71 5.65 -5.19 -8.31
CA SER A 71 6.60 -6.09 -9.02
C SER A 71 6.05 -6.38 -10.41
N THR A 72 4.75 -6.30 -10.58
CA THR A 72 4.14 -6.56 -11.91
C THR A 72 3.76 -5.23 -12.56
N ASN A 73 4.03 -4.13 -11.91
CA ASN A 73 3.69 -2.79 -12.50
C ASN A 73 4.86 -1.83 -12.23
N PRO A 74 5.92 -1.96 -12.98
CA PRO A 74 7.15 -1.11 -12.83
C PRO A 74 6.82 0.38 -12.82
N ALA A 75 5.66 0.76 -13.26
CA ALA A 75 5.31 2.21 -13.29
C ALA A 75 5.42 2.80 -11.88
N LEU A 76 4.89 2.13 -10.90
CA LEU A 76 4.97 2.68 -9.51
C LEU A 76 6.41 2.54 -8.97
N GLN A 77 6.95 1.34 -9.00
CA GLN A 77 8.34 1.13 -8.49
C GLN A 77 9.25 2.28 -8.96
N ARG A 78 8.92 2.90 -10.06
CA ARG A 78 9.76 4.01 -10.57
C ARG A 78 9.36 5.29 -9.82
N ILE A 79 8.10 5.43 -9.48
CA ILE A 79 7.64 6.65 -8.76
C ILE A 79 7.78 6.47 -7.25
N ILE A 80 7.13 5.49 -6.69
CA ILE A 80 7.22 5.28 -5.22
C ILE A 80 8.69 5.11 -4.82
N PHE A 16 -2.13 -9.27 17.30
CA PHE A 16 -2.18 -8.17 16.29
C PHE A 16 -0.89 -7.36 16.37
N SER A 17 -0.49 -7.00 17.56
CA SER A 17 0.76 -6.21 17.72
C SER A 17 1.89 -6.72 16.81
N PRO A 18 2.27 -7.96 16.95
CA PRO A 18 3.39 -8.55 16.15
C PRO A 18 3.06 -8.76 14.65
N GLU A 19 1.96 -9.40 14.35
CA GLU A 19 1.65 -9.69 12.90
C GLU A 19 0.87 -8.54 12.24
N THR A 20 -0.28 -8.23 12.77
CA THR A 20 -1.15 -7.17 12.16
C THR A 20 -0.46 -5.81 12.13
N MET A 21 0.20 -5.44 13.18
CA MET A 21 0.82 -4.09 13.20
C MET A 21 1.90 -4.00 12.13
N LYS A 22 2.65 -5.04 11.90
CA LYS A 22 3.70 -4.96 10.85
C LYS A 22 3.04 -4.56 9.54
N ALA A 23 1.94 -5.18 9.20
CA ALA A 23 1.26 -4.77 7.95
C ALA A 23 0.85 -3.31 8.11
N ARG A 24 0.52 -2.94 9.32
CA ARG A 24 0.13 -1.53 9.60
C ARG A 24 1.38 -0.64 9.50
N ARG A 25 2.53 -1.19 9.84
CA ARG A 25 3.78 -0.39 9.75
C ARG A 25 4.13 -0.23 8.27
N ALA A 26 4.14 -1.33 7.55
CA ALA A 26 4.44 -1.25 6.09
C ALA A 26 3.44 -0.27 5.48
N TRP A 27 2.27 -0.18 6.05
CA TRP A 27 1.24 0.75 5.54
C TRP A 27 1.62 2.17 5.95
N THR A 28 2.52 2.31 6.89
CA THR A 28 2.95 3.67 7.32
C THR A 28 4.00 4.22 6.35
N ASP A 29 5.04 3.48 6.11
CA ASP A 29 6.12 3.95 5.19
C ASP A 29 5.54 4.27 3.82
N VAL A 30 4.67 3.45 3.33
CA VAL A 30 4.08 3.72 1.99
C VAL A 30 3.09 4.87 2.09
N ILE A 31 2.52 5.08 3.24
CA ILE A 31 1.53 6.19 3.39
C ILE A 31 2.21 7.53 3.04
N GLN A 32 3.41 7.76 3.49
CA GLN A 32 4.07 9.06 3.16
C GLN A 32 4.55 9.05 1.70
N THR A 33 4.82 7.88 1.17
CA THR A 33 5.28 7.81 -0.25
C THR A 33 4.09 7.92 -1.22
N LEU A 34 3.05 7.17 -0.99
CA LEU A 34 1.86 7.21 -1.92
C LEU A 34 1.53 8.67 -2.26
N ARG A 35 1.42 9.52 -1.28
CA ARG A 35 1.08 10.94 -1.53
C ARG A 35 2.12 11.59 -2.47
N GLU A 36 3.16 10.86 -2.82
CA GLU A 36 4.20 11.47 -3.71
C GLU A 36 3.67 11.67 -5.13
N HIS A 37 2.69 10.88 -5.55
CA HIS A 37 2.14 11.04 -6.95
C HIS A 37 0.61 11.11 -6.92
N LYS A 38 -0.03 10.66 -7.98
CA LYS A 38 -1.52 10.73 -8.04
C LYS A 38 -2.16 9.52 -7.37
N CYS A 39 -2.06 9.41 -6.08
CA CYS A 39 -2.68 8.26 -5.39
C CYS A 39 -2.64 8.47 -3.88
N GLN A 40 -3.73 8.91 -3.34
CA GLN A 40 -3.80 9.16 -1.87
C GLN A 40 -3.90 7.83 -1.11
N PRO A 41 -3.18 7.64 -0.01
CA PRO A 41 -3.24 6.37 0.78
C PRO A 41 -4.36 6.39 1.84
N ARG A 42 -4.93 5.25 2.12
CA ARG A 42 -6.01 5.16 3.15
C ARG A 42 -5.91 3.81 3.86
N LEU A 43 -5.61 3.79 5.13
CA LEU A 43 -5.49 2.50 5.84
C LEU A 43 -6.88 2.05 6.33
N LEU A 44 -7.31 0.92 5.86
CA LEU A 44 -8.64 0.37 6.26
C LEU A 44 -8.37 -0.70 7.33
N TYR A 45 -9.22 -1.71 7.43
CA TYR A 45 -9.05 -2.83 8.45
C TYR A 45 -7.66 -2.79 9.13
N PRO A 46 -7.55 -3.09 10.41
CA PRO A 46 -6.26 -3.06 11.14
C PRO A 46 -5.02 -3.27 10.26
N ALA A 47 -5.17 -3.85 9.10
CA ALA A 47 -4.01 -4.03 8.20
C ALA A 47 -4.45 -4.04 6.73
N LYS A 48 -5.44 -3.25 6.35
CA LYS A 48 -5.88 -3.20 4.91
C LYS A 48 -5.52 -1.83 4.35
N LEU A 49 -4.64 -1.78 3.38
CA LEU A 49 -4.21 -0.47 2.79
C LEU A 49 -4.76 -0.32 1.38
N SER A 50 -5.56 0.70 1.14
CA SER A 50 -6.15 0.92 -0.22
C SER A 50 -5.38 2.02 -0.95
N ILE A 51 -5.34 1.95 -2.25
CA ILE A 51 -4.61 2.97 -3.06
C ILE A 51 -5.46 3.39 -4.27
N THR A 52 -5.31 4.63 -4.69
CA THR A 52 -6.08 5.16 -5.86
C THR A 52 -5.19 5.14 -7.11
N ILE A 53 -5.53 4.34 -8.09
CA ILE A 53 -4.72 4.28 -9.35
C ILE A 53 -5.68 4.22 -10.54
N ASP A 54 -5.49 5.10 -11.50
CA ASP A 54 -6.38 5.11 -12.70
C ASP A 54 -7.84 4.97 -12.26
N GLY A 55 -8.15 5.39 -11.07
CA GLY A 55 -9.56 5.30 -10.59
C GLY A 55 -9.82 3.90 -10.03
N GLU A 56 -9.15 2.90 -10.54
CA GLU A 56 -9.37 1.52 -10.02
C GLU A 56 -8.86 1.43 -8.58
N THR A 57 -9.74 1.15 -7.65
CA THR A 57 -9.33 1.05 -6.23
C THR A 57 -8.87 -0.38 -5.94
N LYS A 58 -7.69 -0.55 -5.38
CA LYS A 58 -7.18 -1.91 -5.05
C LYS A 58 -6.69 -1.89 -3.61
N VAL A 59 -6.77 -3.01 -2.91
CA VAL A 59 -6.33 -3.04 -1.48
C VAL A 59 -5.53 -4.29 -1.21
N PHE A 60 -4.75 -4.29 -0.15
CA PHE A 60 -3.91 -5.48 0.18
C PHE A 60 -3.95 -5.74 1.68
N HIS A 61 -3.88 -6.99 2.08
CA HIS A 61 -3.93 -7.34 3.52
C HIS A 61 -2.52 -7.68 4.03
N ASP A 62 -1.69 -8.22 3.17
CA ASP A 62 -0.29 -8.58 3.59
C ASP A 62 0.71 -7.60 2.97
N LYS A 63 1.76 -7.30 3.69
CA LYS A 63 2.77 -6.35 3.14
C LYS A 63 3.42 -6.94 1.89
N THR A 64 3.54 -8.24 1.84
CA THR A 64 4.15 -8.87 0.64
C THR A 64 3.26 -8.65 -0.58
N LYS A 65 2.00 -9.00 -0.46
CA LYS A 65 1.07 -8.81 -1.62
C LYS A 65 1.26 -7.40 -2.20
N PHE A 66 1.43 -6.40 -1.36
CA PHE A 66 1.64 -5.03 -1.89
C PHE A 66 2.92 -5.02 -2.72
N THR A 67 4.04 -5.33 -2.11
CA THR A 67 5.32 -5.35 -2.88
C THR A 67 5.12 -6.14 -4.18
N GLN A 68 4.38 -7.21 -4.12
CA GLN A 68 4.12 -8.01 -5.35
C GLN A 68 3.25 -7.19 -6.29
N TYR A 69 2.27 -6.50 -5.77
CA TYR A 69 1.38 -5.67 -6.63
C TYR A 69 2.24 -4.76 -7.51
N LEU A 70 3.29 -4.21 -6.95
CA LEU A 70 4.18 -3.33 -7.76
C LEU A 70 5.12 -4.19 -8.60
N SER A 71 5.65 -5.24 -8.03
CA SER A 71 6.57 -6.11 -8.81
C SER A 71 5.89 -6.46 -10.14
N THR A 72 4.58 -6.46 -10.16
CA THR A 72 3.84 -6.77 -11.41
C THR A 72 3.36 -5.46 -12.05
N ASN A 73 3.72 -4.33 -11.48
CA ASN A 73 3.31 -3.01 -12.06
C ASN A 73 4.50 -2.05 -11.96
N PRO A 74 5.50 -2.27 -12.79
CA PRO A 74 6.75 -1.45 -12.80
C PRO A 74 6.46 0.06 -12.84
N ALA A 75 5.33 0.45 -13.34
CA ALA A 75 5.01 1.90 -13.41
C ALA A 75 5.20 2.54 -12.04
N LEU A 76 4.64 1.94 -11.02
CA LEU A 76 4.78 2.50 -9.65
C LEU A 76 6.20 2.27 -9.12
N GLN A 77 6.73 1.09 -9.33
CA GLN A 77 8.10 0.78 -8.81
C GLN A 77 9.05 1.98 -9.02
N ARG A 78 8.91 2.69 -10.10
CA ARG A 78 9.80 3.86 -10.33
C ARG A 78 9.24 5.07 -9.58
N ILE A 79 7.96 5.26 -9.64
CA ILE A 79 7.35 6.43 -8.93
C ILE A 79 7.59 6.31 -7.42
N ILE A 80 7.24 5.20 -6.83
CA ILE A 80 7.45 5.03 -5.37
C ILE A 80 8.94 5.11 -5.05
N PHE A 16 -2.04 -8.84 17.76
CA PHE A 16 -2.03 -7.96 16.56
C PHE A 16 -0.95 -6.88 16.72
N SER A 17 -0.07 -7.07 17.67
CA SER A 17 0.99 -6.04 17.92
C SER A 17 2.27 -6.39 17.15
N PRO A 18 2.68 -7.62 17.16
CA PRO A 18 3.91 -8.06 16.49
C PRO A 18 3.72 -8.42 15.02
N GLU A 19 2.72 -9.19 14.69
CA GLU A 19 2.52 -9.59 13.26
C GLU A 19 1.61 -8.59 12.51
N THR A 20 0.42 -8.40 13.01
CA THR A 20 -0.54 -7.48 12.32
C THR A 20 -0.01 -6.06 12.24
N MET A 21 0.39 -5.49 13.34
CA MET A 21 0.85 -4.07 13.30
C MET A 21 1.93 -3.91 12.22
N LYS A 22 2.76 -4.88 12.02
CA LYS A 22 3.81 -4.76 10.96
C LYS A 22 3.11 -4.51 9.63
N ALA A 23 2.10 -5.28 9.31
CA ALA A 23 1.39 -5.06 8.03
C ALA A 23 0.89 -3.61 8.03
N ARG A 24 0.33 -3.17 9.12
CA ARG A 24 -0.17 -1.77 9.20
C ARG A 24 1.04 -0.83 9.28
N ARG A 25 2.17 -1.33 9.72
CA ARG A 25 3.38 -0.48 9.80
C ARG A 25 3.88 -0.23 8.38
N ALA A 26 3.95 -1.28 7.59
CA ALA A 26 4.38 -1.09 6.18
C ALA A 26 3.52 0.01 5.57
N TRP A 27 2.23 -0.13 5.71
CA TRP A 27 1.29 0.89 5.19
C TRP A 27 1.77 2.29 5.60
N THR A 28 2.30 2.42 6.78
CA THR A 28 2.79 3.75 7.22
C THR A 28 3.87 4.26 6.26
N ASP A 29 4.87 3.46 6.03
CA ASP A 29 5.98 3.87 5.11
C ASP A 29 5.42 4.28 3.75
N VAL A 30 4.64 3.44 3.13
CA VAL A 30 4.09 3.79 1.80
C VAL A 30 3.02 4.88 1.94
N ILE A 31 2.36 4.96 3.06
CA ILE A 31 1.32 6.03 3.21
C ILE A 31 1.96 7.37 2.85
N GLN A 32 3.19 7.59 3.23
CA GLN A 32 3.84 8.88 2.87
C GLN A 32 4.23 8.85 1.39
N THR A 33 4.56 7.69 0.88
CA THR A 33 4.94 7.58 -0.55
C THR A 33 3.71 7.81 -1.43
N LEU A 34 2.66 7.05 -1.23
CA LEU A 34 1.43 7.24 -2.05
C LEU A 34 1.10 8.74 -2.12
N ARG A 35 1.08 9.38 -0.99
CA ARG A 35 0.77 10.83 -0.96
C ARG A 35 1.77 11.59 -1.82
N GLU A 36 2.85 10.97 -2.22
CA GLU A 36 3.86 11.67 -3.06
C GLU A 36 3.40 11.62 -4.52
N HIS A 37 2.23 11.09 -4.76
CA HIS A 37 1.69 11.00 -6.16
C HIS A 37 0.28 11.60 -6.17
N LYS A 38 -0.55 11.17 -7.09
CA LYS A 38 -1.95 11.68 -7.15
C LYS A 38 -2.87 10.56 -6.62
N CYS A 39 -2.28 9.64 -5.91
CA CYS A 39 -3.05 8.50 -5.34
C CYS A 39 -3.16 8.69 -3.83
N GLN A 40 -4.31 9.09 -3.36
CA GLN A 40 -4.48 9.31 -1.89
C GLN A 40 -4.58 7.95 -1.16
N PRO A 41 -3.71 7.68 -0.19
CA PRO A 41 -3.74 6.40 0.57
C PRO A 41 -4.71 6.45 1.74
N ARG A 42 -5.30 5.33 2.08
CA ARG A 42 -6.27 5.30 3.21
C ARG A 42 -6.18 3.94 3.90
N LEU A 43 -5.86 3.91 5.17
CA LEU A 43 -5.74 2.61 5.87
C LEU A 43 -7.13 2.12 6.29
N LEU A 44 -7.48 0.93 5.87
CA LEU A 44 -8.80 0.33 6.24
C LEU A 44 -8.54 -0.70 7.34
N TYR A 45 -9.39 -1.72 7.47
CA TYR A 45 -9.22 -2.81 8.50
C TYR A 45 -7.84 -2.74 9.20
N PRO A 46 -7.74 -3.06 10.49
CA PRO A 46 -6.47 -3.00 11.25
C PRO A 46 -5.20 -3.06 10.38
N ALA A 47 -5.25 -3.67 9.23
CA ALA A 47 -4.05 -3.71 8.35
C ALA A 47 -4.45 -3.81 6.87
N LYS A 48 -5.58 -3.23 6.47
CA LYS A 48 -5.99 -3.28 5.03
C LYS A 48 -5.76 -1.90 4.42
N LEU A 49 -4.91 -1.80 3.42
CA LEU A 49 -4.61 -0.46 2.80
C LEU A 49 -5.23 -0.38 1.40
N SER A 50 -6.09 0.58 1.18
CA SER A 50 -6.71 0.75 -0.17
C SER A 50 -6.03 1.91 -0.88
N ILE A 51 -5.43 1.64 -2.01
CA ILE A 51 -4.71 2.70 -2.77
C ILE A 51 -5.55 3.11 -3.98
N THR A 52 -5.54 4.37 -4.30
CA THR A 52 -6.34 4.89 -5.46
C THR A 52 -5.43 5.24 -6.64
N ILE A 53 -5.59 4.56 -7.76
CA ILE A 53 -4.75 4.88 -8.97
C ILE A 53 -5.64 4.79 -10.21
N ASP A 54 -5.52 5.74 -11.11
CA ASP A 54 -6.35 5.73 -12.35
C ASP A 54 -7.79 5.38 -12.00
N GLY A 55 -8.21 5.68 -10.82
CA GLY A 55 -9.62 5.38 -10.42
C GLY A 55 -9.75 3.89 -10.08
N GLU A 56 -8.70 3.12 -10.30
CA GLU A 56 -8.77 1.67 -10.00
C GLU A 56 -8.61 1.49 -8.49
N THR A 57 -9.59 0.89 -7.87
CA THR A 57 -9.52 0.67 -6.39
C THR A 57 -8.93 -0.71 -6.12
N LYS A 58 -7.82 -0.76 -5.42
CA LYS A 58 -7.19 -2.08 -5.10
C LYS A 58 -6.78 -2.05 -3.63
N VAL A 59 -6.82 -3.18 -2.95
CA VAL A 59 -6.46 -3.20 -1.51
C VAL A 59 -5.53 -4.37 -1.22
N PHE A 60 -4.79 -4.29 -0.14
CA PHE A 60 -3.82 -5.38 0.21
C PHE A 60 -3.86 -5.67 1.71
N HIS A 61 -3.75 -6.92 2.07
CA HIS A 61 -3.78 -7.31 3.52
C HIS A 61 -2.35 -7.52 4.01
N ASP A 62 -1.56 -8.28 3.28
CA ASP A 62 -0.15 -8.52 3.70
C ASP A 62 0.77 -7.52 2.99
N LYS A 63 1.87 -7.16 3.61
CA LYS A 63 2.78 -6.18 2.96
C LYS A 63 3.35 -6.75 1.66
N THR A 64 3.58 -8.03 1.60
CA THR A 64 4.12 -8.62 0.34
C THR A 64 3.08 -8.47 -0.76
N LYS A 65 1.85 -8.80 -0.45
CA LYS A 65 0.77 -8.69 -1.46
C LYS A 65 0.91 -7.35 -2.19
N PHE A 66 1.18 -6.30 -1.47
CA PHE A 66 1.37 -4.97 -2.11
C PHE A 66 2.63 -5.04 -2.99
N THR A 67 3.76 -5.31 -2.38
CA THR A 67 5.03 -5.39 -3.16
C THR A 67 4.80 -6.15 -4.47
N GLN A 68 3.98 -7.17 -4.45
CA GLN A 68 3.71 -7.93 -5.70
C GLN A 68 3.01 -7.01 -6.69
N TYR A 69 2.07 -6.21 -6.22
CA TYR A 69 1.35 -5.29 -7.13
C TYR A 69 2.36 -4.52 -7.99
N LEU A 70 3.44 -4.09 -7.41
CA LEU A 70 4.47 -3.35 -8.20
C LEU A 70 5.35 -4.33 -8.97
N SER A 71 5.76 -5.40 -8.33
CA SER A 71 6.63 -6.38 -9.04
C SER A 71 6.02 -6.69 -10.41
N THR A 72 4.72 -6.54 -10.53
CA THR A 72 4.04 -6.80 -11.82
C THR A 72 3.72 -5.47 -12.52
N ASN A 73 4.08 -4.36 -11.90
CA ASN A 73 3.81 -3.02 -12.51
C ASN A 73 5.06 -2.14 -12.31
N PRO A 74 6.07 -2.34 -13.12
CA PRO A 74 7.35 -1.57 -13.04
C PRO A 74 7.15 -0.05 -13.01
N ALA A 75 6.13 0.45 -13.65
CA ALA A 75 5.89 1.91 -13.67
C ALA A 75 6.02 2.49 -12.25
N LEU A 76 5.35 1.90 -11.30
CA LEU A 76 5.44 2.42 -9.92
C LEU A 76 6.85 2.14 -9.36
N GLN A 77 7.26 0.90 -9.35
CA GLN A 77 8.61 0.56 -8.82
C GLN A 77 9.64 1.58 -9.33
N ARG A 78 9.44 2.11 -10.50
CA ARG A 78 10.38 3.12 -11.03
C ARG A 78 10.32 4.33 -10.11
N ILE A 79 9.14 4.78 -9.78
CA ILE A 79 8.99 5.96 -8.87
C ILE A 79 8.91 5.46 -7.42
N ILE A 80 7.93 4.64 -7.13
CA ILE A 80 7.79 4.09 -5.76
C ILE A 80 8.94 3.12 -5.49
N PHE A 16 -2.20 -8.39 17.81
CA PHE A 16 -2.16 -7.47 16.65
C PHE A 16 -0.98 -6.52 16.82
N SER A 17 -0.12 -6.79 17.74
CA SER A 17 1.04 -5.90 17.99
C SER A 17 2.28 -6.36 17.21
N PRO A 18 2.51 -7.64 17.10
CA PRO A 18 3.68 -8.19 16.39
C PRO A 18 3.43 -8.42 14.90
N GLU A 19 2.38 -9.11 14.56
CA GLU A 19 2.09 -9.41 13.11
C GLU A 19 1.25 -8.30 12.45
N THR A 20 0.10 -8.03 12.98
CA THR A 20 -0.79 -7.00 12.36
C THR A 20 -0.08 -5.65 12.29
N MET A 21 0.47 -5.21 13.38
CA MET A 21 1.10 -3.88 13.38
C MET A 21 2.14 -3.80 12.25
N LYS A 22 2.89 -4.84 12.03
CA LYS A 22 3.90 -4.78 10.91
C LYS A 22 3.18 -4.35 9.64
N ALA A 23 2.05 -4.93 9.36
CA ALA A 23 1.32 -4.50 8.15
C ALA A 23 0.99 -3.01 8.33
N ARG A 24 0.67 -2.64 9.54
CA ARG A 24 0.33 -1.22 9.84
C ARG A 24 1.57 -0.32 9.68
N ARG A 25 2.72 -0.72 10.17
CA ARG A 25 3.92 0.14 10.03
C ARG A 25 4.31 0.19 8.54
N ALA A 26 4.23 -0.92 7.86
CA ALA A 26 4.56 -0.90 6.40
C ALA A 26 3.53 -0.02 5.70
N TRP A 27 2.36 0.04 6.26
CA TRP A 27 1.28 0.88 5.67
C TRP A 27 1.56 2.35 6.01
N THR A 28 2.44 2.60 6.95
CA THR A 28 2.76 4.01 7.30
C THR A 28 3.80 4.55 6.32
N ASP A 29 4.90 3.86 6.17
CA ASP A 29 5.97 4.33 5.25
C ASP A 29 5.40 4.55 3.85
N VAL A 30 4.54 3.68 3.39
CA VAL A 30 3.97 3.87 2.04
C VAL A 30 2.94 5.00 2.08
N ILE A 31 2.25 5.16 3.18
CA ILE A 31 1.24 6.27 3.25
C ILE A 31 1.95 7.58 2.88
N GLN A 32 3.18 7.72 3.30
CA GLN A 32 3.94 8.96 2.95
C GLN A 32 4.39 8.83 1.50
N THR A 33 4.65 7.64 1.04
CA THR A 33 5.10 7.45 -0.36
C THR A 33 3.94 7.65 -1.32
N LEU A 34 2.84 6.97 -1.13
CA LEU A 34 1.67 7.13 -2.05
C LEU A 34 1.43 8.62 -2.28
N ARG A 35 1.53 9.41 -1.26
CA ARG A 35 1.30 10.88 -1.41
C ARG A 35 2.34 11.46 -2.38
N GLU A 36 3.27 10.68 -2.84
CA GLU A 36 4.31 11.23 -3.77
C GLU A 36 3.73 11.35 -5.19
N HIS A 37 2.60 10.74 -5.45
CA HIS A 37 1.98 10.85 -6.82
C HIS A 37 0.48 11.17 -6.70
N LYS A 38 -0.33 10.74 -7.64
CA LYS A 38 -1.80 11.06 -7.57
C LYS A 38 -2.59 9.88 -7.02
N CYS A 39 -2.35 9.50 -5.80
CA CYS A 39 -3.10 8.37 -5.21
C CYS A 39 -3.18 8.55 -3.70
N GLN A 40 -4.31 8.98 -3.22
CA GLN A 40 -4.45 9.19 -1.76
C GLN A 40 -4.52 7.83 -1.04
N PRO A 41 -3.62 7.56 -0.11
CA PRO A 41 -3.62 6.25 0.63
C PRO A 41 -4.67 6.20 1.74
N ARG A 42 -5.14 5.02 2.05
CA ARG A 42 -6.17 4.89 3.13
C ARG A 42 -5.95 3.54 3.85
N LEU A 43 -5.71 3.57 5.13
CA LEU A 43 -5.49 2.31 5.88
C LEU A 43 -6.84 1.86 6.42
N LEU A 44 -7.31 0.75 5.97
CA LEU A 44 -8.64 0.22 6.42
C LEU A 44 -8.36 -0.89 7.43
N TYR A 45 -9.28 -1.85 7.54
CA TYR A 45 -9.14 -3.03 8.50
C TYR A 45 -7.79 -2.99 9.27
N PRO A 46 -7.77 -3.37 10.55
CA PRO A 46 -6.53 -3.37 11.37
C PRO A 46 -5.24 -3.51 10.54
N ALA A 47 -5.33 -4.02 9.35
CA ALA A 47 -4.12 -4.14 8.50
C ALA A 47 -4.53 -4.32 7.03
N LYS A 48 -5.29 -3.40 6.47
CA LYS A 48 -5.68 -3.53 5.02
C LYS A 48 -5.39 -2.19 4.35
N LEU A 49 -4.56 -2.19 3.34
CA LEU A 49 -4.16 -0.91 2.66
C LEU A 49 -4.87 -0.75 1.31
N SER A 50 -5.60 0.33 1.16
CA SER A 50 -6.31 0.62 -0.12
C SER A 50 -5.60 1.79 -0.81
N ILE A 51 -5.66 1.84 -2.12
CA ILE A 51 -4.98 2.93 -2.85
C ILE A 51 -5.81 3.31 -4.09
N THR A 52 -5.72 4.55 -4.49
CA THR A 52 -6.48 5.04 -5.68
C THR A 52 -5.53 5.27 -6.86
N ILE A 53 -5.62 4.43 -7.88
CA ILE A 53 -4.75 4.59 -9.08
C ILE A 53 -5.63 4.60 -10.34
N ASP A 54 -5.31 5.44 -11.28
CA ASP A 54 -6.09 5.54 -12.54
C ASP A 54 -7.59 5.40 -12.26
N GLY A 55 -8.02 5.85 -11.12
CA GLY A 55 -9.47 5.75 -10.78
C GLY A 55 -9.76 4.40 -10.12
N GLU A 56 -9.55 3.32 -10.82
CA GLU A 56 -9.81 1.98 -10.23
C GLU A 56 -9.01 1.84 -8.92
N THR A 57 -9.69 1.58 -7.84
CA THR A 57 -8.99 1.43 -6.53
C THR A 57 -8.54 -0.02 -6.34
N LYS A 58 -7.45 -0.24 -5.65
CA LYS A 58 -6.96 -1.64 -5.42
C LYS A 58 -6.66 -1.78 -3.93
N VAL A 59 -6.69 -2.99 -3.41
CA VAL A 59 -6.43 -3.17 -1.94
C VAL A 59 -5.67 -4.47 -1.68
N PHE A 60 -4.87 -4.48 -0.65
CA PHE A 60 -4.08 -5.70 -0.29
C PHE A 60 -4.08 -5.87 1.23
N HIS A 61 -4.10 -7.09 1.71
CA HIS A 61 -4.12 -7.33 3.18
C HIS A 61 -2.72 -7.68 3.70
N ASP A 62 -1.96 -8.45 2.94
CA ASP A 62 -0.60 -8.85 3.41
C ASP A 62 0.46 -7.88 2.87
N LYS A 63 1.65 -7.92 3.42
CA LYS A 63 2.73 -7.01 2.95
C LYS A 63 3.32 -7.52 1.64
N THR A 64 3.49 -8.80 1.52
CA THR A 64 4.07 -9.37 0.27
C THR A 64 3.14 -9.06 -0.89
N LYS A 65 1.89 -9.41 -0.76
CA LYS A 65 0.93 -9.14 -1.85
C LYS A 65 1.10 -7.72 -2.37
N PHE A 66 1.39 -6.78 -1.51
CA PHE A 66 1.59 -5.39 -1.99
C PHE A 66 2.81 -5.33 -2.91
N THR A 67 3.97 -5.64 -2.39
CA THR A 67 5.20 -5.60 -3.25
C THR A 67 4.93 -6.32 -4.57
N GLN A 68 4.31 -7.47 -4.50
CA GLN A 68 4.01 -8.24 -5.75
C GLN A 68 3.18 -7.37 -6.69
N TYR A 69 2.26 -6.61 -6.16
CA TYR A 69 1.45 -5.72 -7.04
C TYR A 69 2.40 -4.77 -7.77
N LEU A 70 3.52 -4.46 -7.17
CA LEU A 70 4.51 -3.56 -7.84
C LEU A 70 5.38 -4.37 -8.80
N SER A 71 5.89 -5.48 -8.35
CA SER A 71 6.76 -6.30 -9.23
C SER A 71 6.05 -6.49 -10.58
N THR A 72 4.74 -6.36 -10.57
CA THR A 72 3.96 -6.51 -11.83
C THR A 72 3.49 -5.13 -12.32
N ASN A 73 3.88 -4.08 -11.64
CA ASN A 73 3.47 -2.69 -12.07
C ASN A 73 4.69 -1.77 -11.96
N PRO A 74 5.62 -1.91 -12.87
CA PRO A 74 6.88 -1.10 -12.89
C PRO A 74 6.61 0.41 -12.80
N ALA A 75 5.52 0.88 -13.34
CA ALA A 75 5.22 2.34 -13.28
C ALA A 75 5.44 2.85 -11.86
N LEU A 76 4.83 2.22 -10.89
CA LEU A 76 5.02 2.68 -9.48
C LEU A 76 6.44 2.33 -9.04
N GLN A 77 6.85 1.10 -9.24
CA GLN A 77 8.22 0.69 -8.82
C GLN A 77 9.24 1.78 -9.21
N ARG A 78 8.94 2.56 -10.20
CA ARG A 78 9.88 3.64 -10.60
C ARG A 78 9.70 4.79 -9.61
N ILE A 79 8.48 5.18 -9.35
CA ILE A 79 8.24 6.28 -8.37
C ILE A 79 8.33 5.72 -6.96
N ILE A 80 7.50 4.75 -6.65
CA ILE A 80 7.53 4.13 -5.30
C ILE A 80 8.81 3.30 -5.17
N PHE A 16 -2.33 -8.00 18.38
CA PHE A 16 -2.35 -7.12 17.17
C PHE A 16 -1.19 -6.13 17.26
N SER A 17 -0.87 -5.72 18.45
CA SER A 17 0.23 -4.73 18.64
C SER A 17 1.54 -5.22 18.01
N PRO A 18 1.88 -6.47 18.18
CA PRO A 18 3.14 -7.02 17.65
C PRO A 18 3.05 -7.49 16.18
N GLU A 19 2.10 -8.32 15.86
CA GLU A 19 2.01 -8.84 14.45
C GLU A 19 1.17 -7.94 13.55
N THR A 20 -0.06 -7.70 13.90
CA THR A 20 -0.95 -6.85 13.04
C THR A 20 -0.35 -5.46 12.86
N MET A 21 0.06 -4.84 13.93
CA MET A 21 0.62 -3.47 13.82
C MET A 21 1.83 -3.47 12.90
N LYS A 22 2.52 -4.58 12.77
CA LYS A 22 3.69 -4.61 11.86
C LYS A 22 3.18 -4.36 10.44
N ALA A 23 2.04 -4.91 10.15
CA ALA A 23 1.44 -4.69 8.81
C ALA A 23 1.07 -3.20 8.71
N ARG A 24 0.46 -2.69 9.74
CA ARG A 24 0.10 -1.24 9.73
C ARG A 24 1.39 -0.43 9.70
N ARG A 25 2.41 -0.94 10.33
CA ARG A 25 3.71 -0.23 10.34
C ARG A 25 4.28 -0.26 8.93
N ALA A 26 4.22 -1.40 8.29
CA ALA A 26 4.72 -1.49 6.90
C ALA A 26 3.88 -0.56 6.05
N TRP A 27 2.62 -0.43 6.40
CA TRP A 27 1.72 0.48 5.64
C TRP A 27 2.10 1.93 5.94
N THR A 28 2.83 2.16 6.99
CA THR A 28 3.24 3.55 7.31
C THR A 28 4.27 4.02 6.28
N ASP A 29 5.29 3.22 6.08
CA ASP A 29 6.36 3.58 5.11
C ASP A 29 5.74 3.89 3.74
N VAL A 30 4.93 3.01 3.21
CA VAL A 30 4.33 3.28 1.87
C VAL A 30 3.26 4.37 1.97
N ILE A 31 2.67 4.57 3.12
CA ILE A 31 1.62 5.63 3.23
C ILE A 31 2.23 7.00 2.89
N GLN A 32 3.38 7.31 3.42
CA GLN A 32 4.01 8.63 3.11
C GLN A 32 4.52 8.61 1.67
N THR A 33 4.88 7.46 1.18
CA THR A 33 5.39 7.36 -0.22
C THR A 33 4.23 7.51 -1.20
N LEU A 34 3.07 7.04 -0.84
CA LEU A 34 1.92 7.14 -1.77
C LEU A 34 1.62 8.61 -2.06
N ARG A 35 1.49 9.41 -1.04
CA ARG A 35 1.18 10.85 -1.24
C ARG A 35 2.21 11.51 -2.18
N GLU A 36 3.21 10.78 -2.61
CA GLU A 36 4.24 11.42 -3.50
C GLU A 36 3.74 11.47 -4.95
N HIS A 37 2.65 10.82 -5.28
CA HIS A 37 2.14 10.86 -6.69
C HIS A 37 0.62 11.16 -6.68
N LYS A 38 -0.11 10.69 -7.67
CA LYS A 38 -1.58 10.98 -7.73
C LYS A 38 -2.39 9.79 -7.22
N CYS A 39 -2.24 9.47 -5.96
CA CYS A 39 -3.04 8.35 -5.38
C CYS A 39 -3.15 8.56 -3.88
N GLN A 40 -4.28 9.00 -3.43
CA GLN A 40 -4.44 9.26 -1.97
C GLN A 40 -4.46 7.91 -1.22
N PRO A 41 -3.59 7.71 -0.24
CA PRO A 41 -3.54 6.42 0.52
C PRO A 41 -4.61 6.33 1.60
N ARG A 42 -5.04 5.13 1.91
CA ARG A 42 -6.09 4.95 2.96
C ARG A 42 -5.88 3.58 3.62
N LEU A 43 -5.79 3.54 4.93
CA LEU A 43 -5.60 2.25 5.63
C LEU A 43 -6.97 1.74 6.10
N LEU A 44 -7.34 0.57 5.66
CA LEU A 44 -8.66 0.00 6.05
C LEU A 44 -8.43 -1.12 7.05
N TYR A 45 -9.31 -2.12 7.07
CA TYR A 45 -9.22 -3.30 8.02
C TYR A 45 -7.90 -3.28 8.83
N PRO A 46 -7.92 -3.67 10.10
CA PRO A 46 -6.70 -3.69 10.97
C PRO A 46 -5.37 -3.75 10.21
N ALA A 47 -5.36 -4.16 8.98
CA ALA A 47 -4.07 -4.19 8.23
C ALA A 47 -4.30 -4.24 6.71
N LYS A 48 -5.30 -3.53 6.19
CA LYS A 48 -5.51 -3.55 4.70
C LYS A 48 -5.01 -2.23 4.11
N LEU A 49 -4.23 -2.29 3.06
CA LEU A 49 -3.70 -1.04 2.43
C LEU A 49 -4.46 -0.76 1.15
N SER A 50 -5.23 0.31 1.12
CA SER A 50 -6.01 0.67 -0.11
C SER A 50 -5.36 1.86 -0.81
N ILE A 51 -5.47 1.91 -2.11
CA ILE A 51 -4.85 3.03 -2.89
C ILE A 51 -5.72 3.40 -4.08
N THR A 52 -5.65 4.65 -4.49
CA THR A 52 -6.47 5.13 -5.65
C THR A 52 -5.59 5.27 -6.90
N ILE A 53 -5.76 4.39 -7.86
CA ILE A 53 -4.95 4.47 -9.13
C ILE A 53 -5.92 4.44 -10.31
N ASP A 54 -5.67 5.26 -11.31
CA ASP A 54 -6.57 5.29 -12.51
C ASP A 54 -8.03 5.22 -12.07
N GLY A 55 -8.34 5.71 -10.90
CA GLY A 55 -9.74 5.68 -10.42
C GLY A 55 -10.07 4.30 -9.85
N GLU A 56 -9.55 3.24 -10.41
CA GLU A 56 -9.85 1.89 -9.89
C GLU A 56 -9.21 1.71 -8.50
N THR A 57 -10.02 1.40 -7.52
CA THR A 57 -9.48 1.21 -6.14
C THR A 57 -9.06 -0.25 -5.94
N LYS A 58 -7.92 -0.47 -5.34
CA LYS A 58 -7.43 -1.87 -5.10
C LYS A 58 -6.91 -1.93 -3.66
N VAL A 59 -6.91 -3.09 -3.05
CA VAL A 59 -6.41 -3.19 -1.64
C VAL A 59 -5.55 -4.44 -1.48
N PHE A 60 -4.83 -4.52 -0.39
CA PHE A 60 -3.92 -5.69 -0.15
C PHE A 60 -3.89 -6.02 1.34
N HIS A 61 -3.76 -7.28 1.69
CA HIS A 61 -3.73 -7.68 3.12
C HIS A 61 -2.28 -7.99 3.55
N ASP A 62 -1.46 -8.45 2.62
CA ASP A 62 -0.04 -8.79 2.96
C ASP A 62 0.92 -7.90 2.15
N LYS A 63 2.13 -7.76 2.60
CA LYS A 63 3.12 -6.91 1.86
C LYS A 63 3.52 -7.60 0.57
N THR A 64 3.43 -8.90 0.51
CA THR A 64 3.82 -9.61 -0.73
C THR A 64 2.84 -9.25 -1.85
N LYS A 65 1.56 -9.33 -1.59
CA LYS A 65 0.59 -9.00 -2.65
C LYS A 65 0.84 -7.56 -3.12
N PHE A 66 1.03 -6.64 -2.21
CA PHE A 66 1.32 -5.24 -2.63
C PHE A 66 2.62 -5.25 -3.43
N THR A 67 3.69 -5.66 -2.81
CA THR A 67 5.00 -5.69 -3.54
C THR A 67 4.80 -6.35 -4.91
N GLN A 68 4.09 -7.45 -4.97
CA GLN A 68 3.86 -8.13 -6.28
C GLN A 68 3.08 -7.18 -7.19
N TYR A 69 2.03 -6.59 -6.69
CA TYR A 69 1.25 -5.64 -7.54
C TYR A 69 2.22 -4.67 -8.21
N LEU A 70 3.32 -4.40 -7.56
CA LEU A 70 4.34 -3.49 -8.16
C LEU A 70 5.26 -4.32 -9.06
N SER A 71 5.68 -5.45 -8.59
CA SER A 71 6.57 -6.31 -9.43
C SER A 71 5.93 -6.47 -10.81
N THR A 72 4.63 -6.31 -10.87
CA THR A 72 3.92 -6.42 -12.17
C THR A 72 3.53 -5.02 -12.65
N ASN A 73 3.79 -4.01 -11.86
CA ASN A 73 3.47 -2.59 -12.26
C ASN A 73 4.73 -1.75 -12.04
N PRO A 74 5.59 -1.62 -13.04
CA PRO A 74 6.85 -0.85 -12.89
C PRO A 74 6.62 0.67 -12.91
N ALA A 75 5.43 1.09 -13.20
CA ALA A 75 5.13 2.55 -13.22
C ALA A 75 5.37 3.11 -11.81
N LEU A 76 4.73 2.57 -10.83
CA LEU A 76 4.94 3.07 -9.44
C LEU A 76 6.33 2.63 -8.98
N GLN A 77 6.66 1.37 -9.15
CA GLN A 77 7.99 0.85 -8.73
C GLN A 77 9.08 1.86 -9.12
N ARG A 78 8.84 2.62 -10.16
CA ARG A 78 9.84 3.62 -10.60
C ARG A 78 9.68 4.88 -9.74
N ILE A 79 8.48 5.21 -9.37
CA ILE A 79 8.24 6.43 -8.54
C ILE A 79 8.39 6.09 -7.06
N ILE A 80 7.61 5.17 -6.56
CA ILE A 80 7.70 4.79 -5.13
C ILE A 80 9.13 4.34 -4.81
N PHE A 16 -2.00 -8.97 17.64
CA PHE A 16 -2.06 -7.95 16.55
C PHE A 16 -0.90 -6.97 16.73
N SER A 17 0.02 -7.29 17.59
CA SER A 17 1.17 -6.36 17.84
C SER A 17 2.39 -6.73 16.98
N PRO A 18 2.65 -7.99 16.78
CA PRO A 18 3.82 -8.44 15.98
C PRO A 18 3.52 -8.61 14.48
N GLU A 19 2.48 -9.33 14.15
CA GLU A 19 2.17 -9.56 12.69
C GLU A 19 1.27 -8.47 12.12
N THR A 20 0.19 -8.16 12.79
CA THR A 20 -0.76 -7.14 12.26
C THR A 20 -0.14 -5.76 12.26
N MET A 21 0.39 -5.34 13.37
CA MET A 21 0.95 -3.97 13.44
C MET A 21 2.04 -3.81 12.37
N LYS A 22 2.94 -4.75 12.26
CA LYS A 22 4.00 -4.62 11.21
C LYS A 22 3.33 -4.30 9.88
N ALA A 23 2.23 -4.93 9.57
CA ALA A 23 1.53 -4.60 8.30
C ALA A 23 1.04 -3.16 8.42
N ARG A 24 0.60 -2.80 9.60
CA ARG A 24 0.12 -1.42 9.84
C ARG A 24 1.30 -0.45 9.73
N ARG A 25 2.45 -0.85 10.20
CA ARG A 25 3.64 0.04 10.10
C ARG A 25 4.01 0.14 8.63
N ALA A 26 4.04 -0.97 7.95
CA ALA A 26 4.37 -0.94 6.49
C ALA A 26 3.36 -0.04 5.78
N TRP A 27 2.18 0.06 6.33
CA TRP A 27 1.13 0.93 5.73
C TRP A 27 1.39 2.38 6.11
N THR A 28 2.23 2.60 7.10
CA THR A 28 2.55 4.00 7.50
C THR A 28 3.62 4.57 6.58
N ASP A 29 4.71 3.87 6.44
CA ASP A 29 5.82 4.35 5.56
C ASP A 29 5.29 4.64 4.17
N VAL A 30 4.48 3.77 3.63
CA VAL A 30 3.94 4.00 2.26
C VAL A 30 2.88 5.10 2.30
N ILE A 31 2.15 5.20 3.38
CA ILE A 31 1.09 6.27 3.45
C ILE A 31 1.72 7.61 3.06
N GLN A 32 2.88 7.91 3.57
CA GLN A 32 3.52 9.21 3.21
C GLN A 32 4.11 9.13 1.80
N THR A 33 4.50 7.96 1.38
CA THR A 33 5.07 7.83 0.00
C THR A 33 3.96 8.00 -1.04
N LEU A 34 2.89 7.28 -0.90
CA LEU A 34 1.77 7.40 -1.89
C LEU A 34 1.51 8.89 -2.17
N ARG A 35 1.50 9.68 -1.13
CA ARG A 35 1.26 11.14 -1.29
C ARG A 35 2.32 11.75 -2.22
N GLU A 36 3.34 11.01 -2.57
CA GLU A 36 4.39 11.57 -3.47
C GLU A 36 3.79 11.85 -4.85
N HIS A 37 2.76 11.12 -5.23
CA HIS A 37 2.14 11.34 -6.57
C HIS A 37 0.60 11.44 -6.43
N LYS A 38 -0.12 11.08 -7.46
CA LYS A 38 -1.62 11.18 -7.41
C LYS A 38 -2.24 9.89 -6.90
N CYS A 39 -2.25 9.69 -5.61
CA CYS A 39 -2.89 8.47 -5.06
C CYS A 39 -3.17 8.67 -3.58
N GLN A 40 -4.40 8.85 -3.26
CA GLN A 40 -4.79 9.07 -1.84
C GLN A 40 -4.66 7.75 -1.06
N PRO A 41 -3.79 7.66 -0.08
CA PRO A 41 -3.62 6.41 0.73
C PRO A 41 -4.59 6.34 1.90
N ARG A 42 -5.17 5.20 2.15
CA ARG A 42 -6.15 5.07 3.27
C ARG A 42 -5.97 3.70 3.93
N LEU A 43 -5.71 3.65 5.23
CA LEU A 43 -5.55 2.34 5.90
C LEU A 43 -6.92 1.84 6.33
N LEU A 44 -7.34 0.73 5.78
CA LEU A 44 -8.65 0.14 6.15
C LEU A 44 -8.40 -0.94 7.19
N TYR A 45 -9.23 -1.98 7.26
CA TYR A 45 -9.07 -3.11 8.25
C TYR A 45 -7.68 -3.08 8.92
N PRO A 46 -7.55 -3.43 10.19
CA PRO A 46 -6.26 -3.41 10.92
C PRO A 46 -5.01 -3.51 10.04
N ALA A 47 -5.14 -4.06 8.85
CA ALA A 47 -3.95 -4.13 7.95
C ALA A 47 -4.39 -4.13 6.47
N LYS A 48 -5.41 -3.37 6.11
CA LYS A 48 -5.83 -3.33 4.67
C LYS A 48 -5.49 -1.95 4.08
N LEU A 49 -4.58 -1.90 3.14
CA LEU A 49 -4.16 -0.58 2.55
C LEU A 49 -4.76 -0.41 1.14
N SER A 50 -5.54 0.63 0.93
CA SER A 50 -6.16 0.87 -0.40
C SER A 50 -5.45 2.03 -1.11
N ILE A 51 -5.43 2.02 -2.41
CA ILE A 51 -4.76 3.10 -3.18
C ILE A 51 -5.58 3.51 -4.40
N THR A 52 -5.49 4.75 -4.80
CA THR A 52 -6.26 5.23 -5.99
C THR A 52 -5.35 5.29 -7.20
N ILE A 53 -5.56 4.41 -8.15
CA ILE A 53 -4.72 4.39 -9.38
C ILE A 53 -5.60 4.14 -10.60
N ASP A 54 -5.28 4.76 -11.70
CA ASP A 54 -6.09 4.57 -12.95
C ASP A 54 -7.59 4.55 -12.62
N GLY A 55 -7.98 5.20 -11.57
CA GLY A 55 -9.43 5.23 -11.21
C GLY A 55 -9.82 3.98 -10.42
N GLU A 56 -9.57 2.80 -10.94
CA GLU A 56 -9.97 1.58 -10.19
C GLU A 56 -9.21 1.50 -8.87
N THR A 57 -9.89 1.22 -7.80
CA THR A 57 -9.22 1.12 -6.46
C THR A 57 -8.72 -0.29 -6.23
N LYS A 58 -7.55 -0.44 -5.66
CA LYS A 58 -6.98 -1.79 -5.37
C LYS A 58 -6.61 -1.84 -3.89
N VAL A 59 -6.63 -2.99 -3.28
CA VAL A 59 -6.29 -3.08 -1.82
C VAL A 59 -5.46 -4.33 -1.56
N PHE A 60 -4.66 -4.31 -0.53
CA PHE A 60 -3.79 -5.48 -0.19
C PHE A 60 -3.84 -5.76 1.31
N HIS A 61 -3.66 -6.99 1.70
CA HIS A 61 -3.73 -7.35 3.16
C HIS A 61 -2.32 -7.57 3.74
N ASP A 62 -1.48 -8.33 3.07
CA ASP A 62 -0.11 -8.60 3.63
C ASP A 62 0.92 -7.64 3.03
N LYS A 63 2.05 -7.50 3.68
CA LYS A 63 3.13 -6.60 3.18
C LYS A 63 3.64 -7.10 1.83
N THR A 64 3.84 -8.39 1.70
CA THR A 64 4.34 -8.92 0.41
C THR A 64 3.31 -8.62 -0.67
N LYS A 65 2.08 -8.95 -0.41
CA LYS A 65 1.00 -8.69 -1.39
C LYS A 65 1.18 -7.28 -1.98
N PHE A 66 1.56 -6.33 -1.17
CA PHE A 66 1.77 -4.96 -1.70
C PHE A 66 2.91 -5.01 -2.72
N THR A 67 4.09 -5.34 -2.30
CA THR A 67 5.24 -5.40 -3.25
C THR A 67 4.81 -6.12 -4.54
N GLN A 68 4.17 -7.24 -4.41
CA GLN A 68 3.70 -7.99 -5.60
C GLN A 68 2.93 -7.04 -6.52
N TYR A 69 2.10 -6.19 -5.95
CA TYR A 69 1.34 -5.22 -6.79
C TYR A 69 2.36 -4.48 -7.68
N LEU A 70 3.48 -4.14 -7.13
CA LEU A 70 4.54 -3.44 -7.93
C LEU A 70 5.26 -4.46 -8.82
N SER A 71 5.52 -5.63 -8.30
CA SER A 71 6.19 -6.67 -9.12
C SER A 71 5.36 -6.89 -10.39
N THR A 72 4.21 -6.27 -10.46
CA THR A 72 3.33 -6.43 -11.65
C THR A 72 2.78 -5.05 -12.05
N ASN A 73 3.30 -4.00 -11.43
CA ASN A 73 2.86 -2.61 -11.79
C ASN A 73 4.13 -1.73 -11.82
N PRO A 74 4.93 -1.89 -12.85
CA PRO A 74 6.20 -1.14 -13.03
C PRO A 74 6.10 0.36 -12.71
N ALA A 75 5.12 1.02 -13.27
CA ALA A 75 4.94 2.49 -13.05
C ALA A 75 5.31 2.88 -11.61
N LEU A 76 4.68 2.28 -10.64
CA LEU A 76 5.00 2.63 -9.23
C LEU A 76 6.38 2.06 -8.85
N GLN A 77 6.84 1.06 -9.56
CA GLN A 77 8.17 0.49 -9.21
C GLN A 77 9.26 1.48 -9.60
N ARG A 78 9.03 2.27 -10.61
CA ARG A 78 10.06 3.27 -11.01
C ARG A 78 10.11 4.37 -9.95
N ILE A 79 8.97 4.91 -9.60
CA ILE A 79 8.95 5.97 -8.55
C ILE A 79 9.11 5.28 -7.20
N ILE A 80 8.23 4.36 -6.92
CA ILE A 80 8.30 3.59 -5.63
C ILE A 80 8.86 2.20 -5.93
N PHE A 16 -1.73 -8.70 17.75
CA PHE A 16 -1.79 -7.75 16.61
C PHE A 16 -0.63 -6.77 16.73
N SER A 17 0.30 -7.06 17.60
CA SER A 17 1.47 -6.16 17.79
C SER A 17 2.65 -6.58 16.90
N PRO A 18 2.89 -7.86 16.77
CA PRO A 18 4.02 -8.37 15.96
C PRO A 18 3.66 -8.62 14.49
N GLU A 19 2.57 -9.29 14.24
CA GLU A 19 2.19 -9.60 12.81
C GLU A 19 1.33 -8.49 12.21
N THR A 20 0.22 -8.18 12.82
CA THR A 20 -0.70 -7.16 12.27
C THR A 20 -0.02 -5.79 12.19
N MET A 21 0.60 -5.38 13.24
CA MET A 21 1.22 -4.03 13.24
C MET A 21 2.24 -3.92 12.11
N LYS A 22 2.88 -5.01 11.75
CA LYS A 22 3.86 -4.92 10.63
C LYS A 22 3.11 -4.48 9.39
N ALA A 23 1.99 -5.11 9.11
CA ALA A 23 1.20 -4.68 7.93
C ALA A 23 0.86 -3.21 8.14
N ARG A 24 0.53 -2.86 9.36
CA ARG A 24 0.21 -1.45 9.69
C ARG A 24 1.47 -0.61 9.46
N ARG A 25 2.62 -1.18 9.72
CA ARG A 25 3.88 -0.43 9.51
C ARG A 25 4.09 -0.25 8.01
N ALA A 26 4.13 -1.33 7.29
CA ALA A 26 4.30 -1.24 5.81
C ALA A 26 3.23 -0.31 5.25
N TRP A 27 2.15 -0.16 5.97
CA TRP A 27 1.06 0.74 5.51
C TRP A 27 1.38 2.18 5.91
N THR A 28 2.30 2.37 6.81
CA THR A 28 2.67 3.75 7.21
C THR A 28 3.73 4.29 6.24
N ASP A 29 4.76 3.52 6.03
CA ASP A 29 5.85 3.95 5.11
C ASP A 29 5.28 4.28 3.74
N VAL A 30 4.41 3.46 3.23
CA VAL A 30 3.82 3.73 1.90
C VAL A 30 2.82 4.88 1.99
N ILE A 31 2.18 5.03 3.12
CA ILE A 31 1.20 6.15 3.26
C ILE A 31 1.94 7.46 2.97
N GLN A 32 3.21 7.51 3.27
CA GLN A 32 4.01 8.74 3.03
C GLN A 32 4.40 8.80 1.54
N THR A 33 4.71 7.67 0.96
CA THR A 33 5.11 7.65 -0.48
C THR A 33 3.89 7.88 -1.37
N LEU A 34 2.89 7.06 -1.23
CA LEU A 34 1.67 7.20 -2.07
C LEU A 34 1.27 8.69 -2.14
N ARG A 35 1.29 9.37 -1.03
CA ARG A 35 0.90 10.81 -1.00
C ARG A 35 1.98 11.65 -1.72
N GLU A 36 3.12 11.06 -2.03
CA GLU A 36 4.18 11.85 -2.69
C GLU A 36 3.82 12.15 -4.15
N HIS A 37 2.94 11.38 -4.75
CA HIS A 37 2.56 11.64 -6.19
C HIS A 37 1.03 11.62 -6.33
N LYS A 38 0.53 11.25 -7.49
CA LYS A 38 -0.95 11.24 -7.71
C LYS A 38 -1.59 9.94 -7.18
N CYS A 39 -1.57 9.72 -5.89
CA CYS A 39 -2.20 8.50 -5.34
C CYS A 39 -2.51 8.72 -3.86
N GLN A 40 -3.73 9.00 -3.55
CA GLN A 40 -4.13 9.23 -2.13
C GLN A 40 -4.26 7.88 -1.37
N PRO A 41 -3.44 7.63 -0.35
CA PRO A 41 -3.50 6.35 0.43
C PRO A 41 -4.43 6.42 1.66
N ARG A 42 -4.98 5.30 2.05
CA ARG A 42 -5.87 5.27 3.25
C ARG A 42 -5.73 3.90 3.93
N LEU A 43 -5.45 3.87 5.21
CA LEU A 43 -5.33 2.56 5.90
C LEU A 43 -6.72 2.13 6.39
N LEU A 44 -7.19 1.02 5.90
CA LEU A 44 -8.54 0.52 6.32
C LEU A 44 -8.34 -0.52 7.42
N TYR A 45 -9.24 -1.48 7.55
CA TYR A 45 -9.16 -2.56 8.60
C TYR A 45 -7.76 -2.60 9.27
N PRO A 46 -7.66 -2.88 10.55
CA PRO A 46 -6.36 -2.92 11.29
C PRO A 46 -5.13 -3.17 10.40
N ALA A 47 -5.29 -3.78 9.27
CA ALA A 47 -4.12 -4.02 8.37
C ALA A 47 -4.56 -4.03 6.90
N LYS A 48 -5.56 -3.26 6.52
CA LYS A 48 -5.99 -3.25 5.07
C LYS A 48 -5.54 -1.93 4.45
N LEU A 49 -4.81 -1.98 3.36
CA LEU A 49 -4.28 -0.74 2.71
C LEU A 49 -4.86 -0.59 1.30
N SER A 50 -5.59 0.49 1.07
CA SER A 50 -6.18 0.75 -0.27
C SER A 50 -5.39 1.85 -0.98
N ILE A 51 -5.25 1.75 -2.28
CA ILE A 51 -4.48 2.78 -3.04
C ILE A 51 -5.20 3.12 -4.35
N THR A 52 -5.11 4.36 -4.77
CA THR A 52 -5.80 4.81 -6.01
C THR A 52 -4.81 4.83 -7.19
N ILE A 53 -5.19 4.28 -8.33
CA ILE A 53 -4.30 4.29 -9.53
C ILE A 53 -5.16 4.56 -10.76
N ASP A 54 -4.83 5.56 -11.53
CA ASP A 54 -5.64 5.87 -12.75
C ASP A 54 -7.13 5.82 -12.41
N GLY A 55 -7.47 6.00 -11.16
CA GLY A 55 -8.91 5.97 -10.76
C GLY A 55 -9.29 4.58 -10.24
N GLU A 56 -8.69 3.54 -10.76
CA GLU A 56 -9.03 2.17 -10.29
C GLU A 56 -8.52 1.96 -8.88
N THR A 57 -9.41 1.63 -7.97
CA THR A 57 -9.00 1.40 -6.55
C THR A 57 -8.81 -0.10 -6.29
N LYS A 58 -7.73 -0.46 -5.65
CA LYS A 58 -7.47 -1.90 -5.32
C LYS A 58 -7.02 -1.96 -3.86
N VAL A 59 -6.83 -3.12 -3.28
CA VAL A 59 -6.41 -3.17 -1.84
C VAL A 59 -5.46 -4.34 -1.59
N PHE A 60 -4.78 -4.31 -0.47
CA PHE A 60 -3.82 -5.39 -0.12
C PHE A 60 -3.95 -5.72 1.38
N HIS A 61 -3.91 -6.99 1.72
CA HIS A 61 -4.05 -7.39 3.15
C HIS A 61 -2.66 -7.67 3.75
N ASP A 62 -1.77 -8.24 2.98
CA ASP A 62 -0.40 -8.55 3.49
C ASP A 62 0.63 -7.65 2.81
N LYS A 63 1.70 -7.33 3.49
CA LYS A 63 2.74 -6.46 2.88
C LYS A 63 3.28 -7.14 1.63
N THR A 64 3.31 -8.44 1.62
CA THR A 64 3.81 -9.16 0.41
C THR A 64 2.86 -8.91 -0.74
N LYS A 65 1.59 -9.09 -0.51
CA LYS A 65 0.58 -8.86 -1.59
C LYS A 65 0.90 -7.52 -2.27
N PHE A 66 1.14 -6.50 -1.50
CA PHE A 66 1.48 -5.18 -2.09
C PHE A 66 2.82 -5.29 -2.83
N THR A 67 3.89 -5.55 -2.13
CA THR A 67 5.22 -5.69 -2.78
C THR A 67 5.10 -6.47 -4.09
N GLN A 68 4.48 -7.62 -4.04
CA GLN A 68 4.34 -8.43 -5.29
C GLN A 68 3.69 -7.57 -6.38
N TYR A 69 2.73 -6.76 -6.03
CA TYR A 69 2.08 -5.90 -7.05
C TYR A 69 3.18 -5.17 -7.83
N LEU A 70 4.07 -4.52 -7.14
CA LEU A 70 5.17 -3.81 -7.82
C LEU A 70 6.07 -4.83 -8.52
N SER A 71 6.30 -5.96 -7.90
CA SER A 71 7.13 -7.00 -8.55
C SER A 71 6.48 -7.34 -9.90
N THR A 72 5.30 -6.82 -10.12
CA THR A 72 4.58 -7.09 -11.39
C THR A 72 3.81 -5.82 -11.82
N ASN A 73 4.12 -4.69 -11.21
CA ASN A 73 3.45 -3.41 -11.59
C ASN A 73 4.52 -2.31 -11.62
N PRO A 74 5.51 -2.47 -12.47
CA PRO A 74 6.62 -1.49 -12.60
C PRO A 74 6.13 -0.04 -12.52
N ALA A 75 5.02 0.25 -13.16
CA ALA A 75 4.46 1.64 -13.14
C ALA A 75 4.67 2.30 -11.78
N LEU A 76 4.20 1.69 -10.73
CA LEU A 76 4.40 2.33 -9.40
C LEU A 76 5.86 2.16 -8.99
N GLN A 77 6.43 0.99 -9.14
CA GLN A 77 7.84 0.77 -8.71
C GLN A 77 8.70 1.99 -9.05
N ARG A 78 8.34 2.75 -10.04
CA ARG A 78 9.13 3.96 -10.37
C ARG A 78 8.62 5.13 -9.52
N ILE A 79 7.32 5.24 -9.36
CA ILE A 79 6.74 6.36 -8.55
C ILE A 79 6.36 5.88 -7.14
N ILE A 80 5.65 4.80 -7.04
CA ILE A 80 5.22 4.29 -5.71
C ILE A 80 4.61 5.44 -4.90
N PHE A 16 -1.37 -8.35 18.27
CA PHE A 16 -1.48 -7.46 17.10
C PHE A 16 -0.32 -6.46 17.10
N SER A 17 0.68 -6.74 17.88
CA SER A 17 1.85 -5.80 17.97
C SER A 17 2.96 -6.20 16.99
N PRO A 18 3.29 -7.45 16.91
CA PRO A 18 4.38 -7.94 16.03
C PRO A 18 3.91 -8.29 14.61
N GLU A 19 2.83 -9.01 14.48
CA GLU A 19 2.36 -9.40 13.11
C GLU A 19 1.42 -8.35 12.51
N THR A 20 0.38 -8.03 13.21
CA THR A 20 -0.61 -7.04 12.69
C THR A 20 0.02 -5.66 12.52
N MET A 21 0.73 -5.20 13.51
CA MET A 21 1.32 -3.85 13.41
C MET A 21 2.31 -3.79 12.24
N LYS A 22 3.00 -4.86 11.95
CA LYS A 22 3.94 -4.81 10.79
C LYS A 22 3.14 -4.44 9.56
N ALA A 23 1.98 -5.03 9.39
CA ALA A 23 1.15 -4.68 8.22
C ALA A 23 0.75 -3.21 8.36
N ARG A 24 0.50 -2.80 9.57
CA ARG A 24 0.13 -1.38 9.84
C ARG A 24 1.35 -0.49 9.59
N ARG A 25 2.53 -1.00 9.85
CA ARG A 25 3.77 -0.20 9.62
C ARG A 25 4.00 -0.14 8.11
N ALA A 26 4.00 -1.26 7.46
CA ALA A 26 4.19 -1.26 5.99
C ALA A 26 3.14 -0.34 5.36
N TRP A 27 2.06 -0.15 6.07
CA TRP A 27 0.96 0.73 5.59
C TRP A 27 1.28 2.17 5.99
N THR A 28 2.17 2.35 6.93
CA THR A 28 2.54 3.73 7.33
C THR A 28 3.61 4.27 6.39
N ASP A 29 4.66 3.52 6.21
CA ASP A 29 5.77 3.96 5.30
C ASP A 29 5.22 4.26 3.91
N VAL A 30 4.39 3.40 3.38
CA VAL A 30 3.83 3.66 2.03
C VAL A 30 2.81 4.80 2.11
N ILE A 31 2.12 4.95 3.21
CA ILE A 31 1.11 6.03 3.31
C ILE A 31 1.76 7.36 2.87
N GLN A 32 2.98 7.61 3.25
CA GLN A 32 3.61 8.90 2.83
C GLN A 32 4.06 8.78 1.37
N THR A 33 4.42 7.60 0.93
CA THR A 33 4.86 7.42 -0.49
C THR A 33 3.70 7.61 -1.45
N LEU A 34 2.65 6.83 -1.33
CA LEU A 34 1.51 6.95 -2.27
C LEU A 34 1.18 8.44 -2.48
N ARG A 35 1.19 9.21 -1.42
CA ARG A 35 0.87 10.66 -1.54
C ARG A 35 1.92 11.36 -2.44
N GLU A 36 2.98 10.69 -2.80
CA GLU A 36 4.00 11.35 -3.65
C GLU A 36 3.44 11.60 -5.05
N HIS A 37 2.50 10.80 -5.50
CA HIS A 37 1.91 11.00 -6.86
C HIS A 37 0.38 10.96 -6.79
N LYS A 38 -0.26 10.54 -7.85
CA LYS A 38 -1.76 10.51 -7.87
C LYS A 38 -2.27 9.24 -7.16
N CYS A 39 -2.33 9.26 -5.85
CA CYS A 39 -2.85 8.07 -5.14
C CYS A 39 -3.04 8.39 -3.67
N GLN A 40 -4.24 8.71 -3.30
CA GLN A 40 -4.53 9.01 -1.87
C GLN A 40 -4.62 7.68 -1.10
N PRO A 41 -3.73 7.41 -0.16
CA PRO A 41 -3.75 6.12 0.61
C PRO A 41 -4.71 6.14 1.80
N ARG A 42 -5.32 5.03 2.10
CA ARG A 42 -6.28 4.96 3.25
C ARG A 42 -6.13 3.63 3.97
N LEU A 43 -5.80 3.63 5.25
CA LEU A 43 -5.66 2.35 5.99
C LEU A 43 -7.01 1.96 6.58
N LEU A 44 -7.52 0.84 6.17
CA LEU A 44 -8.84 0.35 6.70
C LEU A 44 -8.55 -0.76 7.72
N TYR A 45 -9.44 -1.72 7.86
CA TYR A 45 -9.26 -2.87 8.84
C TYR A 45 -7.85 -2.88 9.47
N PRO A 46 -7.73 -3.20 10.75
CA PRO A 46 -6.40 -3.21 11.46
C PRO A 46 -5.18 -3.43 10.57
N ALA A 47 -5.36 -3.98 9.39
CA ALA A 47 -4.19 -4.17 8.48
C ALA A 47 -4.65 -4.20 7.01
N LYS A 48 -5.59 -3.36 6.64
CA LYS A 48 -6.05 -3.35 5.20
C LYS A 48 -5.71 -1.99 4.58
N LEU A 49 -4.91 -1.97 3.52
CA LEU A 49 -4.49 -0.67 2.90
C LEU A 49 -5.00 -0.57 1.45
N SER A 50 -5.67 0.51 1.13
CA SER A 50 -6.20 0.72 -0.26
C SER A 50 -5.40 1.81 -0.97
N ILE A 51 -5.22 1.67 -2.25
CA ILE A 51 -4.43 2.67 -3.03
C ILE A 51 -5.17 3.03 -4.33
N THR A 52 -5.10 4.27 -4.73
CA THR A 52 -5.79 4.73 -5.97
C THR A 52 -4.76 4.97 -7.08
N ILE A 53 -5.11 4.66 -8.31
CA ILE A 53 -4.16 4.88 -9.44
C ILE A 53 -4.92 5.45 -10.64
N ASP A 54 -4.75 6.72 -10.91
CA ASP A 54 -5.45 7.37 -12.06
C ASP A 54 -6.91 6.90 -12.11
N GLY A 55 -7.46 6.53 -10.98
CA GLY A 55 -8.89 6.07 -10.93
C GLY A 55 -8.94 4.63 -10.42
N GLU A 56 -8.21 3.74 -11.03
CA GLU A 56 -8.22 2.32 -10.57
C GLU A 56 -7.96 2.28 -9.06
N THR A 57 -8.43 1.27 -8.39
CA THR A 57 -8.23 1.19 -6.92
C THR A 57 -8.31 -0.27 -6.44
N LYS A 58 -7.28 -0.75 -5.79
CA LYS A 58 -7.27 -2.16 -5.28
C LYS A 58 -6.85 -2.13 -3.81
N VAL A 59 -6.80 -3.25 -3.16
CA VAL A 59 -6.41 -3.26 -1.71
C VAL A 59 -5.56 -4.49 -1.37
N PHE A 60 -4.82 -4.42 -0.30
CA PHE A 60 -3.96 -5.57 0.09
C PHE A 60 -3.96 -5.73 1.61
N HIS A 61 -4.24 -6.91 2.09
CA HIS A 61 -4.27 -7.15 3.56
C HIS A 61 -2.90 -7.65 4.01
N ASP A 62 -2.10 -8.15 3.09
CA ASP A 62 -0.74 -8.67 3.44
C ASP A 62 0.33 -7.78 2.80
N LYS A 63 1.49 -7.72 3.40
CA LYS A 63 2.58 -6.87 2.84
C LYS A 63 3.14 -7.50 1.56
N THR A 64 3.18 -8.80 1.50
CA THR A 64 3.72 -9.47 0.28
C THR A 64 2.82 -9.16 -0.91
N LYS A 65 1.54 -9.40 -0.76
CA LYS A 65 0.61 -9.15 -1.88
C LYS A 65 0.86 -7.74 -2.44
N PHE A 66 1.09 -6.78 -1.59
CA PHE A 66 1.36 -5.40 -2.09
C PHE A 66 2.65 -5.41 -2.91
N THR A 67 3.74 -5.78 -2.31
CA THR A 67 5.03 -5.81 -3.05
C THR A 67 4.83 -6.52 -4.40
N GLN A 68 4.16 -7.64 -4.39
CA GLN A 68 3.92 -8.37 -5.67
C GLN A 68 3.11 -7.49 -6.62
N TYR A 69 2.09 -6.85 -6.13
CA TYR A 69 1.26 -5.97 -7.01
C TYR A 69 2.20 -5.03 -7.78
N LEU A 70 3.23 -4.55 -7.15
CA LEU A 70 4.17 -3.62 -7.85
C LEU A 70 5.16 -4.44 -8.68
N SER A 71 5.65 -5.53 -8.15
CA SER A 71 6.62 -6.35 -8.93
C SER A 71 6.03 -6.60 -10.32
N THR A 72 4.73 -6.57 -10.41
CA THR A 72 4.05 -6.79 -11.73
C THR A 72 3.62 -5.44 -12.31
N ASN A 73 4.01 -4.34 -11.69
CA ASN A 73 3.62 -3.00 -12.22
C ASN A 73 4.81 -2.04 -12.04
N PRO A 74 5.84 -2.25 -12.82
CA PRO A 74 7.07 -1.42 -12.77
C PRO A 74 6.76 0.08 -12.81
N ALA A 75 5.62 0.45 -13.29
CA ALA A 75 5.26 1.90 -13.36
C ALA A 75 5.33 2.51 -11.97
N LEU A 76 4.69 1.92 -11.00
CA LEU A 76 4.72 2.49 -9.62
C LEU A 76 6.13 2.31 -9.04
N GLN A 77 6.78 1.22 -9.35
CA GLN A 77 8.15 0.99 -8.78
C GLN A 77 9.00 2.26 -8.96
N ARG A 78 8.96 2.87 -10.12
CA ARG A 78 9.76 4.11 -10.33
C ARG A 78 9.23 5.21 -9.44
N ILE A 79 7.93 5.40 -9.40
CA ILE A 79 7.37 6.47 -8.54
C ILE A 79 7.66 6.18 -7.06
N ILE A 80 7.19 5.07 -6.55
CA ILE A 80 7.46 4.75 -5.13
C ILE A 80 8.96 4.67 -4.89
N PHE A 16 -0.97 -9.17 17.39
CA PHE A 16 -1.18 -8.08 16.40
C PHE A 16 -0.01 -7.08 16.50
N SER A 17 0.44 -6.84 17.68
CA SER A 17 1.56 -5.88 17.87
C SER A 17 2.74 -6.23 16.95
N PRO A 18 3.09 -7.48 16.85
CA PRO A 18 4.22 -7.93 16.01
C PRO A 18 3.84 -8.19 14.54
N GLU A 19 2.76 -8.90 14.30
CA GLU A 19 2.36 -9.20 12.90
C GLU A 19 1.46 -8.10 12.30
N THR A 20 0.37 -7.83 12.95
CA THR A 20 -0.59 -6.82 12.41
C THR A 20 -0.01 -5.41 12.38
N MET A 21 0.54 -4.95 13.46
CA MET A 21 1.06 -3.55 13.47
C MET A 21 2.12 -3.39 12.38
N LYS A 22 3.08 -4.27 12.32
CA LYS A 22 4.13 -4.16 11.26
C LYS A 22 3.43 -3.96 9.92
N ALA A 23 2.30 -4.57 9.73
CA ALA A 23 1.58 -4.35 8.46
C ALA A 23 1.15 -2.89 8.43
N ARG A 24 0.63 -2.40 9.52
CA ARG A 24 0.22 -0.97 9.59
C ARG A 24 1.46 -0.10 9.42
N ARG A 25 2.59 -0.60 9.86
CA ARG A 25 3.84 0.19 9.70
C ARG A 25 4.20 0.20 8.22
N ALA A 26 4.20 -0.94 7.59
CA ALA A 26 4.51 -0.97 6.14
C ALA A 26 3.52 -0.03 5.44
N TRP A 27 2.36 0.11 6.01
CA TRP A 27 1.32 1.02 5.44
C TRP A 27 1.63 2.47 5.87
N THR A 28 2.45 2.63 6.87
CA THR A 28 2.80 4.02 7.33
C THR A 28 3.86 4.62 6.41
N ASP A 29 5.01 3.99 6.35
CA ASP A 29 6.09 4.51 5.48
C ASP A 29 5.56 4.78 4.07
N VAL A 30 4.82 3.86 3.52
CA VAL A 30 4.29 4.07 2.15
C VAL A 30 3.18 5.13 2.17
N ILE A 31 2.43 5.22 3.25
CA ILE A 31 1.33 6.25 3.29
C ILE A 31 1.92 7.59 2.84
N GLN A 32 3.14 7.87 3.19
CA GLN A 32 3.76 9.15 2.76
C GLN A 32 4.16 9.02 1.28
N THR A 33 4.54 7.85 0.86
CA THR A 33 4.93 7.65 -0.57
C THR A 33 3.72 7.86 -1.47
N LEU A 34 2.65 7.13 -1.25
CA LEU A 34 1.44 7.28 -2.12
C LEU A 34 1.14 8.77 -2.33
N ARG A 35 1.18 9.53 -1.29
CA ARG A 35 0.88 10.98 -1.40
C ARG A 35 1.89 11.66 -2.34
N GLU A 36 2.86 10.96 -2.84
CA GLU A 36 3.86 11.61 -3.73
C GLU A 36 3.32 11.71 -5.17
N HIS A 37 2.29 10.96 -5.50
CA HIS A 37 1.70 11.05 -6.88
C HIS A 37 0.18 11.19 -6.76
N LYS A 38 -0.56 10.72 -7.74
CA LYS A 38 -2.05 10.84 -7.68
C LYS A 38 -2.65 9.55 -7.12
N CYS A 39 -2.50 9.33 -5.85
CA CYS A 39 -3.05 8.10 -5.22
C CYS A 39 -3.26 8.36 -3.74
N GLN A 40 -4.47 8.62 -3.35
CA GLN A 40 -4.74 8.89 -1.92
C GLN A 40 -4.66 7.57 -1.11
N PRO A 41 -3.82 7.48 -0.10
CA PRO A 41 -3.72 6.25 0.73
C PRO A 41 -4.78 6.20 1.85
N ARG A 42 -5.38 5.06 2.05
CA ARG A 42 -6.43 4.92 3.12
C ARG A 42 -6.24 3.56 3.79
N LEU A 43 -6.14 3.56 5.11
CA LEU A 43 -5.95 2.29 5.85
C LEU A 43 -7.29 1.81 6.39
N LEU A 44 -7.67 0.64 5.99
CA LEU A 44 -8.97 0.04 6.45
C LEU A 44 -8.63 -1.06 7.44
N TYR A 45 -9.43 -2.12 7.49
CA TYR A 45 -9.20 -3.30 8.42
C TYR A 45 -7.83 -3.22 9.11
N PRO A 46 -7.70 -3.62 10.36
CA PRO A 46 -6.42 -3.55 11.11
C PRO A 46 -5.15 -3.52 10.25
N ALA A 47 -5.21 -3.98 9.03
CA ALA A 47 -3.99 -3.92 8.17
C ALA A 47 -4.35 -3.86 6.68
N LYS A 48 -5.45 -3.23 6.29
CA LYS A 48 -5.78 -3.16 4.82
C LYS A 48 -5.35 -1.80 4.25
N LEU A 49 -4.54 -1.80 3.21
CA LEU A 49 -4.14 -0.51 2.59
C LEU A 49 -4.92 -0.33 1.28
N SER A 50 -5.76 0.67 1.21
CA SER A 50 -6.54 0.91 -0.05
C SER A 50 -5.92 2.12 -0.75
N ILE A 51 -5.54 1.94 -2.00
CA ILE A 51 -4.90 3.04 -2.77
C ILE A 51 -5.62 3.23 -4.11
N THR A 52 -5.59 4.43 -4.62
CA THR A 52 -6.29 4.71 -5.92
C THR A 52 -5.30 4.66 -7.09
N ILE A 53 -5.32 3.61 -7.87
CA ILE A 53 -4.39 3.51 -9.04
C ILE A 53 -5.13 3.91 -10.31
N ASP A 54 -4.62 4.88 -11.04
CA ASP A 54 -5.26 5.32 -12.31
C ASP A 54 -6.79 5.32 -12.17
N GLY A 55 -7.30 5.57 -11.00
CA GLY A 55 -8.78 5.59 -10.80
C GLY A 55 -9.27 4.27 -10.21
N GLU A 56 -8.82 3.17 -10.73
CA GLU A 56 -9.28 1.84 -10.21
C GLU A 56 -8.88 1.70 -8.74
N THR A 57 -9.79 1.30 -7.91
CA THR A 57 -9.48 1.12 -6.46
C THR A 57 -9.05 -0.32 -6.18
N LYS A 58 -7.98 -0.51 -5.46
CA LYS A 58 -7.50 -1.88 -5.12
C LYS A 58 -7.05 -1.87 -3.66
N VAL A 59 -7.02 -3.00 -3.00
CA VAL A 59 -6.60 -3.02 -1.58
C VAL A 59 -5.74 -4.26 -1.31
N PHE A 60 -4.97 -4.25 -0.26
CA PHE A 60 -4.09 -5.40 0.05
C PHE A 60 -4.04 -5.63 1.56
N HIS A 61 -4.09 -6.88 1.99
CA HIS A 61 -4.05 -7.18 3.46
C HIS A 61 -2.60 -7.48 3.87
N ASP A 62 -1.97 -8.43 3.23
CA ASP A 62 -0.57 -8.78 3.60
C ASP A 62 0.41 -7.83 2.89
N LYS A 63 1.69 -8.03 3.10
CA LYS A 63 2.71 -7.14 2.46
C LYS A 63 3.12 -7.72 1.10
N THR A 64 3.19 -9.01 0.99
CA THR A 64 3.60 -9.63 -0.30
C THR A 64 2.58 -9.26 -1.39
N LYS A 65 1.32 -9.44 -1.12
CA LYS A 65 0.30 -9.12 -2.13
C LYS A 65 0.54 -7.69 -2.64
N PHE A 66 0.88 -6.78 -1.77
CA PHE A 66 1.16 -5.39 -2.20
C PHE A 66 2.37 -5.38 -3.14
N THR A 67 3.52 -5.75 -2.64
CA THR A 67 4.74 -5.78 -3.50
C THR A 67 4.42 -6.43 -4.85
N GLN A 68 3.87 -7.62 -4.84
CA GLN A 68 3.52 -8.30 -6.12
C GLN A 68 2.74 -7.33 -6.99
N TYR A 69 1.74 -6.69 -6.45
CA TYR A 69 0.96 -5.72 -7.28
C TYR A 69 1.93 -4.73 -7.91
N LEU A 70 3.04 -4.46 -7.27
CA LEU A 70 4.03 -3.50 -7.86
C LEU A 70 4.96 -4.22 -8.82
N SER A 71 5.41 -5.40 -8.48
CA SER A 71 6.32 -6.13 -9.41
C SER A 71 5.66 -6.17 -10.79
N THR A 72 4.36 -6.10 -10.81
CA THR A 72 3.62 -6.11 -12.10
C THR A 72 3.30 -4.66 -12.50
N ASN A 73 3.87 -3.69 -11.80
CA ASN A 73 3.62 -2.25 -12.14
C ASN A 73 4.92 -1.45 -11.98
N PRO A 74 5.89 -1.72 -12.83
CA PRO A 74 7.22 -1.04 -12.80
C PRO A 74 7.13 0.49 -12.68
N ALA A 75 5.96 1.05 -12.86
CA ALA A 75 5.84 2.52 -12.76
C ALA A 75 5.93 2.94 -11.30
N LEU A 76 5.14 2.33 -10.45
CA LEU A 76 5.21 2.71 -9.01
C LEU A 76 6.52 2.18 -8.44
N GLN A 77 7.09 1.18 -9.05
CA GLN A 77 8.38 0.63 -8.53
C GLN A 77 9.42 1.75 -8.49
N ARG A 78 9.62 2.43 -9.60
CA ARG A 78 10.60 3.55 -9.60
C ARG A 78 10.26 4.49 -8.45
N ILE A 79 8.99 4.74 -8.25
CA ILE A 79 8.58 5.63 -7.13
C ILE A 79 8.63 4.84 -5.83
N ILE A 80 8.65 3.54 -5.91
CA ILE A 80 8.69 2.73 -4.68
C ILE A 80 9.01 1.27 -5.04
N PHE A 16 -1.10 -9.05 17.66
CA PHE A 16 -1.36 -7.97 16.66
C PHE A 16 -0.16 -7.02 16.64
N SER A 17 0.28 -6.63 17.80
CA SER A 17 1.43 -5.68 17.90
C SER A 17 2.58 -6.12 16.99
N PRO A 18 2.91 -7.38 16.95
CA PRO A 18 4.02 -7.88 16.11
C PRO A 18 3.59 -8.20 14.68
N GLU A 19 2.54 -8.95 14.50
CA GLU A 19 2.10 -9.34 13.12
C GLU A 19 1.17 -8.30 12.49
N THR A 20 0.06 -8.02 13.12
CA THR A 20 -0.90 -7.04 12.53
C THR A 20 -0.26 -5.67 12.39
N MET A 21 0.51 -5.27 13.34
CA MET A 21 1.10 -3.92 13.25
C MET A 21 2.13 -3.87 12.11
N LYS A 22 2.90 -4.91 11.91
CA LYS A 22 3.88 -4.87 10.79
C LYS A 22 3.13 -4.48 9.51
N ALA A 23 1.96 -5.02 9.32
CA ALA A 23 1.19 -4.63 8.11
C ALA A 23 0.80 -3.16 8.28
N ARG A 24 0.49 -2.76 9.49
CA ARG A 24 0.12 -1.34 9.75
C ARG A 24 1.34 -0.45 9.49
N ARG A 25 2.50 -0.93 9.82
CA ARG A 25 3.73 -0.11 9.58
C ARG A 25 4.00 -0.10 8.08
N ALA A 26 4.01 -1.25 7.46
CA ALA A 26 4.24 -1.28 5.99
C ALA A 26 3.19 -0.37 5.33
N TRP A 27 2.09 -0.19 6.01
CA TRP A 27 1.01 0.70 5.49
C TRP A 27 1.34 2.14 5.86
N THR A 28 2.24 2.33 6.79
CA THR A 28 2.63 3.71 7.19
C THR A 28 3.70 4.23 6.23
N ASP A 29 4.72 3.45 6.00
CA ASP A 29 5.81 3.88 5.08
C ASP A 29 5.25 4.17 3.69
N VAL A 30 4.38 3.33 3.20
CA VAL A 30 3.82 3.57 1.85
C VAL A 30 2.82 4.73 1.92
N ILE A 31 2.21 4.96 3.06
CA ILE A 31 1.24 6.08 3.16
C ILE A 31 1.95 7.40 2.82
N GLN A 32 3.15 7.60 3.30
CA GLN A 32 3.86 8.87 2.97
C GLN A 32 4.32 8.82 1.51
N THR A 33 4.53 7.65 0.99
CA THR A 33 4.98 7.54 -0.43
C THR A 33 3.79 7.78 -1.37
N LEU A 34 2.71 7.06 -1.20
CA LEU A 34 1.52 7.25 -2.08
C LEU A 34 1.24 8.76 -2.24
N ARG A 35 1.32 9.48 -1.16
CA ARG A 35 1.05 10.94 -1.23
C ARG A 35 2.17 11.66 -2.00
N GLU A 36 3.23 10.99 -2.36
CA GLU A 36 4.32 11.69 -3.09
C GLU A 36 3.90 11.91 -4.55
N HIS A 37 2.83 11.27 -4.99
CA HIS A 37 2.34 11.49 -6.39
C HIS A 37 0.82 11.73 -6.36
N LYS A 38 0.11 11.38 -7.40
CA LYS A 38 -1.37 11.61 -7.41
C LYS A 38 -2.10 10.35 -6.99
N CYS A 39 -1.98 9.97 -5.75
CA CYS A 39 -2.68 8.76 -5.26
C CYS A 39 -2.86 8.86 -3.75
N GLN A 40 -4.06 9.17 -3.33
CA GLN A 40 -4.35 9.33 -1.88
C GLN A 40 -4.44 7.94 -1.19
N PRO A 41 -3.59 7.65 -0.21
CA PRO A 41 -3.62 6.33 0.51
C PRO A 41 -4.67 6.30 1.64
N ARG A 42 -5.22 5.13 1.90
CA ARG A 42 -6.24 4.99 2.98
C ARG A 42 -6.05 3.64 3.67
N LEU A 43 -5.78 3.63 4.96
CA LEU A 43 -5.61 2.33 5.65
C LEU A 43 -6.98 1.83 6.12
N LEU A 44 -7.37 0.69 5.65
CA LEU A 44 -8.69 0.10 6.03
C LEU A 44 -8.45 -0.85 7.20
N TYR A 45 -9.30 -1.85 7.38
CA TYR A 45 -9.16 -2.87 8.50
C TYR A 45 -7.76 -2.79 9.16
N PRO A 46 -7.65 -3.00 10.46
CA PRO A 46 -6.35 -2.93 11.19
C PRO A 46 -5.12 -3.20 10.32
N ALA A 47 -5.26 -3.87 9.21
CA ALA A 47 -4.07 -4.12 8.34
C ALA A 47 -4.48 -4.20 6.86
N LYS A 48 -5.51 -3.48 6.42
CA LYS A 48 -5.88 -3.52 4.95
C LYS A 48 -5.56 -2.14 4.37
N LEU A 49 -4.73 -2.10 3.34
CA LEU A 49 -4.33 -0.78 2.74
C LEU A 49 -4.86 -0.65 1.32
N SER A 50 -5.55 0.43 1.04
CA SER A 50 -6.10 0.66 -0.33
C SER A 50 -5.33 1.80 -1.00
N ILE A 51 -5.22 1.75 -2.30
CA ILE A 51 -4.49 2.81 -3.05
C ILE A 51 -5.31 3.22 -4.28
N THR A 52 -5.15 4.45 -4.69
CA THR A 52 -5.90 4.95 -5.88
C THR A 52 -5.03 4.81 -7.13
N ILE A 53 -5.41 3.93 -8.04
CA ILE A 53 -4.61 3.74 -9.30
C ILE A 53 -5.33 4.44 -10.45
N ASP A 54 -5.00 5.67 -10.71
CA ASP A 54 -5.66 6.42 -11.83
C ASP A 54 -7.17 6.13 -11.87
N GLY A 55 -7.75 5.82 -10.73
CA GLY A 55 -9.21 5.53 -10.69
C GLY A 55 -9.46 4.12 -10.15
N GLU A 56 -8.93 3.11 -10.80
CA GLU A 56 -9.14 1.72 -10.33
C GLU A 56 -8.71 1.58 -8.87
N THR A 57 -9.60 1.12 -8.04
CA THR A 57 -9.27 0.93 -6.60
C THR A 57 -8.74 -0.48 -6.36
N LYS A 58 -7.63 -0.61 -5.68
CA LYS A 58 -7.05 -1.96 -5.39
C LYS A 58 -6.66 -2.00 -3.90
N VAL A 59 -6.70 -3.16 -3.28
CA VAL A 59 -6.35 -3.22 -1.83
C VAL A 59 -5.52 -4.48 -1.53
N PHE A 60 -4.78 -4.44 -0.45
CA PHE A 60 -3.92 -5.59 -0.08
C PHE A 60 -3.99 -5.83 1.43
N HIS A 61 -4.00 -7.08 1.84
CA HIS A 61 -4.09 -7.40 3.30
C HIS A 61 -2.72 -7.81 3.84
N ASP A 62 -1.71 -7.86 3.00
CA ASP A 62 -0.35 -8.26 3.48
C ASP A 62 0.73 -7.46 2.74
N LYS A 63 1.70 -6.97 3.45
CA LYS A 63 2.79 -6.17 2.81
C LYS A 63 3.35 -6.94 1.61
N THR A 64 3.35 -8.24 1.66
CA THR A 64 3.88 -9.02 0.50
C THR A 64 3.00 -8.77 -0.71
N LYS A 65 1.75 -9.12 -0.61
CA LYS A 65 0.83 -8.94 -1.75
C LYS A 65 0.99 -7.52 -2.32
N PHE A 66 1.15 -6.54 -1.47
CA PHE A 66 1.33 -5.14 -1.99
C PHE A 66 2.63 -5.12 -2.80
N THR A 67 3.72 -5.47 -2.18
CA THR A 67 5.01 -5.47 -2.92
C THR A 67 4.82 -6.26 -4.23
N GLN A 68 4.14 -7.38 -4.17
CA GLN A 68 3.92 -8.19 -5.41
C GLN A 68 3.22 -7.32 -6.46
N TYR A 69 2.22 -6.57 -6.06
CA TYR A 69 1.53 -5.69 -7.05
C TYR A 69 2.58 -4.94 -7.87
N LEU A 70 3.59 -4.44 -7.22
CA LEU A 70 4.68 -3.73 -7.94
C LEU A 70 5.52 -4.74 -8.70
N SER A 71 5.80 -5.87 -8.10
CA SER A 71 6.59 -6.92 -8.79
C SER A 71 5.90 -7.25 -10.11
N THR A 72 4.72 -6.73 -10.30
CA THR A 72 3.95 -6.99 -11.56
C THR A 72 3.33 -5.66 -12.03
N ASN A 73 3.63 -4.59 -11.34
CA ASN A 73 3.14 -3.24 -11.74
C ASN A 73 4.34 -2.28 -11.61
N PRO A 74 5.14 -2.15 -12.65
CA PRO A 74 6.36 -1.30 -12.59
C PRO A 74 6.05 0.20 -12.66
N ALA A 75 4.84 0.57 -12.98
CA ALA A 75 4.51 2.02 -13.04
C ALA A 75 4.90 2.69 -11.72
N LEU A 76 4.34 2.23 -10.64
CA LEU A 76 4.67 2.86 -9.32
C LEU A 76 6.08 2.46 -8.89
N GLN A 77 6.45 1.21 -9.07
CA GLN A 77 7.80 0.74 -8.64
C GLN A 77 8.86 1.80 -8.94
N ARG A 78 8.72 2.51 -10.02
CA ARG A 78 9.72 3.57 -10.33
C ARG A 78 9.37 4.79 -9.47
N ILE A 79 8.12 5.13 -9.42
CA ILE A 79 7.72 6.31 -8.61
C ILE A 79 7.99 6.05 -7.12
N ILE A 80 7.41 5.02 -6.57
CA ILE A 80 7.64 4.73 -5.14
C ILE A 80 9.11 4.39 -4.92
N PHE A 16 -2.59 -8.94 17.41
CA PHE A 16 -2.54 -7.92 16.34
C PHE A 16 -1.36 -6.99 16.57
N SER A 17 -0.48 -7.36 17.46
CA SER A 17 0.69 -6.51 17.78
C SER A 17 1.91 -6.91 16.93
N PRO A 18 2.16 -8.18 16.79
CA PRO A 18 3.31 -8.68 16.02
C PRO A 18 3.00 -8.90 14.53
N GLU A 19 1.92 -9.55 14.22
CA GLU A 19 1.61 -9.82 12.77
C GLU A 19 0.81 -8.67 12.14
N THR A 20 -0.24 -8.25 12.77
CA THR A 20 -1.08 -7.18 12.18
C THR A 20 -0.42 -5.81 12.22
N MET A 21 0.07 -5.42 13.35
CA MET A 21 0.67 -4.06 13.45
C MET A 21 1.81 -3.91 12.44
N LYS A 22 2.49 -4.97 12.10
CA LYS A 22 3.58 -4.85 11.10
C LYS A 22 2.97 -4.50 9.76
N ALA A 23 1.98 -5.25 9.34
CA ALA A 23 1.33 -4.93 8.04
C ALA A 23 0.82 -3.49 8.13
N ARG A 24 0.35 -3.10 9.29
CA ARG A 24 -0.15 -1.72 9.49
C ARG A 24 1.06 -0.77 9.54
N ARG A 25 2.15 -1.23 10.08
CA ARG A 25 3.37 -0.37 10.14
C ARG A 25 3.87 -0.14 8.73
N ALA A 26 4.00 -1.17 7.96
CA ALA A 26 4.46 -1.00 6.54
C ALA A 26 3.58 0.08 5.89
N TRP A 27 2.29 -0.13 5.94
CA TRP A 27 1.33 0.86 5.37
C TRP A 27 1.76 2.27 5.76
N THR A 28 2.35 2.42 6.91
CA THR A 28 2.78 3.78 7.36
C THR A 28 3.88 4.31 6.42
N ASP A 29 4.92 3.55 6.24
CA ASP A 29 6.04 4.00 5.36
C ASP A 29 5.52 4.33 3.97
N VAL A 30 4.76 3.45 3.37
CA VAL A 30 4.25 3.72 2.01
C VAL A 30 3.16 4.79 2.07
N ILE A 31 2.46 4.91 3.17
CA ILE A 31 1.39 5.95 3.25
C ILE A 31 1.99 7.30 2.86
N GLN A 32 3.16 7.63 3.35
CA GLN A 32 3.78 8.93 2.99
C GLN A 32 4.30 8.86 1.56
N THR A 33 4.70 7.69 1.12
CA THR A 33 5.22 7.57 -0.29
C THR A 33 4.07 7.74 -1.28
N LEU A 34 2.99 7.04 -1.08
CA LEU A 34 1.84 7.15 -2.03
C LEU A 34 1.58 8.63 -2.35
N ARG A 35 1.58 9.47 -1.36
CA ARG A 35 1.31 10.91 -1.61
C ARG A 35 2.41 11.53 -2.50
N GLU A 36 3.54 10.90 -2.60
CA GLU A 36 4.63 11.49 -3.46
C GLU A 36 4.06 11.81 -4.84
N HIS A 37 3.12 11.04 -5.32
CA HIS A 37 2.54 11.30 -6.67
C HIS A 37 1.00 11.30 -6.60
N LYS A 38 0.35 10.95 -7.68
CA LYS A 38 -1.14 10.95 -7.71
C LYS A 38 -1.70 9.61 -7.21
N CYS A 39 -2.02 9.54 -5.94
CA CYS A 39 -2.61 8.30 -5.36
C CYS A 39 -2.90 8.57 -3.88
N GLN A 40 -4.13 8.83 -3.56
CA GLN A 40 -4.51 9.10 -2.15
C GLN A 40 -4.49 7.78 -1.33
N PRO A 41 -3.63 7.65 -0.34
CA PRO A 41 -3.56 6.42 0.50
C PRO A 41 -4.59 6.43 1.63
N ARG A 42 -5.08 5.28 2.02
CA ARG A 42 -6.07 5.21 3.13
C ARG A 42 -5.90 3.89 3.87
N LEU A 43 -5.70 3.94 5.17
CA LEU A 43 -5.54 2.69 5.95
C LEU A 43 -6.92 2.23 6.42
N LEU A 44 -7.25 1.01 6.12
CA LEU A 44 -8.58 0.45 6.51
C LEU A 44 -8.34 -0.62 7.56
N TYR A 45 -9.19 -1.64 7.59
CA TYR A 45 -9.07 -2.78 8.59
C TYR A 45 -7.71 -2.73 9.33
N PRO A 46 -7.66 -3.11 10.60
CA PRO A 46 -6.42 -3.08 11.43
C PRO A 46 -5.12 -3.01 10.63
N ALA A 47 -5.10 -3.54 9.44
CA ALA A 47 -3.87 -3.44 8.60
C ALA A 47 -4.22 -3.62 7.12
N LYS A 48 -5.27 -2.97 6.63
CA LYS A 48 -5.62 -3.11 5.17
C LYS A 48 -5.25 -1.81 4.46
N LEU A 49 -4.47 -1.89 3.40
CA LEU A 49 -4.05 -0.66 2.67
C LEU A 49 -4.79 -0.53 1.34
N SER A 50 -5.59 0.49 1.20
CA SER A 50 -6.34 0.74 -0.06
C SER A 50 -5.68 1.91 -0.79
N ILE A 51 -5.65 1.88 -2.09
CA ILE A 51 -4.99 2.99 -2.85
C ILE A 51 -5.74 3.25 -4.15
N THR A 52 -5.65 4.47 -4.63
CA THR A 52 -6.36 4.86 -5.88
C THR A 52 -5.44 4.68 -7.10
N ILE A 53 -5.66 3.62 -7.87
CA ILE A 53 -4.82 3.37 -9.07
C ILE A 53 -5.64 3.66 -10.34
N ASP A 54 -5.17 4.55 -11.17
CA ASP A 54 -5.91 4.89 -12.44
C ASP A 54 -7.41 4.90 -12.19
N GLY A 55 -7.83 5.26 -11.00
CA GLY A 55 -9.29 5.30 -10.70
C GLY A 55 -9.72 3.99 -10.04
N GLU A 56 -9.40 2.87 -10.63
CA GLU A 56 -9.80 1.57 -10.02
C GLU A 56 -9.16 1.43 -8.64
N THR A 57 -9.94 1.17 -7.63
CA THR A 57 -9.38 1.03 -6.25
C THR A 57 -8.94 -0.42 -6.02
N LYS A 58 -7.81 -0.59 -5.38
CA LYS A 58 -7.29 -1.96 -5.09
C LYS A 58 -6.85 -1.98 -3.61
N VAL A 59 -6.71 -3.13 -3.03
CA VAL A 59 -6.30 -3.20 -1.59
C VAL A 59 -5.37 -4.38 -1.36
N PHE A 60 -4.62 -4.34 -0.29
CA PHE A 60 -3.66 -5.44 0.03
C PHE A 60 -3.60 -5.66 1.54
N HIS A 61 -3.57 -6.90 1.96
CA HIS A 61 -3.53 -7.20 3.43
C HIS A 61 -2.10 -7.54 3.86
N ASP A 62 -1.47 -8.49 3.22
CA ASP A 62 -0.08 -8.85 3.61
C ASP A 62 0.90 -7.83 3.04
N LYS A 63 2.00 -7.62 3.72
CA LYS A 63 2.99 -6.62 3.23
C LYS A 63 3.64 -7.12 1.93
N THR A 64 3.83 -8.40 1.80
CA THR A 64 4.45 -8.94 0.57
C THR A 64 3.51 -8.69 -0.61
N LYS A 65 2.29 -9.14 -0.51
CA LYS A 65 1.32 -8.95 -1.61
C LYS A 65 1.41 -7.51 -2.14
N PHE A 66 1.60 -6.55 -1.28
CA PHE A 66 1.71 -5.15 -1.79
C PHE A 66 2.92 -5.03 -2.70
N THR A 67 4.10 -5.30 -2.20
CA THR A 67 5.31 -5.19 -3.08
C THR A 67 5.05 -5.89 -4.41
N GLN A 68 4.57 -7.10 -4.36
CA GLN A 68 4.28 -7.85 -5.62
C GLN A 68 3.38 -7.01 -6.52
N TYR A 69 2.34 -6.43 -5.97
CA TYR A 69 1.43 -5.59 -6.82
C TYR A 69 2.29 -4.61 -7.64
N LEU A 70 3.35 -4.12 -7.07
CA LEU A 70 4.24 -3.19 -7.83
C LEU A 70 5.14 -4.00 -8.76
N SER A 71 5.75 -5.04 -8.25
CA SER A 71 6.63 -5.87 -9.11
C SER A 71 5.91 -6.19 -10.42
N THR A 72 4.60 -6.21 -10.38
CA THR A 72 3.81 -6.50 -11.62
C THR A 72 3.29 -5.19 -12.22
N ASN A 73 3.60 -4.07 -11.60
CA ASN A 73 3.15 -2.75 -12.14
C ASN A 73 4.36 -1.80 -12.16
N PRO A 74 5.24 -1.98 -13.11
CA PRO A 74 6.48 -1.16 -13.25
C PRO A 74 6.21 0.35 -13.14
N ALA A 75 5.06 0.78 -13.57
CA ALA A 75 4.73 2.24 -13.50
C ALA A 75 5.06 2.79 -12.11
N LEU A 76 4.56 2.17 -11.09
CA LEU A 76 4.85 2.68 -9.72
C LEU A 76 6.30 2.37 -9.33
N GLN A 77 6.79 1.21 -9.67
CA GLN A 77 8.19 0.84 -9.30
C GLN A 77 9.14 2.03 -9.54
N ARG A 78 8.96 2.76 -10.60
CA ARG A 78 9.87 3.92 -10.84
C ARG A 78 9.42 5.11 -9.98
N ILE A 79 8.14 5.30 -9.78
CA ILE A 79 7.69 6.43 -8.91
C ILE A 79 7.89 6.01 -7.45
N ILE A 80 7.23 4.96 -7.05
CA ILE A 80 7.36 4.45 -5.66
C ILE A 80 8.68 3.68 -5.54
N PHE A 16 -2.18 -7.81 18.67
CA PHE A 16 -2.10 -7.07 17.37
C PHE A 16 -0.91 -6.12 17.41
N SER A 17 -0.05 -6.26 18.37
CA SER A 17 1.12 -5.34 18.48
C SER A 17 2.36 -5.92 17.78
N PRO A 18 2.55 -7.22 17.84
CA PRO A 18 3.73 -7.87 17.22
C PRO A 18 3.50 -8.29 15.76
N GLU A 19 2.44 -8.99 15.50
CA GLU A 19 2.17 -9.47 14.10
C GLU A 19 1.35 -8.47 13.28
N THR A 20 0.22 -8.08 13.78
CA THR A 20 -0.68 -7.16 13.04
C THR A 20 -0.04 -5.80 12.80
N MET A 21 0.52 -5.21 13.82
CA MET A 21 1.08 -3.86 13.63
C MET A 21 2.11 -3.86 12.49
N LYS A 22 2.82 -4.94 12.31
CA LYS A 22 3.82 -4.99 11.20
C LYS A 22 3.08 -4.83 9.88
N ALA A 23 2.04 -5.58 9.66
CA ALA A 23 1.28 -5.41 8.38
C ALA A 23 0.90 -3.94 8.27
N ARG A 24 0.48 -3.35 9.36
CA ARG A 24 0.09 -1.92 9.37
C ARG A 24 1.37 -1.07 9.31
N ARG A 25 2.49 -1.62 9.71
CA ARG A 25 3.76 -0.85 9.64
C ARG A 25 4.14 -0.70 8.17
N ALA A 26 4.12 -1.79 7.45
CA ALA A 26 4.44 -1.71 5.99
C ALA A 26 3.47 -0.72 5.34
N TRP A 27 2.30 -0.60 5.90
CA TRP A 27 1.29 0.36 5.36
C TRP A 27 1.71 1.77 5.74
N THR A 28 2.60 1.89 6.69
CA THR A 28 3.06 3.24 7.10
C THR A 28 4.10 3.79 6.10
N ASP A 29 5.16 3.07 5.89
CA ASP A 29 6.22 3.53 4.94
C ASP A 29 5.61 3.86 3.58
N VAL A 30 4.73 3.04 3.10
CA VAL A 30 4.12 3.31 1.77
C VAL A 30 3.09 4.44 1.89
N ILE A 31 2.51 4.62 3.05
CA ILE A 31 1.50 5.72 3.21
C ILE A 31 2.16 7.08 2.93
N GLN A 32 3.35 7.30 3.44
CA GLN A 32 4.01 8.62 3.20
C GLN A 32 4.51 8.68 1.76
N THR A 33 4.83 7.56 1.18
CA THR A 33 5.33 7.56 -0.23
C THR A 33 4.16 7.70 -1.21
N LEU A 34 3.10 6.99 -0.99
CA LEU A 34 1.94 7.06 -1.93
C LEU A 34 1.62 8.53 -2.24
N ARG A 35 1.24 9.30 -1.25
CA ARG A 35 0.87 10.73 -1.48
C ARG A 35 1.96 11.48 -2.25
N GLU A 36 3.08 10.86 -2.53
CA GLU A 36 4.14 11.59 -3.28
C GLU A 36 3.81 11.61 -4.77
N HIS A 37 2.81 10.86 -5.19
CA HIS A 37 2.42 10.85 -6.63
C HIS A 37 0.89 10.97 -6.76
N LYS A 38 0.31 10.34 -7.74
CA LYS A 38 -1.18 10.45 -7.95
C LYS A 38 -1.95 9.31 -7.27
N CYS A 39 -2.06 9.32 -5.98
CA CYS A 39 -2.83 8.24 -5.31
C CYS A 39 -2.92 8.54 -3.82
N GLN A 40 -4.04 9.03 -3.40
CA GLN A 40 -4.22 9.34 -1.96
C GLN A 40 -4.31 8.00 -1.19
N PRO A 41 -3.41 7.75 -0.25
CA PRO A 41 -3.40 6.46 0.52
C PRO A 41 -4.43 6.44 1.65
N ARG A 42 -5.01 5.29 1.91
CA ARG A 42 -6.04 5.18 2.99
C ARG A 42 -5.88 3.81 3.69
N LEU A 43 -5.51 3.79 4.94
CA LEU A 43 -5.36 2.48 5.64
C LEU A 43 -6.73 2.02 6.12
N LEU A 44 -7.16 0.89 5.64
CA LEU A 44 -8.49 0.35 6.06
C LEU A 44 -8.26 -0.64 7.20
N TYR A 45 -9.20 -1.54 7.44
CA TYR A 45 -9.10 -2.59 8.53
C TYR A 45 -7.70 -2.58 9.20
N PRO A 46 -7.61 -2.79 10.50
CA PRO A 46 -6.32 -2.77 11.25
C PRO A 46 -5.07 -3.10 10.41
N ALA A 47 -5.21 -3.74 9.28
CA ALA A 47 -4.01 -4.03 8.44
C ALA A 47 -4.39 -4.16 6.96
N LYS A 48 -5.42 -3.48 6.51
CA LYS A 48 -5.81 -3.54 5.06
C LYS A 48 -5.50 -2.20 4.40
N LEU A 49 -4.74 -2.18 3.34
CA LEU A 49 -4.34 -0.89 2.68
C LEU A 49 -4.94 -0.75 1.29
N SER A 50 -5.55 0.39 1.02
CA SER A 50 -6.17 0.64 -0.33
C SER A 50 -5.43 1.79 -1.03
N ILE A 51 -5.52 1.84 -2.34
CA ILE A 51 -4.83 2.92 -3.12
C ILE A 51 -5.72 3.38 -4.28
N THR A 52 -5.60 4.64 -4.64
CA THR A 52 -6.41 5.19 -5.77
C THR A 52 -5.53 5.29 -7.01
N ILE A 53 -5.81 4.52 -8.03
CA ILE A 53 -4.97 4.56 -9.27
C ILE A 53 -5.88 4.47 -10.51
N ASP A 54 -5.60 5.25 -11.51
CA ASP A 54 -6.42 5.22 -12.77
C ASP A 54 -7.90 5.03 -12.43
N GLY A 55 -8.33 5.54 -11.31
CA GLY A 55 -9.77 5.39 -10.92
C GLY A 55 -9.99 3.98 -10.37
N GLU A 56 -9.51 2.98 -11.05
CA GLU A 56 -9.69 1.58 -10.55
C GLU A 56 -9.05 1.47 -9.15
N THR A 57 -9.85 1.19 -8.17
CA THR A 57 -9.32 1.07 -6.78
C THR A 57 -8.84 -0.37 -6.54
N LYS A 58 -7.73 -0.51 -5.83
CA LYS A 58 -7.20 -1.89 -5.54
C LYS A 58 -6.83 -1.93 -4.05
N VAL A 59 -6.83 -3.10 -3.46
CA VAL A 59 -6.49 -3.19 -2.00
C VAL A 59 -5.64 -4.43 -1.71
N PHE A 60 -4.87 -4.38 -0.65
CA PHE A 60 -3.98 -5.52 -0.30
C PHE A 60 -4.03 -5.77 1.21
N HIS A 61 -4.08 -7.02 1.62
CA HIS A 61 -4.15 -7.35 3.07
C HIS A 61 -2.78 -7.84 3.57
N ASP A 62 -1.92 -8.29 2.69
CA ASP A 62 -0.57 -8.79 3.12
C ASP A 62 0.54 -7.85 2.62
N LYS A 63 1.48 -7.54 3.46
CA LYS A 63 2.59 -6.63 3.05
C LYS A 63 3.21 -7.12 1.74
N THR A 64 3.48 -8.39 1.63
CA THR A 64 4.08 -8.91 0.37
C THR A 64 3.11 -8.66 -0.77
N LYS A 65 1.87 -9.02 -0.56
CA LYS A 65 0.84 -8.81 -1.59
C LYS A 65 0.98 -7.41 -2.20
N PHE A 66 1.23 -6.42 -1.38
CA PHE A 66 1.40 -5.05 -1.92
C PHE A 66 2.63 -5.00 -2.83
N THR A 67 3.79 -5.30 -2.31
CA THR A 67 5.03 -5.26 -3.17
C THR A 67 4.75 -5.97 -4.49
N GLN A 68 4.22 -7.15 -4.43
CA GLN A 68 3.92 -7.92 -5.67
C GLN A 68 3.10 -7.03 -6.61
N TYR A 69 2.11 -6.36 -6.11
CA TYR A 69 1.27 -5.49 -6.98
C TYR A 69 2.18 -4.56 -7.80
N LEU A 70 3.20 -4.01 -7.21
CA LEU A 70 4.10 -3.11 -7.99
C LEU A 70 5.06 -3.97 -8.82
N SER A 71 5.55 -5.03 -8.26
CA SER A 71 6.49 -5.90 -9.03
C SER A 71 5.86 -6.20 -10.39
N THR A 72 4.55 -6.15 -10.47
CA THR A 72 3.85 -6.41 -11.75
C THR A 72 3.42 -5.06 -12.37
N ASN A 73 3.79 -3.96 -11.75
CA ASN A 73 3.41 -2.61 -12.31
C ASN A 73 4.60 -1.66 -12.12
N PRO A 74 5.59 -1.79 -12.96
CA PRO A 74 6.83 -0.94 -12.89
C PRO A 74 6.53 0.56 -12.80
N ALA A 75 5.42 1.00 -13.34
CA ALA A 75 5.11 2.46 -13.29
C ALA A 75 5.31 2.99 -11.87
N LEU A 76 4.79 2.33 -10.88
CA LEU A 76 4.94 2.81 -9.48
C LEU A 76 6.37 2.55 -8.97
N GLN A 77 6.87 1.36 -9.15
CA GLN A 77 8.24 1.02 -8.65
C GLN A 77 9.19 2.19 -8.91
N ARG A 78 9.11 2.78 -10.06
CA ARG A 78 10.01 3.93 -10.37
C ARG A 78 9.58 5.14 -9.56
N ILE A 79 8.31 5.42 -9.54
CA ILE A 79 7.82 6.60 -8.78
C ILE A 79 8.00 6.39 -7.27
N ILE A 80 7.40 5.37 -6.73
CA ILE A 80 7.53 5.11 -5.27
C ILE A 80 9.01 4.89 -4.93
N PHE A 16 -2.62 -8.03 18.59
CA PHE A 16 -2.60 -7.20 17.36
C PHE A 16 -1.58 -6.07 17.53
N SER A 17 -0.75 -6.19 18.53
CA SER A 17 0.27 -5.11 18.78
C SER A 17 1.61 -5.43 18.08
N PRO A 18 2.03 -6.66 18.13
CA PRO A 18 3.31 -7.09 17.53
C PRO A 18 3.19 -7.54 16.06
N GLU A 19 2.22 -8.37 15.76
CA GLU A 19 2.09 -8.87 14.35
C GLU A 19 1.20 -7.93 13.51
N THR A 20 0.01 -7.68 13.96
CA THR A 20 -0.93 -6.83 13.18
C THR A 20 -0.40 -5.40 13.07
N MET A 21 -0.06 -4.80 14.16
CA MET A 21 0.42 -3.39 14.11
C MET A 21 1.60 -3.27 13.13
N LYS A 22 2.62 -4.07 13.30
CA LYS A 22 3.77 -4.00 12.36
C LYS A 22 3.24 -3.98 10.93
N ALA A 23 2.15 -4.64 10.68
CA ALA A 23 1.58 -4.59 9.31
C ALA A 23 1.17 -3.14 9.04
N ARG A 24 0.56 -2.50 10.01
CA ARG A 24 0.17 -1.07 9.83
C ARG A 24 1.44 -0.23 9.76
N ARG A 25 2.38 -0.51 10.63
CA ARG A 25 3.65 0.26 10.63
C ARG A 25 4.23 0.21 9.20
N ALA A 26 4.21 -0.94 8.60
CA ALA A 26 4.72 -1.05 7.20
C ALA A 26 3.84 -0.17 6.31
N TRP A 27 2.56 -0.22 6.53
CA TRP A 27 1.63 0.62 5.71
C TRP A 27 1.93 2.09 5.98
N THR A 28 2.60 2.39 7.05
CA THR A 28 2.91 3.82 7.34
C THR A 28 4.00 4.31 6.36
N ASP A 29 5.01 3.50 6.15
CA ASP A 29 6.11 3.90 5.23
C ASP A 29 5.57 4.13 3.82
N VAL A 30 4.75 3.24 3.33
CA VAL A 30 4.21 3.42 1.95
C VAL A 30 3.13 4.51 1.98
N ILE A 31 2.51 4.74 3.10
CA ILE A 31 1.45 5.80 3.16
C ILE A 31 2.10 7.14 2.76
N GLN A 32 3.27 7.43 3.25
CA GLN A 32 3.93 8.70 2.87
C GLN A 32 4.43 8.58 1.44
N THR A 33 4.72 7.39 1.00
CA THR A 33 5.19 7.20 -0.40
C THR A 33 4.04 7.52 -1.36
N LEU A 34 2.99 6.73 -1.33
CA LEU A 34 1.84 7.00 -2.25
C LEU A 34 1.51 8.50 -2.18
N ARG A 35 1.38 9.02 -1.00
CA ARG A 35 1.07 10.46 -0.83
C ARG A 35 2.19 11.31 -1.43
N GLU A 36 3.25 10.71 -1.91
CA GLU A 36 4.36 11.51 -2.49
C GLU A 36 4.05 11.83 -3.97
N HIS A 37 3.12 11.12 -4.57
CA HIS A 37 2.77 11.41 -6.00
C HIS A 37 1.24 11.48 -6.15
N LYS A 38 0.73 11.14 -7.30
CA LYS A 38 -0.75 11.24 -7.53
C LYS A 38 -1.47 9.96 -7.06
N CYS A 39 -1.56 9.74 -5.78
CA CYS A 39 -2.27 8.54 -5.27
C CYS A 39 -2.56 8.72 -3.78
N GLN A 40 -3.78 9.06 -3.45
CA GLN A 40 -4.15 9.25 -2.02
C GLN A 40 -4.28 7.87 -1.33
N PRO A 41 -3.44 7.55 -0.36
CA PRO A 41 -3.50 6.24 0.35
C PRO A 41 -4.51 6.23 1.51
N ARG A 42 -5.03 5.08 1.84
CA ARG A 42 -6.00 4.98 2.97
C ARG A 42 -5.82 3.61 3.63
N LEU A 43 -5.72 3.56 4.95
CA LEU A 43 -5.55 2.27 5.65
C LEU A 43 -6.91 1.74 6.06
N LEU A 44 -7.24 0.58 5.60
CA LEU A 44 -8.57 -0.04 5.92
C LEU A 44 -8.32 -1.18 6.90
N TYR A 45 -9.17 -2.20 6.91
CA TYR A 45 -9.03 -3.40 7.82
C TYR A 45 -7.70 -3.35 8.63
N PRO A 46 -7.69 -3.74 9.89
CA PRO A 46 -6.48 -3.71 10.75
C PRO A 46 -5.15 -3.74 9.99
N ALA A 47 -5.14 -4.19 8.77
CA ALA A 47 -3.87 -4.18 7.99
C ALA A 47 -4.15 -4.26 6.49
N LYS A 48 -5.13 -3.55 5.97
CA LYS A 48 -5.39 -3.61 4.49
C LYS A 48 -4.83 -2.35 3.81
N LEU A 49 -3.97 -2.50 2.84
CA LEU A 49 -3.36 -1.31 2.14
C LEU A 49 -4.14 -1.00 0.86
N SER A 50 -4.86 0.09 0.86
CA SER A 50 -5.65 0.49 -0.35
C SER A 50 -5.01 1.72 -0.99
N ILE A 51 -5.03 1.80 -2.29
CA ILE A 51 -4.44 2.96 -3.01
C ILE A 51 -5.32 3.34 -4.21
N THR A 52 -5.32 4.59 -4.58
CA THR A 52 -6.17 5.05 -5.71
C THR A 52 -5.33 5.16 -6.99
N ILE A 53 -5.77 4.55 -8.07
CA ILE A 53 -5.00 4.64 -9.35
C ILE A 53 -5.98 4.74 -10.53
N ASP A 54 -5.78 5.71 -11.39
CA ASP A 54 -6.70 5.88 -12.56
C ASP A 54 -8.15 5.65 -12.14
N GLY A 55 -8.47 5.94 -10.92
CA GLY A 55 -9.86 5.75 -10.43
C GLY A 55 -10.06 4.30 -9.99
N GLU A 56 -9.45 3.37 -10.69
CA GLU A 56 -9.59 1.94 -10.29
C GLU A 56 -8.92 1.73 -8.92
N THR A 57 -9.69 1.38 -7.94
CA THR A 57 -9.12 1.15 -6.58
C THR A 57 -8.65 -0.29 -6.43
N LYS A 58 -7.51 -0.49 -5.81
CA LYS A 58 -6.99 -1.88 -5.60
C LYS A 58 -6.50 -1.98 -4.16
N VAL A 59 -6.56 -3.14 -3.57
CA VAL A 59 -6.13 -3.28 -2.14
C VAL A 59 -5.39 -4.61 -1.95
N PHE A 60 -4.54 -4.67 -0.96
CA PHE A 60 -3.77 -5.92 -0.69
C PHE A 60 -3.71 -6.19 0.81
N HIS A 61 -3.58 -7.42 1.21
CA HIS A 61 -3.55 -7.76 2.67
C HIS A 61 -2.12 -8.08 3.13
N ASP A 62 -1.48 -9.04 2.52
CA ASP A 62 -0.10 -9.41 2.94
C ASP A 62 0.93 -8.42 2.41
N LYS A 63 2.17 -8.57 2.81
CA LYS A 63 3.25 -7.66 2.33
C LYS A 63 3.68 -8.10 0.93
N THR A 64 3.75 -9.38 0.72
CA THR A 64 4.14 -9.89 -0.62
C THR A 64 3.06 -9.48 -1.61
N LYS A 65 1.83 -9.68 -1.24
CA LYS A 65 0.72 -9.31 -2.14
C LYS A 65 0.95 -7.89 -2.66
N PHE A 66 1.23 -6.96 -1.79
CA PHE A 66 1.49 -5.56 -2.25
C PHE A 66 2.71 -5.55 -3.15
N THR A 67 3.84 -5.94 -2.62
CA THR A 67 5.10 -5.94 -3.44
C THR A 67 4.80 -6.55 -4.83
N GLN A 68 4.23 -7.72 -4.86
CA GLN A 68 3.92 -8.37 -6.15
C GLN A 68 3.15 -7.41 -7.05
N TYR A 69 2.19 -6.70 -6.51
CA TYR A 69 1.42 -5.74 -7.35
C TYR A 69 2.37 -4.81 -8.09
N LEU A 70 3.40 -4.35 -7.44
CA LEU A 70 4.37 -3.47 -8.14
C LEU A 70 5.26 -4.32 -9.03
N SER A 71 5.65 -5.47 -8.55
CA SER A 71 6.49 -6.37 -9.37
C SER A 71 5.78 -6.61 -10.71
N THR A 72 4.55 -6.18 -10.80
CA THR A 72 3.77 -6.35 -12.05
C THR A 72 3.07 -5.03 -12.40
N ASN A 73 3.42 -3.96 -11.73
CA ASN A 73 2.83 -2.62 -12.03
C ASN A 73 3.96 -1.59 -12.00
N PRO A 74 4.82 -1.63 -12.99
CA PRO A 74 5.99 -0.70 -13.09
C PRO A 74 5.62 0.77 -12.88
N ALA A 75 4.48 1.19 -13.39
CA ALA A 75 4.05 2.61 -13.23
C ALA A 75 4.39 3.11 -11.81
N LEU A 76 3.91 2.44 -10.80
CA LEU A 76 4.22 2.90 -9.42
C LEU A 76 5.67 2.51 -9.07
N GLN A 77 6.06 1.31 -9.38
CA GLN A 77 7.45 0.86 -9.05
C GLN A 77 8.48 1.96 -9.35
N ARG A 78 8.42 2.55 -10.51
CA ARG A 78 9.41 3.63 -10.83
C ARG A 78 9.13 4.84 -9.95
N ILE A 79 7.89 5.22 -9.83
CA ILE A 79 7.56 6.41 -8.99
C ILE A 79 7.91 6.13 -7.52
N ILE A 80 7.33 5.13 -6.92
CA ILE A 80 7.65 4.82 -5.51
C ILE A 80 9.14 4.56 -5.36
N PHE A 16 -1.67 -9.19 17.76
CA PHE A 16 -1.83 -8.26 16.61
C PHE A 16 -0.82 -7.12 16.75
N SER A 17 -0.09 -7.10 17.83
CA SER A 17 0.88 -5.99 18.04
C SER A 17 2.19 -6.23 17.29
N PRO A 18 2.65 -7.44 17.22
CA PRO A 18 3.92 -7.78 16.53
C PRO A 18 3.74 -8.09 15.03
N GLU A 19 2.84 -8.98 14.70
CA GLU A 19 2.65 -9.35 13.25
C GLU A 19 1.63 -8.45 12.55
N THR A 20 0.43 -8.41 13.04
CA THR A 20 -0.62 -7.58 12.38
C THR A 20 -0.20 -6.11 12.34
N MET A 21 0.45 -5.64 13.36
CA MET A 21 0.85 -4.22 13.37
C MET A 21 1.90 -3.98 12.29
N LYS A 22 2.81 -4.90 12.09
CA LYS A 22 3.83 -4.71 11.02
C LYS A 22 3.11 -4.40 9.72
N ALA A 23 1.97 -5.01 9.50
CA ALA A 23 1.22 -4.70 8.26
C ALA A 23 0.84 -3.23 8.31
N ARG A 24 0.45 -2.75 9.46
CA ARG A 24 0.10 -1.32 9.61
C ARG A 24 1.37 -0.48 9.48
N ARG A 25 2.46 -0.96 10.01
CA ARG A 25 3.75 -0.22 9.90
C ARG A 25 4.15 -0.17 8.43
N ALA A 26 3.97 -1.27 7.73
CA ALA A 26 4.32 -1.28 6.28
C ALA A 26 3.32 -0.39 5.55
N TRP A 27 2.15 -0.24 6.11
CA TRP A 27 1.12 0.63 5.48
C TRP A 27 1.43 2.08 5.83
N THR A 28 2.29 2.28 6.79
CA THR A 28 2.66 3.68 7.17
C THR A 28 3.74 4.20 6.22
N ASP A 29 4.83 3.48 6.12
CA ASP A 29 5.94 3.92 5.23
C ASP A 29 5.41 4.18 3.81
N VAL A 30 4.59 3.30 3.30
CA VAL A 30 4.06 3.50 1.94
C VAL A 30 3.01 4.61 1.96
N ILE A 31 2.23 4.71 3.01
CA ILE A 31 1.21 5.80 3.06
C ILE A 31 1.92 7.13 2.75
N GLN A 32 3.16 7.24 3.13
CA GLN A 32 3.93 8.48 2.87
C GLN A 32 4.39 8.49 1.41
N THR A 33 4.79 7.36 0.88
CA THR A 33 5.28 7.34 -0.54
C THR A 33 4.10 7.32 -1.52
N LEU A 34 2.91 7.00 -1.09
CA LEU A 34 1.78 6.97 -2.06
C LEU A 34 1.49 8.39 -2.55
N ARG A 35 1.10 9.27 -1.67
CA ARG A 35 0.80 10.68 -2.10
C ARG A 35 2.01 11.25 -2.86
N GLU A 36 3.12 10.59 -2.80
CA GLU A 36 4.34 11.08 -3.48
C GLU A 36 4.04 11.42 -4.94
N HIS A 37 2.92 10.98 -5.45
CA HIS A 37 2.55 11.28 -6.88
C HIS A 37 1.10 11.79 -6.93
N LYS A 38 0.16 10.92 -7.21
CA LYS A 38 -1.27 11.35 -7.28
C LYS A 38 -2.17 10.18 -6.88
N CYS A 39 -2.14 9.82 -5.63
CA CYS A 39 -2.98 8.69 -5.14
C CYS A 39 -3.22 8.87 -3.65
N GLN A 40 -4.41 9.28 -3.28
CA GLN A 40 -4.71 9.47 -1.84
C GLN A 40 -4.74 8.10 -1.13
N PRO A 41 -3.83 7.82 -0.22
CA PRO A 41 -3.78 6.52 0.49
C PRO A 41 -4.64 6.49 1.76
N ARG A 42 -5.23 5.36 2.07
CA ARG A 42 -6.08 5.28 3.29
C ARG A 42 -5.98 3.86 3.88
N LEU A 43 -5.72 3.74 5.15
CA LEU A 43 -5.61 2.39 5.78
C LEU A 43 -7.01 1.86 6.08
N LEU A 44 -7.34 0.73 5.55
CA LEU A 44 -8.68 0.11 5.79
C LEU A 44 -8.52 -0.94 6.90
N TYR A 45 -9.41 -1.93 6.97
CA TYR A 45 -9.37 -3.03 8.01
C TYR A 45 -8.02 -3.01 8.79
N PRO A 46 -8.03 -3.30 10.08
CA PRO A 46 -6.79 -3.29 10.92
C PRO A 46 -5.48 -3.48 10.15
N ALA A 47 -5.52 -4.06 8.98
CA ALA A 47 -4.26 -4.22 8.19
C ALA A 47 -4.55 -4.25 6.68
N LYS A 48 -5.51 -3.49 6.20
CA LYS A 48 -5.78 -3.47 4.70
C LYS A 48 -5.48 -2.05 4.19
N LEU A 49 -4.61 -1.94 3.23
CA LEU A 49 -4.21 -0.59 2.69
C LEU A 49 -4.74 -0.42 1.26
N SER A 50 -5.62 0.54 1.06
CA SER A 50 -6.17 0.79 -0.30
C SER A 50 -5.51 2.02 -0.92
N ILE A 51 -5.32 2.01 -2.21
CA ILE A 51 -4.69 3.17 -2.91
C ILE A 51 -5.47 3.51 -4.19
N THR A 52 -5.44 4.76 -4.58
CA THR A 52 -6.19 5.19 -5.80
C THR A 52 -5.25 5.25 -7.02
N ILE A 53 -5.59 4.57 -8.09
CA ILE A 53 -4.76 4.60 -9.32
C ILE A 53 -5.68 4.65 -10.53
N ASP A 54 -5.52 5.64 -11.37
CA ASP A 54 -6.39 5.76 -12.57
C ASP A 54 -7.85 5.54 -12.17
N GLY A 55 -8.17 5.80 -10.93
CA GLY A 55 -9.58 5.62 -10.46
C GLY A 55 -9.78 4.18 -9.96
N GLU A 56 -9.13 3.23 -10.55
CA GLU A 56 -9.30 1.82 -10.10
C GLU A 56 -8.81 1.69 -8.66
N THR A 57 -9.67 1.25 -7.79
CA THR A 57 -9.28 1.08 -6.36
C THR A 57 -8.73 -0.34 -6.14
N LYS A 58 -7.58 -0.45 -5.52
CA LYS A 58 -6.99 -1.80 -5.26
C LYS A 58 -6.56 -1.85 -3.79
N VAL A 59 -6.61 -3.00 -3.18
CA VAL A 59 -6.21 -3.10 -1.73
C VAL A 59 -5.33 -4.33 -1.52
N PHE A 60 -4.57 -4.33 -0.46
CA PHE A 60 -3.66 -5.48 -0.17
C PHE A 60 -3.68 -5.78 1.33
N HIS A 61 -3.65 -7.04 1.71
CA HIS A 61 -3.70 -7.42 3.16
C HIS A 61 -2.30 -7.69 3.72
N ASP A 62 -1.45 -8.37 2.96
CA ASP A 62 -0.08 -8.70 3.48
C ASP A 62 0.96 -7.75 2.86
N LYS A 63 1.93 -7.34 3.62
CA LYS A 63 2.97 -6.42 3.10
C LYS A 63 3.55 -7.01 1.81
N THR A 64 3.70 -8.32 1.76
CA THR A 64 4.24 -8.94 0.52
C THR A 64 3.27 -8.71 -0.62
N LYS A 65 2.01 -8.98 -0.39
CA LYS A 65 0.99 -8.77 -1.44
C LYS A 65 1.20 -7.39 -2.07
N PHE A 66 1.41 -6.38 -1.27
CA PHE A 66 1.64 -5.02 -1.83
C PHE A 66 2.89 -5.08 -2.72
N THR A 67 4.01 -5.39 -2.13
CA THR A 67 5.27 -5.47 -2.94
C THR A 67 5.00 -6.24 -4.24
N GLN A 68 4.23 -7.29 -4.16
CA GLN A 68 3.90 -8.07 -5.39
C GLN A 68 3.07 -7.19 -6.32
N TYR A 69 2.10 -6.50 -5.80
CA TYR A 69 1.27 -5.61 -6.68
C TYR A 69 2.21 -4.73 -7.51
N LEU A 70 3.27 -4.28 -6.91
CA LEU A 70 4.23 -3.42 -7.66
C LEU A 70 5.15 -4.30 -8.51
N SER A 71 5.61 -5.39 -7.96
CA SER A 71 6.49 -6.29 -8.74
C SER A 71 5.85 -6.54 -10.10
N THR A 72 4.54 -6.42 -10.17
CA THR A 72 3.83 -6.63 -11.46
C THR A 72 3.44 -5.26 -12.05
N ASN A 73 3.40 -4.23 -11.22
CA ASN A 73 3.06 -2.86 -11.74
C ASN A 73 4.34 -2.00 -11.65
N PRO A 74 5.17 -1.99 -12.66
CA PRO A 74 6.43 -1.20 -12.64
C PRO A 74 6.19 0.31 -12.72
N ALA A 75 4.99 0.71 -13.03
CA ALA A 75 4.72 2.17 -13.09
C ALA A 75 4.97 2.78 -11.72
N LEU A 76 4.36 2.23 -10.71
CA LEU A 76 4.57 2.77 -9.32
C LEU A 76 5.97 2.36 -8.85
N GLN A 77 6.28 1.09 -8.91
CA GLN A 77 7.62 0.61 -8.46
C GLN A 77 8.72 1.56 -8.96
N ARG A 78 8.49 2.23 -10.05
CA ARG A 78 9.50 3.15 -10.59
C ARG A 78 9.48 4.46 -9.80
N ILE A 79 8.32 5.02 -9.60
CA ILE A 79 8.22 6.30 -8.85
C ILE A 79 8.51 6.08 -7.36
N ILE A 80 7.80 5.21 -6.72
CA ILE A 80 8.05 4.98 -5.26
C ILE A 80 9.55 4.75 -5.03
N PHE A 16 -1.71 -8.87 17.67
CA PHE A 16 -1.76 -7.90 16.55
C PHE A 16 -0.60 -6.92 16.68
N SER A 17 0.35 -7.24 17.49
CA SER A 17 1.52 -6.33 17.72
C SER A 17 2.68 -6.68 16.79
N PRO A 18 3.01 -7.93 16.65
CA PRO A 18 4.13 -8.36 15.81
C PRO A 18 3.73 -8.63 14.36
N GLU A 19 2.66 -9.33 14.14
CA GLU A 19 2.24 -9.65 12.72
C GLU A 19 1.34 -8.54 12.14
N THR A 20 0.26 -8.26 12.79
CA THR A 20 -0.68 -7.22 12.25
C THR A 20 -0.02 -5.85 12.19
N MET A 21 0.59 -5.44 13.25
CA MET A 21 1.20 -4.10 13.28
C MET A 21 2.23 -3.96 12.14
N LYS A 22 2.97 -5.00 11.84
CA LYS A 22 3.95 -4.87 10.73
C LYS A 22 3.19 -4.46 9.47
N ALA A 23 2.06 -5.05 9.22
CA ALA A 23 1.28 -4.64 8.04
C ALA A 23 0.85 -3.18 8.24
N ARG A 24 0.46 -2.86 9.45
CA ARG A 24 0.05 -1.47 9.77
C ARG A 24 1.27 -0.56 9.57
N ARG A 25 2.43 -1.05 9.84
CA ARG A 25 3.67 -0.24 9.67
C ARG A 25 3.96 -0.14 8.18
N ALA A 26 4.03 -1.26 7.50
CA ALA A 26 4.29 -1.22 6.03
C ALA A 26 3.27 -0.27 5.40
N TRP A 27 2.14 -0.11 6.04
CA TRP A 27 1.09 0.80 5.53
C TRP A 27 1.44 2.23 5.92
N THR A 28 2.31 2.39 6.89
CA THR A 28 2.72 3.76 7.30
C THR A 28 3.78 4.30 6.34
N ASP A 29 4.87 3.59 6.20
CA ASP A 29 5.96 4.05 5.29
C ASP A 29 5.39 4.36 3.91
N VAL A 30 4.57 3.50 3.38
CA VAL A 30 3.98 3.75 2.05
C VAL A 30 2.99 4.90 2.13
N ILE A 31 2.23 4.97 3.20
CA ILE A 31 1.24 6.10 3.34
C ILE A 31 1.97 7.41 3.05
N GLN A 32 3.23 7.49 3.42
CA GLN A 32 3.99 8.72 3.18
C GLN A 32 4.43 8.77 1.70
N THR A 33 4.60 7.63 1.08
CA THR A 33 5.04 7.62 -0.34
C THR A 33 3.86 7.91 -1.27
N LEU A 34 2.77 7.20 -1.14
CA LEU A 34 1.60 7.43 -2.05
C LEU A 34 1.35 8.95 -2.16
N ARG A 35 1.36 9.64 -1.06
CA ARG A 35 1.13 11.11 -1.11
C ARG A 35 2.12 11.74 -2.09
N GLU A 36 3.05 10.99 -2.61
CA GLU A 36 4.05 11.58 -3.55
C GLU A 36 3.36 11.97 -4.86
N HIS A 37 2.61 11.07 -5.47
CA HIS A 37 1.92 11.41 -6.75
C HIS A 37 0.40 11.35 -6.58
N LYS A 38 -0.32 11.06 -7.64
CA LYS A 38 -1.82 11.01 -7.54
C LYS A 38 -2.25 9.64 -6.98
N CYS A 39 -2.53 9.59 -5.71
CA CYS A 39 -2.97 8.31 -5.11
C CYS A 39 -3.25 8.54 -3.63
N GLN A 40 -4.48 8.75 -3.29
CA GLN A 40 -4.84 8.99 -1.86
C GLN A 40 -4.74 7.67 -1.07
N PRO A 41 -3.84 7.56 -0.10
CA PRO A 41 -3.71 6.32 0.71
C PRO A 41 -4.65 6.32 1.92
N ARG A 42 -5.14 5.18 2.31
CA ARG A 42 -6.06 5.12 3.48
C ARG A 42 -5.93 3.75 4.17
N LEU A 43 -5.69 3.73 5.46
CA LEU A 43 -5.56 2.43 6.16
C LEU A 43 -6.94 2.01 6.68
N LEU A 44 -7.42 0.90 6.21
CA LEU A 44 -8.75 0.38 6.66
C LEU A 44 -8.48 -0.74 7.66
N TYR A 45 -9.38 -1.72 7.74
CA TYR A 45 -9.23 -2.89 8.69
C TYR A 45 -7.83 -2.91 9.36
N PRO A 46 -7.72 -3.28 10.63
CA PRO A 46 -6.43 -3.32 11.37
C PRO A 46 -5.18 -3.44 10.49
N ALA A 47 -5.30 -3.95 9.30
CA ALA A 47 -4.09 -4.05 8.42
C ALA A 47 -4.51 -4.09 6.94
N LYS A 48 -5.53 -3.36 6.56
CA LYS A 48 -5.94 -3.35 5.10
C LYS A 48 -5.59 -1.99 4.52
N LEU A 49 -4.83 -1.96 3.45
CA LEU A 49 -4.39 -0.65 2.84
C LEU A 49 -4.89 -0.53 1.39
N SER A 50 -5.66 0.51 1.12
CA SER A 50 -6.18 0.73 -0.26
C SER A 50 -5.50 1.96 -0.88
N ILE A 51 -5.34 1.96 -2.18
CA ILE A 51 -4.69 3.12 -2.86
C ILE A 51 -5.40 3.40 -4.19
N THR A 52 -5.37 4.64 -4.62
CA THR A 52 -6.04 5.01 -5.91
C THR A 52 -5.01 5.13 -7.03
N ILE A 53 -5.28 4.57 -8.18
CA ILE A 53 -4.32 4.65 -9.33
C ILE A 53 -5.12 4.88 -10.62
N ASP A 54 -4.86 5.96 -11.30
CA ASP A 54 -5.60 6.25 -12.57
C ASP A 54 -7.08 5.92 -12.41
N GLY A 55 -7.59 6.02 -11.21
CA GLY A 55 -9.03 5.72 -10.96
C GLY A 55 -9.16 4.25 -10.56
N GLU A 56 -8.45 3.37 -11.21
CA GLU A 56 -8.56 1.92 -10.86
C GLU A 56 -8.14 1.75 -9.39
N THR A 57 -9.08 1.41 -8.54
CA THR A 57 -8.77 1.22 -7.11
C THR A 57 -8.36 -0.22 -6.84
N LYS A 58 -7.35 -0.42 -6.04
CA LYS A 58 -6.89 -1.81 -5.70
C LYS A 58 -6.62 -1.83 -4.21
N VAL A 59 -6.53 -2.99 -3.61
CA VAL A 59 -6.27 -3.03 -2.13
C VAL A 59 -5.36 -4.20 -1.78
N PHE A 60 -4.67 -4.09 -0.66
CA PHE A 60 -3.75 -5.17 -0.23
C PHE A 60 -3.87 -5.39 1.28
N HIS A 61 -3.88 -6.63 1.70
CA HIS A 61 -4.03 -6.95 3.16
C HIS A 61 -2.66 -7.29 3.78
N ASP A 62 -1.82 -7.99 3.05
CA ASP A 62 -0.47 -8.36 3.61
C ASP A 62 0.61 -7.51 2.95
N LYS A 63 1.65 -7.18 3.68
CA LYS A 63 2.74 -6.36 3.10
C LYS A 63 3.28 -7.06 1.85
N THR A 64 3.30 -8.36 1.84
CA THR A 64 3.80 -9.10 0.65
C THR A 64 2.85 -8.83 -0.52
N LYS A 65 1.59 -9.00 -0.29
CA LYS A 65 0.60 -8.76 -1.37
C LYS A 65 0.92 -7.42 -2.04
N PHE A 66 1.24 -6.42 -1.26
CA PHE A 66 1.58 -5.09 -1.83
C PHE A 66 2.84 -5.24 -2.69
N THR A 67 3.96 -5.54 -2.08
CA THR A 67 5.22 -5.69 -2.86
C THR A 67 4.96 -6.48 -4.14
N GLN A 68 4.25 -7.57 -4.05
CA GLN A 68 3.95 -8.37 -5.27
C GLN A 68 3.21 -7.48 -6.26
N TYR A 69 2.22 -6.76 -5.82
CA TYR A 69 1.46 -5.87 -6.74
C TYR A 69 2.45 -5.07 -7.59
N LEU A 70 3.45 -4.51 -6.97
CA LEU A 70 4.45 -3.73 -7.74
C LEU A 70 5.34 -4.68 -8.52
N SER A 71 5.74 -5.77 -7.91
CA SER A 71 6.59 -6.73 -8.64
C SER A 71 5.94 -7.03 -10.00
N THR A 72 4.64 -6.88 -10.07
CA THR A 72 3.91 -7.12 -11.35
C THR A 72 3.44 -5.78 -11.95
N ASN A 73 3.81 -4.67 -11.34
CA ASN A 73 3.40 -3.34 -11.89
C ASN A 73 4.60 -2.38 -11.79
N PRO A 74 5.58 -2.56 -12.64
CA PRO A 74 6.81 -1.73 -12.66
C PRO A 74 6.48 -0.23 -12.79
N ALA A 75 5.31 0.10 -13.26
CA ALA A 75 4.94 1.53 -13.41
C ALA A 75 5.04 2.23 -12.05
N LEU A 76 4.38 1.73 -11.05
CA LEU A 76 4.45 2.41 -9.71
C LEU A 76 5.86 2.20 -9.14
N GLN A 77 6.39 1.01 -9.25
CA GLN A 77 7.76 0.75 -8.70
C GLN A 77 8.70 1.89 -9.13
N ARG A 78 8.40 2.51 -10.24
CA ARG A 78 9.26 3.61 -10.73
C ARG A 78 8.94 4.89 -9.94
N ILE A 79 7.69 5.19 -9.74
CA ILE A 79 7.33 6.42 -8.98
C ILE A 79 7.64 6.22 -7.49
N ILE A 80 7.06 5.24 -6.86
CA ILE A 80 7.33 5.02 -5.41
C ILE A 80 8.84 4.88 -5.21
N PHE A 16 -2.20 -7.99 18.18
CA PHE A 16 -2.15 -7.16 16.95
C PHE A 16 -1.04 -6.11 17.08
N SER A 17 -0.18 -6.27 18.03
CA SER A 17 0.91 -5.28 18.26
C SER A 17 2.20 -5.68 17.53
N PRO A 18 2.56 -6.93 17.55
CA PRO A 18 3.80 -7.41 16.91
C PRO A 18 3.62 -7.81 15.45
N GLU A 19 2.65 -8.64 15.15
CA GLU A 19 2.46 -9.09 13.73
C GLU A 19 1.56 -8.14 12.94
N THR A 20 0.37 -7.93 13.41
CA THR A 20 -0.58 -7.05 12.68
C THR A 20 -0.01 -5.65 12.53
N MET A 21 0.45 -5.08 13.60
CA MET A 21 0.99 -3.70 13.52
C MET A 21 2.06 -3.61 12.44
N LYS A 22 2.91 -4.60 12.30
CA LYS A 22 3.94 -4.54 11.22
C LYS A 22 3.23 -4.25 9.91
N ALA A 23 2.14 -4.92 9.65
CA ALA A 23 1.42 -4.64 8.39
C ALA A 23 1.04 -3.16 8.38
N ARG A 24 0.54 -2.67 9.49
CA ARG A 24 0.19 -1.22 9.57
C ARG A 24 1.46 -0.41 9.42
N ARG A 25 2.57 -0.94 9.87
CA ARG A 25 3.86 -0.22 9.73
C ARG A 25 4.21 -0.17 8.25
N ALA A 26 4.15 -1.30 7.58
CA ALA A 26 4.45 -1.32 6.13
C ALA A 26 3.49 -0.34 5.45
N TRP A 27 2.31 -0.20 6.01
CA TRP A 27 1.32 0.74 5.45
C TRP A 27 1.68 2.17 5.88
N THR A 28 2.53 2.30 6.87
CA THR A 28 2.94 3.66 7.32
C THR A 28 4.03 4.21 6.39
N ASP A 29 5.13 3.53 6.30
CA ASP A 29 6.24 4.00 5.42
C ASP A 29 5.72 4.33 4.03
N VAL A 30 4.88 3.49 3.49
CA VAL A 30 4.35 3.77 2.14
C VAL A 30 3.32 4.89 2.21
N ILE A 31 2.53 4.95 3.26
CA ILE A 31 1.51 6.04 3.34
C ILE A 31 2.18 7.39 3.02
N GLN A 32 3.38 7.61 3.47
CA GLN A 32 4.05 8.90 3.15
C GLN A 32 4.49 8.85 1.68
N THR A 33 4.82 7.69 1.18
CA THR A 33 5.25 7.57 -0.24
C THR A 33 4.05 7.79 -1.14
N LEU A 34 3.00 7.04 -0.97
CA LEU A 34 1.78 7.19 -1.83
C LEU A 34 1.46 8.69 -1.95
N ARG A 35 1.54 9.41 -0.88
CA ARG A 35 1.23 10.87 -0.92
C ARG A 35 2.27 11.62 -1.76
N GLU A 36 3.30 10.94 -2.22
CA GLU A 36 4.36 11.65 -3.01
C GLU A 36 3.95 11.83 -4.48
N HIS A 37 2.82 11.28 -4.90
CA HIS A 37 2.39 11.46 -6.34
C HIS A 37 0.91 11.88 -6.39
N LYS A 38 0.01 10.98 -6.72
CA LYS A 38 -1.43 11.36 -6.81
C LYS A 38 -2.33 10.21 -6.38
N CYS A 39 -1.80 9.03 -6.17
CA CYS A 39 -2.66 7.89 -5.72
C CYS A 39 -2.81 8.02 -4.20
N GLN A 40 -3.98 8.35 -3.73
CA GLN A 40 -4.19 8.54 -2.27
C GLN A 40 -4.17 7.19 -1.50
N PRO A 41 -3.53 7.11 -0.34
CA PRO A 41 -3.49 5.87 0.49
C PRO A 41 -4.60 5.86 1.56
N ARG A 42 -5.16 4.72 1.86
CA ARG A 42 -6.22 4.64 2.91
C ARG A 42 -6.07 3.32 3.67
N LEU A 43 -5.90 3.37 4.97
CA LEU A 43 -5.75 2.12 5.75
C LEU A 43 -7.13 1.68 6.28
N LEU A 44 -7.56 0.52 5.87
CA LEU A 44 -8.88 -0.02 6.33
C LEU A 44 -8.59 -1.11 7.34
N TYR A 45 -9.43 -2.15 7.40
CA TYR A 45 -9.25 -3.31 8.36
C TYR A 45 -7.88 -3.26 9.07
N PRO A 46 -7.80 -3.61 10.34
CA PRO A 46 -6.54 -3.57 11.13
C PRO A 46 -5.25 -3.66 10.29
N ALA A 47 -5.33 -4.15 9.08
CA ALA A 47 -4.10 -4.22 8.24
C ALA A 47 -4.46 -4.22 6.74
N LYS A 48 -5.45 -3.45 6.32
CA LYS A 48 -5.82 -3.43 4.86
C LYS A 48 -5.46 -2.06 4.27
N LEU A 49 -4.68 -2.04 3.21
CA LEU A 49 -4.26 -0.74 2.58
C LEU A 49 -4.85 -0.61 1.17
N SER A 50 -5.63 0.42 0.94
CA SER A 50 -6.25 0.63 -0.41
C SER A 50 -5.52 1.75 -1.16
N ILE A 51 -5.55 1.70 -2.47
CA ILE A 51 -4.85 2.74 -3.29
C ILE A 51 -5.72 3.09 -4.51
N THR A 52 -5.60 4.30 -4.99
CA THR A 52 -6.42 4.76 -6.16
C THR A 52 -5.48 5.25 -7.27
N ILE A 53 -5.28 4.47 -8.29
CA ILE A 53 -4.37 4.90 -9.40
C ILE A 53 -5.20 5.47 -10.55
N ASP A 54 -5.51 6.74 -10.47
CA ASP A 54 -6.31 7.43 -11.54
C ASP A 54 -7.39 6.49 -12.09
N GLY A 55 -7.93 5.62 -11.28
CA GLY A 55 -8.99 4.70 -11.79
C GLY A 55 -9.43 3.71 -10.72
N GLU A 56 -9.77 2.51 -11.12
CA GLU A 56 -10.24 1.48 -10.15
C GLU A 56 -9.24 1.36 -8.99
N THR A 57 -9.74 1.25 -7.80
CA THR A 57 -8.85 1.13 -6.61
C THR A 57 -8.54 -0.35 -6.33
N LYS A 58 -7.46 -0.62 -5.64
CA LYS A 58 -7.09 -2.04 -5.31
C LYS A 58 -6.71 -2.07 -3.83
N VAL A 59 -6.70 -3.22 -3.22
CA VAL A 59 -6.34 -3.30 -1.78
C VAL A 59 -5.54 -4.58 -1.50
N PHE A 60 -4.77 -4.57 -0.44
CA PHE A 60 -3.95 -5.77 -0.09
C PHE A 60 -4.00 -6.03 1.41
N HIS A 61 -4.06 -7.28 1.80
CA HIS A 61 -4.12 -7.61 3.25
C HIS A 61 -2.70 -7.85 3.79
N ASP A 62 -1.93 -8.66 3.11
CA ASP A 62 -0.54 -8.94 3.58
C ASP A 62 0.44 -7.93 2.95
N LYS A 63 1.64 -7.90 3.46
CA LYS A 63 2.65 -6.94 2.90
C LYS A 63 3.23 -7.50 1.61
N THR A 64 3.31 -8.80 1.48
CA THR A 64 3.89 -9.39 0.25
C THR A 64 3.01 -9.04 -0.95
N LYS A 65 1.76 -9.40 -0.90
CA LYS A 65 0.86 -9.12 -2.04
C LYS A 65 1.05 -7.67 -2.52
N PHE A 66 1.28 -6.75 -1.63
CA PHE A 66 1.49 -5.34 -2.09
C PHE A 66 2.73 -5.30 -3.00
N THR A 67 3.86 -5.71 -2.50
CA THR A 67 5.08 -5.69 -3.37
C THR A 67 4.77 -6.41 -4.68
N GLN A 68 4.21 -7.59 -4.60
CA GLN A 68 3.88 -8.35 -5.85
C GLN A 68 3.11 -7.43 -6.80
N TYR A 69 2.12 -6.74 -6.31
CA TYR A 69 1.36 -5.83 -7.20
C TYR A 69 2.34 -4.97 -7.99
N LEU A 70 3.35 -4.47 -7.33
CA LEU A 70 4.37 -3.65 -8.04
C LEU A 70 5.25 -4.58 -8.87
N SER A 71 5.58 -5.73 -8.37
CA SER A 71 6.40 -6.68 -9.17
C SER A 71 5.70 -6.90 -10.51
N THR A 72 4.50 -6.39 -10.64
CA THR A 72 3.74 -6.55 -11.92
C THR A 72 3.17 -5.19 -12.33
N ASN A 73 3.59 -4.13 -11.67
CA ASN A 73 3.11 -2.76 -12.03
C ASN A 73 4.28 -1.78 -11.89
N PRO A 74 5.28 -1.94 -12.73
CA PRO A 74 6.51 -1.08 -12.73
C PRO A 74 6.19 0.42 -12.62
N ALA A 75 5.17 0.87 -13.30
CA ALA A 75 4.81 2.33 -13.26
C ALA A 75 4.98 2.89 -11.84
N LEU A 76 4.39 2.26 -10.87
CA LEU A 76 4.54 2.77 -9.48
C LEU A 76 5.96 2.46 -9.01
N GLN A 77 6.40 1.25 -9.19
CA GLN A 77 7.76 0.85 -8.75
C GLN A 77 8.79 1.93 -9.08
N ARG A 78 8.74 2.50 -10.26
CA ARG A 78 9.74 3.55 -10.60
C ARG A 78 9.43 4.83 -9.82
N ILE A 79 8.19 5.12 -9.54
CA ILE A 79 7.89 6.37 -8.76
C ILE A 79 8.18 6.12 -7.27
N ILE A 80 7.53 5.16 -6.67
CA ILE A 80 7.79 4.88 -5.24
C ILE A 80 9.27 4.61 -5.03
N PHE A 16 -2.35 -8.59 17.92
CA PHE A 16 -2.27 -7.72 16.72
C PHE A 16 -1.18 -6.66 16.93
N SER A 17 -0.34 -6.88 17.88
CA SER A 17 0.74 -5.88 18.17
C SER A 17 2.02 -6.24 17.41
N PRO A 18 2.40 -7.49 17.41
CA PRO A 18 3.63 -7.96 16.73
C PRO A 18 3.40 -8.36 15.26
N GLU A 19 2.39 -9.13 15.00
CA GLU A 19 2.15 -9.58 13.58
C GLU A 19 1.29 -8.57 12.80
N THR A 20 0.15 -8.21 13.33
CA THR A 20 -0.74 -7.27 12.59
C THR A 20 -0.13 -5.88 12.49
N MET A 21 0.26 -5.32 13.60
CA MET A 21 0.79 -3.94 13.56
C MET A 21 1.92 -3.84 12.53
N LYS A 22 2.66 -4.90 12.31
CA LYS A 22 3.73 -4.82 11.29
C LYS A 22 3.08 -4.58 9.93
N ALA A 23 2.14 -5.39 9.55
CA ALA A 23 1.47 -5.15 8.25
C ALA A 23 0.96 -3.72 8.24
N ARG A 24 0.43 -3.27 9.35
CA ARG A 24 -0.07 -1.87 9.45
C ARG A 24 1.12 -0.92 9.48
N ARG A 25 2.25 -1.37 9.96
CA ARG A 25 3.44 -0.48 10.01
C ARG A 25 3.97 -0.32 8.59
N ALA A 26 4.08 -1.41 7.87
CA ALA A 26 4.56 -1.31 6.46
C ALA A 26 3.73 -0.24 5.77
N TRP A 27 2.44 -0.33 5.89
CA TRP A 27 1.53 0.68 5.29
C TRP A 27 2.04 2.09 5.65
N THR A 28 2.55 2.27 6.84
CA THR A 28 3.05 3.62 7.23
C THR A 28 4.13 4.08 6.23
N ASP A 29 5.16 3.29 6.06
CA ASP A 29 6.26 3.70 5.12
C ASP A 29 5.70 4.01 3.73
N VAL A 30 4.93 3.13 3.17
CA VAL A 30 4.38 3.40 1.81
C VAL A 30 3.28 4.47 1.89
N ILE A 31 2.66 4.63 3.02
CA ILE A 31 1.58 5.67 3.12
C ILE A 31 2.15 7.03 2.74
N GLN A 32 3.35 7.35 3.18
CA GLN A 32 3.93 8.68 2.82
C GLN A 32 4.41 8.65 1.38
N THR A 33 4.89 7.52 0.92
CA THR A 33 5.37 7.44 -0.49
C THR A 33 4.18 7.50 -1.46
N LEU A 34 2.98 7.22 -0.99
CA LEU A 34 1.81 7.27 -1.92
C LEU A 34 1.40 8.73 -2.15
N ARG A 35 0.91 9.40 -1.16
CA ARG A 35 0.50 10.83 -1.34
C ARG A 35 1.64 11.57 -2.01
N GLU A 36 2.81 11.00 -1.95
CA GLU A 36 4.01 11.61 -2.56
C GLU A 36 3.69 12.03 -4.01
N HIS A 37 2.85 11.28 -4.69
CA HIS A 37 2.48 11.63 -6.10
C HIS A 37 0.95 11.61 -6.26
N LYS A 38 0.47 11.30 -7.43
CA LYS A 38 -1.03 11.32 -7.65
C LYS A 38 -1.69 10.01 -7.20
N CYS A 39 -1.72 9.76 -5.92
CA CYS A 39 -2.40 8.53 -5.42
C CYS A 39 -2.69 8.69 -3.92
N GLN A 40 -3.91 9.00 -3.60
CA GLN A 40 -4.28 9.22 -2.16
C GLN A 40 -4.34 7.86 -1.41
N PRO A 41 -3.51 7.63 -0.40
CA PRO A 41 -3.51 6.36 0.37
C PRO A 41 -4.55 6.35 1.50
N ARG A 42 -4.99 5.19 1.90
CA ARG A 42 -5.99 5.09 3.01
C ARG A 42 -5.77 3.76 3.74
N LEU A 43 -5.75 3.78 5.06
CA LEU A 43 -5.55 2.52 5.84
C LEU A 43 -6.90 2.06 6.38
N LEU A 44 -7.29 0.88 6.02
CA LEU A 44 -8.59 0.32 6.49
C LEU A 44 -8.29 -0.76 7.53
N TYR A 45 -9.12 -1.78 7.60
CA TYR A 45 -8.96 -2.93 8.58
C TYR A 45 -7.62 -2.84 9.36
N PRO A 46 -7.58 -3.25 10.62
CA PRO A 46 -6.33 -3.20 11.46
C PRO A 46 -5.03 -3.16 10.66
N ALA A 47 -5.03 -3.69 9.47
CA ALA A 47 -3.79 -3.63 8.64
C ALA A 47 -4.16 -3.84 7.17
N LYS A 48 -5.05 -3.03 6.63
CA LYS A 48 -5.44 -3.18 5.18
C LYS A 48 -5.10 -1.88 4.44
N LEU A 49 -4.47 -1.97 3.30
CA LEU A 49 -4.06 -0.73 2.54
C LEU A 49 -4.80 -0.64 1.20
N SER A 50 -5.39 0.51 0.95
CA SER A 50 -6.13 0.75 -0.33
C SER A 50 -5.46 1.91 -1.08
N ILE A 51 -5.50 1.90 -2.39
CA ILE A 51 -4.84 2.99 -3.16
C ILE A 51 -5.69 3.34 -4.40
N THR A 52 -5.65 4.60 -4.78
CA THR A 52 -6.42 5.06 -5.98
C THR A 52 -5.45 5.17 -7.17
N ILE A 53 -5.65 4.39 -8.20
CA ILE A 53 -4.76 4.44 -9.40
C ILE A 53 -5.61 4.37 -10.67
N ASP A 54 -5.30 5.18 -11.64
CA ASP A 54 -6.07 5.18 -12.92
C ASP A 54 -7.56 5.01 -12.64
N GLY A 55 -8.01 5.43 -11.49
CA GLY A 55 -9.45 5.30 -11.15
C GLY A 55 -9.72 3.95 -10.48
N GLU A 56 -9.43 2.87 -11.15
CA GLU A 56 -9.68 1.53 -10.54
C GLU A 56 -8.92 1.40 -9.22
N THR A 57 -9.63 1.24 -8.15
CA THR A 57 -8.99 1.09 -6.81
C THR A 57 -8.70 -0.39 -6.52
N LYS A 58 -7.59 -0.66 -5.89
CA LYS A 58 -7.23 -2.07 -5.54
C LYS A 58 -6.82 -2.07 -4.07
N VAL A 59 -6.84 -3.20 -3.40
CA VAL A 59 -6.47 -3.21 -1.96
C VAL A 59 -5.64 -4.44 -1.63
N PHE A 60 -4.88 -4.38 -0.57
CA PHE A 60 -4.03 -5.53 -0.18
C PHE A 60 -3.99 -5.65 1.34
N HIS A 61 -3.96 -6.85 1.86
CA HIS A 61 -3.96 -7.05 3.34
C HIS A 61 -2.54 -7.46 3.81
N ASP A 62 -1.77 -8.10 2.97
CA ASP A 62 -0.39 -8.54 3.38
C ASP A 62 0.68 -7.67 2.71
N LYS A 63 1.75 -7.40 3.40
CA LYS A 63 2.84 -6.56 2.83
C LYS A 63 3.39 -7.22 1.57
N THR A 64 3.38 -8.53 1.51
CA THR A 64 3.92 -9.22 0.32
C THR A 64 3.02 -8.91 -0.88
N LYS A 65 1.77 -9.23 -0.79
CA LYS A 65 0.84 -8.95 -1.92
C LYS A 65 1.06 -7.52 -2.43
N PHE A 66 1.26 -6.57 -1.56
CA PHE A 66 1.51 -5.18 -2.04
C PHE A 66 2.80 -5.19 -2.86
N THR A 67 3.90 -5.51 -2.23
CA THR A 67 5.20 -5.56 -2.96
C THR A 67 5.01 -6.29 -4.29
N GLN A 68 4.24 -7.35 -4.29
CA GLN A 68 4.01 -8.10 -5.54
C GLN A 68 3.19 -7.23 -6.49
N TYR A 69 2.14 -6.64 -6.01
CA TYR A 69 1.31 -5.76 -6.88
C TYR A 69 2.22 -4.77 -7.61
N LEU A 70 3.29 -4.37 -6.98
CA LEU A 70 4.21 -3.41 -7.65
C LEU A 70 5.18 -4.18 -8.55
N SER A 71 5.74 -5.25 -8.06
CA SER A 71 6.68 -6.03 -8.89
C SER A 71 6.02 -6.30 -10.24
N THR A 72 4.71 -6.33 -10.26
CA THR A 72 3.96 -6.56 -11.52
C THR A 72 3.44 -5.23 -12.07
N ASN A 73 3.76 -4.13 -11.41
CA ASN A 73 3.29 -2.79 -11.90
C ASN A 73 4.48 -1.81 -11.86
N PRO A 74 5.38 -1.93 -12.80
CA PRO A 74 6.58 -1.05 -12.88
C PRO A 74 6.21 0.44 -12.90
N ALA A 75 4.98 0.75 -13.20
CA ALA A 75 4.55 2.17 -13.24
C ALA A 75 4.79 2.81 -11.86
N LEU A 76 4.22 2.27 -10.84
CA LEU A 76 4.43 2.85 -9.48
C LEU A 76 5.85 2.49 -9.02
N GLN A 77 6.23 1.24 -9.16
CA GLN A 77 7.59 0.80 -8.73
C GLN A 77 8.63 1.86 -9.11
N ARG A 78 8.41 2.57 -10.17
CA ARG A 78 9.38 3.61 -10.59
C ARG A 78 9.13 4.90 -9.80
N ILE A 79 7.89 5.26 -9.61
CA ILE A 79 7.60 6.50 -8.84
C ILE A 79 7.87 6.26 -7.35
N ILE A 80 7.25 5.28 -6.77
CA ILE A 80 7.46 5.01 -5.32
C ILE A 80 8.94 4.75 -5.07
N PHE A 16 -0.85 -9.53 17.33
CA PHE A 16 -1.18 -8.35 16.48
C PHE A 16 0.01 -7.39 16.48
N SER A 17 0.61 -7.20 17.61
CA SER A 17 1.76 -6.28 17.73
C SER A 17 2.83 -6.57 16.66
N PRO A 18 3.24 -7.80 16.53
CA PRO A 18 4.29 -8.20 15.54
C PRO A 18 3.74 -8.50 14.14
N GLU A 19 2.62 -9.16 14.04
CA GLU A 19 2.06 -9.51 12.70
C GLU A 19 1.14 -8.40 12.17
N THR A 20 0.12 -8.07 12.90
CA THR A 20 -0.87 -7.05 12.44
C THR A 20 -0.27 -5.65 12.42
N MET A 21 0.36 -5.23 13.48
CA MET A 21 0.87 -3.85 13.52
C MET A 21 1.94 -3.67 12.43
N LYS A 22 2.81 -4.62 12.25
CA LYS A 22 3.84 -4.46 11.19
C LYS A 22 3.12 -4.18 9.88
N ALA A 23 2.00 -4.81 9.65
CA ALA A 23 1.24 -4.51 8.40
C ALA A 23 0.74 -3.07 8.51
N ARG A 24 0.33 -2.69 9.70
CA ARG A 24 -0.15 -1.31 9.94
C ARG A 24 1.04 -0.34 9.78
N ARG A 25 2.22 -0.79 10.09
CA ARG A 25 3.41 0.09 9.95
C ARG A 25 3.79 0.13 8.47
N ALA A 26 3.87 -1.02 7.84
CA ALA A 26 4.20 -1.04 6.39
C ALA A 26 3.18 -0.16 5.67
N TRP A 27 2.07 0.05 6.30
CA TRP A 27 1.01 0.91 5.70
C TRP A 27 1.32 2.36 6.05
N THR A 28 2.08 2.58 7.09
CA THR A 28 2.44 3.97 7.49
C THR A 28 3.59 4.47 6.59
N ASP A 29 4.64 3.71 6.48
CA ASP A 29 5.79 4.14 5.64
C ASP A 29 5.34 4.36 4.20
N VAL A 30 4.60 3.46 3.64
CA VAL A 30 4.14 3.64 2.24
C VAL A 30 3.10 4.75 2.19
N ILE A 31 2.37 4.97 3.25
CA ILE A 31 1.35 6.07 3.23
C ILE A 31 2.06 7.38 2.86
N GLN A 32 3.28 7.55 3.30
CA GLN A 32 4.01 8.81 2.96
C GLN A 32 4.47 8.75 1.50
N THR A 33 4.77 7.58 1.01
CA THR A 33 5.23 7.46 -0.41
C THR A 33 4.04 7.61 -1.36
N LEU A 34 3.04 6.79 -1.22
CA LEU A 34 1.86 6.89 -2.14
C LEU A 34 1.42 8.36 -2.24
N ARG A 35 1.23 8.99 -1.13
CA ARG A 35 0.80 10.43 -1.14
C ARG A 35 1.87 11.29 -1.82
N GLU A 36 3.00 10.73 -2.16
CA GLU A 36 4.06 11.56 -2.81
C GLU A 36 3.72 11.79 -4.29
N HIS A 37 2.86 10.97 -4.86
CA HIS A 37 2.48 11.15 -6.30
C HIS A 37 0.96 11.10 -6.46
N LYS A 38 0.48 10.67 -7.60
CA LYS A 38 -1.00 10.62 -7.84
C LYS A 38 -1.61 9.35 -7.25
N CYS A 39 -1.63 9.23 -5.95
CA CYS A 39 -2.24 8.03 -5.32
C CYS A 39 -2.55 8.33 -3.85
N GLN A 40 -3.79 8.64 -3.57
CA GLN A 40 -4.18 8.96 -2.16
C GLN A 40 -4.26 7.64 -1.36
N PRO A 41 -3.42 7.43 -0.36
CA PRO A 41 -3.45 6.18 0.46
C PRO A 41 -4.43 6.27 1.64
N ARG A 42 -5.04 5.16 1.99
CA ARG A 42 -6.02 5.16 3.13
C ARG A 42 -5.89 3.83 3.88
N LEU A 43 -5.61 3.86 5.16
CA LEU A 43 -5.48 2.60 5.94
C LEU A 43 -6.85 2.23 6.50
N LEU A 44 -7.34 1.10 6.12
CA LEU A 44 -8.68 0.64 6.60
C LEU A 44 -8.46 -0.51 7.58
N TYR A 45 -9.41 -1.43 7.69
CA TYR A 45 -9.31 -2.62 8.63
C TYR A 45 -7.95 -2.66 9.36
N PRO A 46 -7.90 -3.07 10.63
CA PRO A 46 -6.64 -3.13 11.43
C PRO A 46 -5.36 -3.25 10.59
N ALA A 47 -5.45 -3.76 9.39
CA ALA A 47 -4.24 -3.85 8.55
C ALA A 47 -4.63 -4.01 7.06
N LYS A 48 -5.45 -3.11 6.53
CA LYS A 48 -5.82 -3.22 5.07
C LYS A 48 -5.47 -1.88 4.40
N LEU A 49 -4.68 -1.93 3.35
CA LEU A 49 -4.23 -0.67 2.67
C LEU A 49 -4.82 -0.55 1.26
N SER A 50 -5.52 0.52 1.01
CA SER A 50 -6.14 0.76 -0.33
C SER A 50 -5.41 1.89 -1.04
N ILE A 51 -5.34 1.84 -2.36
CA ILE A 51 -4.63 2.91 -3.13
C ILE A 51 -5.42 3.27 -4.38
N THR A 52 -5.33 4.50 -4.80
CA THR A 52 -6.07 4.95 -6.02
C THR A 52 -5.13 4.98 -7.23
N ILE A 53 -5.54 4.43 -8.34
CA ILE A 53 -4.68 4.44 -9.57
C ILE A 53 -5.55 4.78 -10.79
N ASP A 54 -5.38 5.96 -11.34
CA ASP A 54 -6.19 6.38 -12.53
C ASP A 54 -7.63 5.88 -12.41
N GLY A 55 -8.13 5.76 -11.20
CA GLY A 55 -9.53 5.30 -10.99
C GLY A 55 -9.53 3.84 -10.50
N GLU A 56 -8.81 2.97 -11.17
CA GLU A 56 -8.80 1.54 -10.73
C GLU A 56 -8.32 1.46 -9.27
N THR A 57 -9.21 1.13 -8.38
CA THR A 57 -8.83 1.02 -6.94
C THR A 57 -8.35 -0.40 -6.64
N LYS A 58 -7.31 -0.55 -5.87
CA LYS A 58 -6.79 -1.90 -5.51
C LYS A 58 -6.50 -1.91 -4.02
N VAL A 59 -6.49 -3.07 -3.40
CA VAL A 59 -6.24 -3.13 -1.93
C VAL A 59 -5.43 -4.39 -1.60
N PHE A 60 -4.71 -4.35 -0.51
CA PHE A 60 -3.88 -5.52 -0.10
C PHE A 60 -3.92 -5.67 1.42
N HIS A 61 -3.96 -6.88 1.90
CA HIS A 61 -4.01 -7.12 3.38
C HIS A 61 -2.64 -7.58 3.90
N ASP A 62 -1.67 -7.74 3.02
CA ASP A 62 -0.31 -8.17 3.47
C ASP A 62 0.77 -7.42 2.70
N LYS A 63 1.81 -7.02 3.37
CA LYS A 63 2.91 -6.26 2.68
C LYS A 63 3.44 -7.05 1.48
N THR A 64 3.42 -8.35 1.55
CA THR A 64 3.92 -9.16 0.40
C THR A 64 3.01 -8.94 -0.81
N LYS A 65 1.75 -9.26 -0.67
CA LYS A 65 0.80 -9.07 -1.80
C LYS A 65 0.98 -7.67 -2.38
N PHE A 66 1.07 -6.67 -1.54
CA PHE A 66 1.25 -5.29 -2.07
C PHE A 66 2.59 -5.21 -2.82
N THR A 67 3.68 -5.51 -2.16
CA THR A 67 5.00 -5.44 -2.86
C THR A 67 4.89 -6.19 -4.19
N GLN A 68 4.25 -7.33 -4.20
CA GLN A 68 4.11 -8.09 -5.47
C GLN A 68 3.28 -7.27 -6.46
N TYR A 69 2.18 -6.73 -6.02
CA TYR A 69 1.33 -5.91 -6.92
C TYR A 69 2.21 -4.93 -7.71
N LEU A 70 3.23 -4.41 -7.09
CA LEU A 70 4.14 -3.47 -7.82
C LEU A 70 5.13 -4.28 -8.67
N SER A 71 5.72 -5.30 -8.08
CA SER A 71 6.68 -6.13 -8.85
C SER A 71 6.07 -6.47 -10.20
N THR A 72 4.76 -6.48 -10.27
CA THR A 72 4.06 -6.80 -11.55
C THR A 72 3.55 -5.50 -12.19
N ASN A 73 3.57 -4.41 -11.46
CA ASN A 73 3.11 -3.10 -12.04
C ASN A 73 4.25 -2.09 -11.96
N PRO A 74 5.15 -2.12 -12.91
CA PRO A 74 6.34 -1.21 -12.94
C PRO A 74 5.96 0.26 -12.72
N ALA A 75 4.87 0.69 -13.30
CA ALA A 75 4.44 2.12 -13.14
C ALA A 75 4.69 2.62 -11.72
N LEU A 76 4.20 1.95 -10.74
CA LEU A 76 4.41 2.42 -9.34
C LEU A 76 5.87 2.17 -8.90
N GLN A 77 6.40 1.00 -9.16
CA GLN A 77 7.80 0.69 -8.74
C GLN A 77 8.72 1.89 -9.01
N ARG A 78 8.70 2.40 -10.21
CA ARG A 78 9.60 3.57 -10.53
C ARG A 78 9.18 4.78 -9.70
N ILE A 79 7.90 5.03 -9.58
CA ILE A 79 7.45 6.21 -8.80
C ILE A 79 7.74 5.99 -7.31
N ILE A 80 7.18 4.96 -6.72
CA ILE A 80 7.43 4.70 -5.28
C ILE A 80 8.92 4.52 -5.04
N PHE A 16 -1.42 -8.23 18.38
CA PHE A 16 -1.52 -7.42 17.14
C PHE A 16 -0.35 -6.45 17.06
N SER A 17 0.65 -6.66 17.86
CA SER A 17 1.83 -5.74 17.87
C SER A 17 2.92 -6.23 16.91
N PRO A 18 3.51 -7.36 17.17
CA PRO A 18 4.60 -7.92 16.32
C PRO A 18 4.17 -8.25 14.88
N GLU A 19 3.11 -9.01 14.72
CA GLU A 19 2.69 -9.40 13.33
C GLU A 19 1.70 -8.41 12.68
N THR A 20 0.59 -8.18 13.31
CA THR A 20 -0.45 -7.28 12.72
C THR A 20 0.06 -5.86 12.51
N MET A 21 0.80 -5.33 13.44
CA MET A 21 1.27 -3.93 13.27
C MET A 21 2.17 -3.84 12.03
N LYS A 22 3.04 -4.78 11.84
CA LYS A 22 3.91 -4.75 10.62
C LYS A 22 3.03 -4.50 9.41
N ALA A 23 1.92 -5.18 9.32
CA ALA A 23 1.01 -4.96 8.17
C ALA A 23 0.70 -3.46 8.10
N ARG A 24 0.44 -2.86 9.22
CA ARG A 24 0.15 -1.40 9.26
C ARG A 24 1.45 -0.64 9.00
N ARG A 25 2.56 -1.20 9.38
CA ARG A 25 3.85 -0.51 9.14
C ARG A 25 4.06 -0.39 7.63
N ALA A 26 3.99 -1.50 6.94
CA ALA A 26 4.16 -1.44 5.46
C ALA A 26 3.17 -0.41 4.91
N TRP A 27 2.06 -0.24 5.59
CA TRP A 27 1.04 0.75 5.15
C TRP A 27 1.45 2.14 5.63
N THR A 28 2.36 2.22 6.56
CA THR A 28 2.81 3.56 7.05
C THR A 28 3.89 4.11 6.12
N ASP A 29 4.98 3.41 5.99
CA ASP A 29 6.09 3.89 5.12
C ASP A 29 5.55 4.24 3.74
N VAL A 30 4.69 3.43 3.20
CA VAL A 30 4.14 3.73 1.85
C VAL A 30 3.15 4.90 1.96
N ILE A 31 2.40 4.98 3.03
CA ILE A 31 1.43 6.11 3.18
C ILE A 31 2.19 7.42 2.92
N GLN A 32 3.39 7.52 3.40
CA GLN A 32 4.18 8.75 3.19
C GLN A 32 4.68 8.76 1.73
N THR A 33 4.81 7.61 1.14
CA THR A 33 5.29 7.55 -0.28
C THR A 33 4.11 7.85 -1.22
N LEU A 34 3.03 7.13 -1.09
CA LEU A 34 1.86 7.39 -1.98
C LEU A 34 1.59 8.89 -2.05
N ARG A 35 1.63 9.56 -0.92
CA ARG A 35 1.37 11.02 -0.91
C ARG A 35 2.28 11.69 -1.94
N GLU A 36 3.36 11.06 -2.31
CA GLU A 36 4.28 11.66 -3.32
C GLU A 36 3.74 11.37 -4.72
N HIS A 37 2.51 10.94 -4.80
CA HIS A 37 1.90 10.62 -6.13
C HIS A 37 0.53 11.30 -6.24
N LYS A 38 -0.36 10.75 -7.03
CA LYS A 38 -1.73 11.32 -7.17
C LYS A 38 -2.70 10.32 -6.59
N CYS A 39 -2.19 9.22 -6.10
CA CYS A 39 -3.05 8.18 -5.48
C CYS A 39 -3.11 8.42 -3.99
N GLN A 40 -4.24 8.85 -3.52
CA GLN A 40 -4.38 9.12 -2.07
C GLN A 40 -4.41 7.79 -1.30
N PRO A 41 -3.54 7.57 -0.33
CA PRO A 41 -3.51 6.30 0.47
C PRO A 41 -4.48 6.34 1.66
N ARG A 42 -5.13 5.23 1.96
CA ARG A 42 -6.09 5.19 3.11
C ARG A 42 -5.98 3.83 3.81
N LEU A 43 -5.70 3.82 5.09
CA LEU A 43 -5.59 2.52 5.81
C LEU A 43 -7.00 2.08 6.23
N LEU A 44 -7.42 0.96 5.71
CA LEU A 44 -8.78 0.42 6.04
C LEU A 44 -8.60 -0.56 7.21
N TYR A 45 -9.49 -1.53 7.35
CA TYR A 45 -9.41 -2.56 8.47
C TYR A 45 -8.04 -2.52 9.17
N PRO A 46 -7.97 -2.71 10.48
CA PRO A 46 -6.70 -2.67 11.25
C PRO A 46 -5.45 -2.96 10.41
N ALA A 47 -5.57 -3.66 9.32
CA ALA A 47 -4.39 -3.91 8.44
C ALA A 47 -4.83 -4.04 6.97
N LYS A 48 -5.64 -3.13 6.47
CA LYS A 48 -6.07 -3.21 5.03
C LYS A 48 -5.73 -1.87 4.36
N LEU A 49 -4.99 -1.88 3.27
CA LEU A 49 -4.60 -0.59 2.59
C LEU A 49 -5.18 -0.51 1.18
N SER A 50 -6.02 0.46 0.95
CA SER A 50 -6.63 0.64 -0.41
C SER A 50 -5.95 1.83 -1.10
N ILE A 51 -5.61 1.66 -2.37
CA ILE A 51 -4.93 2.76 -3.12
C ILE A 51 -5.81 3.17 -4.32
N THR A 52 -5.73 4.43 -4.71
CA THR A 52 -6.53 4.91 -5.87
C THR A 52 -5.63 5.02 -7.09
N ILE A 53 -5.73 4.09 -8.02
CA ILE A 53 -4.88 4.14 -9.24
C ILE A 53 -5.76 3.91 -10.47
N ASP A 54 -5.45 4.57 -11.55
CA ASP A 54 -6.27 4.42 -12.79
C ASP A 54 -7.76 4.47 -12.44
N GLY A 55 -8.09 5.13 -11.37
CA GLY A 55 -9.53 5.24 -10.96
C GLY A 55 -9.95 3.96 -10.23
N GLU A 56 -9.66 2.82 -10.79
CA GLU A 56 -10.06 1.55 -10.11
C GLU A 56 -9.28 1.40 -8.81
N THR A 57 -9.98 1.29 -7.72
CA THR A 57 -9.32 1.13 -6.39
C THR A 57 -9.11 -0.35 -6.08
N LYS A 58 -7.97 -0.71 -5.55
CA LYS A 58 -7.69 -2.13 -5.19
C LYS A 58 -7.22 -2.15 -3.73
N VAL A 59 -7.05 -3.30 -3.14
CA VAL A 59 -6.61 -3.33 -1.71
C VAL A 59 -5.69 -4.52 -1.45
N PHE A 60 -4.93 -4.46 -0.38
CA PHE A 60 -4.00 -5.57 -0.04
C PHE A 60 -4.02 -5.82 1.47
N HIS A 61 -4.15 -7.06 1.88
CA HIS A 61 -4.18 -7.38 3.34
C HIS A 61 -2.76 -7.66 3.82
N ASP A 62 -1.99 -8.38 3.04
CA ASP A 62 -0.58 -8.69 3.43
C ASP A 62 0.37 -7.70 2.76
N LYS A 63 1.51 -7.46 3.34
CA LYS A 63 2.48 -6.50 2.73
C LYS A 63 3.10 -7.11 1.49
N THR A 64 3.14 -8.41 1.40
CA THR A 64 3.74 -9.06 0.21
C THR A 64 2.88 -8.77 -1.02
N LYS A 65 1.61 -9.06 -0.94
CA LYS A 65 0.73 -8.82 -2.11
C LYS A 65 0.98 -7.41 -2.66
N PHE A 66 1.17 -6.43 -1.81
CA PHE A 66 1.44 -5.06 -2.32
C PHE A 66 2.75 -5.10 -3.12
N THR A 67 3.83 -5.44 -2.48
CA THR A 67 5.14 -5.51 -3.22
C THR A 67 4.93 -6.24 -4.55
N GLN A 68 4.13 -7.28 -4.55
CA GLN A 68 3.88 -8.02 -5.81
C GLN A 68 3.06 -7.13 -6.75
N TYR A 69 2.06 -6.47 -6.24
CA TYR A 69 1.26 -5.56 -7.10
C TYR A 69 2.23 -4.66 -7.87
N LEU A 70 3.27 -4.23 -7.21
CA LEU A 70 4.26 -3.36 -7.88
C LEU A 70 5.19 -4.22 -8.72
N SER A 71 5.60 -5.34 -8.21
CA SER A 71 6.49 -6.23 -9.01
C SER A 71 5.88 -6.40 -10.39
N THR A 72 4.57 -6.27 -10.48
CA THR A 72 3.88 -6.41 -11.80
C THR A 72 3.54 -5.00 -12.33
N ASN A 73 3.87 -3.97 -11.59
CA ASN A 73 3.57 -2.57 -12.05
C ASN A 73 4.80 -1.70 -11.77
N PRO A 74 5.83 -1.85 -12.59
CA PRO A 74 7.11 -1.09 -12.43
C PRO A 74 6.90 0.42 -12.33
N ALA A 75 5.96 0.97 -13.06
CA ALA A 75 5.70 2.44 -13.02
C ALA A 75 5.79 2.96 -11.58
N LEU A 76 5.03 2.37 -10.68
CA LEU A 76 5.08 2.83 -9.27
C LEU A 76 6.42 2.39 -8.66
N GLN A 77 6.73 1.12 -8.78
CA GLN A 77 7.99 0.59 -8.19
C GLN A 77 9.18 1.54 -8.40
N ARG A 78 9.42 2.00 -9.60
CA ARG A 78 10.59 2.90 -9.81
C ARG A 78 10.37 4.26 -9.11
N ILE A 79 9.16 4.74 -9.07
CA ILE A 79 8.93 6.06 -8.40
C ILE A 79 8.93 5.88 -6.88
N ILE A 80 8.10 5.02 -6.35
CA ILE A 80 8.07 4.83 -4.88
C ILE A 80 9.48 4.57 -4.37
N PHE A 16 -1.91 -8.35 18.47
CA PHE A 16 -2.03 -7.51 17.24
C PHE A 16 -0.89 -6.50 17.22
N SER A 17 0.08 -6.67 18.08
CA SER A 17 1.20 -5.69 18.14
C SER A 17 2.40 -6.13 17.28
N PRO A 18 2.67 -7.39 17.19
CA PRO A 18 3.82 -7.91 16.41
C PRO A 18 3.47 -8.21 14.95
N GLU A 19 2.43 -8.97 14.72
CA GLU A 19 2.07 -9.34 13.31
C GLU A 19 1.14 -8.31 12.67
N THR A 20 0.02 -8.05 13.27
CA THR A 20 -0.96 -7.10 12.69
C THR A 20 -0.35 -5.71 12.57
N MET A 21 0.37 -5.27 13.55
CA MET A 21 0.92 -3.90 13.47
C MET A 21 1.96 -3.81 12.36
N LYS A 22 2.78 -4.83 12.19
CA LYS A 22 3.79 -4.78 11.09
C LYS A 22 3.06 -4.44 9.79
N ALA A 23 1.92 -5.02 9.56
CA ALA A 23 1.19 -4.66 8.32
C ALA A 23 0.76 -3.20 8.46
N ARG A 24 0.36 -2.81 9.64
CA ARG A 24 -0.03 -1.40 9.89
C ARG A 24 1.19 -0.51 9.68
N ARG A 25 2.36 -1.04 9.96
CA ARG A 25 3.60 -0.25 9.77
C ARG A 25 3.90 -0.19 8.28
N ALA A 26 3.97 -1.32 7.63
CA ALA A 26 4.23 -1.32 6.17
C ALA A 26 3.19 -0.40 5.52
N TRP A 27 2.07 -0.24 6.18
CA TRP A 27 0.99 0.65 5.66
C TRP A 27 1.31 2.09 6.05
N THR A 28 2.19 2.27 7.00
CA THR A 28 2.57 3.66 7.42
C THR A 28 3.66 4.19 6.50
N ASP A 29 4.72 3.44 6.33
CA ASP A 29 5.83 3.91 5.46
C ASP A 29 5.32 4.19 4.04
N VAL A 30 4.46 3.34 3.54
CA VAL A 30 3.93 3.57 2.18
C VAL A 30 2.91 4.72 2.21
N ILE A 31 2.22 4.89 3.31
CA ILE A 31 1.21 5.99 3.39
C ILE A 31 1.90 7.32 3.00
N GLN A 32 3.10 7.53 3.46
CA GLN A 32 3.79 8.81 3.11
C GLN A 32 4.31 8.72 1.67
N THR A 33 4.62 7.54 1.20
CA THR A 33 5.13 7.41 -0.19
C THR A 33 3.97 7.58 -1.18
N LEU A 34 2.90 6.86 -1.00
CA LEU A 34 1.74 7.00 -1.95
C LEU A 34 1.47 8.49 -2.19
N ARG A 35 1.50 9.27 -1.16
CA ARG A 35 1.26 10.73 -1.30
C ARG A 35 2.26 11.36 -2.27
N GLU A 36 3.28 10.64 -2.67
CA GLU A 36 4.27 11.22 -3.61
C GLU A 36 3.62 11.49 -4.97
N HIS A 37 2.93 10.52 -5.53
CA HIS A 37 2.28 10.73 -6.86
C HIS A 37 0.79 11.07 -6.66
N LYS A 38 -0.06 10.72 -7.60
CA LYS A 38 -1.51 11.05 -7.47
C LYS A 38 -2.29 9.84 -6.97
N CYS A 39 -2.12 9.48 -5.73
CA CYS A 39 -2.85 8.31 -5.19
C CYS A 39 -3.01 8.48 -3.67
N GLN A 40 -4.17 8.85 -3.24
CA GLN A 40 -4.42 9.05 -1.78
C GLN A 40 -4.47 7.68 -1.06
N PRO A 41 -3.60 7.42 -0.10
CA PRO A 41 -3.60 6.12 0.65
C PRO A 41 -4.63 6.10 1.78
N ARG A 42 -5.23 4.97 2.03
CA ARG A 42 -6.26 4.86 3.11
C ARG A 42 -6.11 3.51 3.80
N LEU A 43 -5.83 3.48 5.09
CA LEU A 43 -5.68 2.19 5.79
C LEU A 43 -7.05 1.71 6.27
N LEU A 44 -7.46 0.55 5.82
CA LEU A 44 -8.79 -0.01 6.24
C LEU A 44 -8.53 -1.06 7.33
N TYR A 45 -9.37 -2.08 7.42
CA TYR A 45 -9.22 -3.18 8.45
C TYR A 45 -7.83 -3.12 9.14
N PRO A 46 -7.73 -3.42 10.42
CA PRO A 46 -6.44 -3.37 11.18
C PRO A 46 -5.19 -3.57 10.33
N ALA A 47 -5.32 -4.13 9.15
CA ALA A 47 -4.12 -4.32 8.29
C ALA A 47 -4.52 -4.32 6.80
N LYS A 48 -5.53 -3.57 6.40
CA LYS A 48 -5.92 -3.54 4.95
C LYS A 48 -5.55 -2.17 4.37
N LEU A 49 -4.70 -2.14 3.38
CA LEU A 49 -4.25 -0.84 2.78
C LEU A 49 -4.77 -0.68 1.37
N SER A 50 -5.54 0.36 1.13
CA SER A 50 -6.11 0.62 -0.23
C SER A 50 -5.48 1.89 -0.83
N ILE A 51 -5.36 1.94 -2.13
CA ILE A 51 -4.77 3.14 -2.80
C ILE A 51 -5.52 3.45 -4.08
N THR A 52 -5.54 4.70 -4.47
CA THR A 52 -6.25 5.11 -5.71
C THR A 52 -5.27 5.30 -6.87
N ILE A 53 -5.52 4.66 -8.00
CA ILE A 53 -4.62 4.81 -9.18
C ILE A 53 -5.49 4.96 -10.44
N ASP A 54 -5.27 6.01 -11.20
CA ASP A 54 -6.07 6.23 -12.44
C ASP A 54 -7.54 5.93 -12.17
N GLY A 55 -7.96 6.10 -10.94
CA GLY A 55 -9.39 5.84 -10.58
C GLY A 55 -9.54 4.39 -10.08
N GLU A 56 -9.05 3.43 -10.83
CA GLU A 56 -9.17 2.01 -10.40
C GLU A 56 -8.59 1.84 -8.99
N THR A 57 -9.39 1.36 -8.08
CA THR A 57 -8.91 1.16 -6.68
C THR A 57 -8.37 -0.26 -6.50
N LYS A 58 -7.31 -0.42 -5.76
CA LYS A 58 -6.72 -1.78 -5.51
C LYS A 58 -6.39 -1.87 -4.01
N VAL A 59 -6.38 -3.06 -3.46
CA VAL A 59 -6.08 -3.18 -1.99
C VAL A 59 -5.18 -4.39 -1.72
N PHE A 60 -4.54 -4.40 -0.57
CA PHE A 60 -3.61 -5.52 -0.23
C PHE A 60 -3.72 -5.83 1.26
N HIS A 61 -3.54 -7.08 1.64
CA HIS A 61 -3.66 -7.48 3.07
C HIS A 61 -2.26 -7.70 3.69
N ASP A 62 -1.36 -8.29 2.94
CA ASP A 62 0.02 -8.55 3.49
C ASP A 62 1.04 -7.63 2.81
N LYS A 63 2.08 -7.25 3.51
CA LYS A 63 3.11 -6.35 2.92
C LYS A 63 3.63 -6.97 1.62
N THR A 64 3.70 -8.26 1.55
CA THR A 64 4.19 -8.91 0.30
C THR A 64 3.17 -8.67 -0.80
N LYS A 65 1.94 -8.98 -0.53
CA LYS A 65 0.87 -8.77 -1.55
C LYS A 65 1.04 -7.40 -2.18
N PHE A 66 1.23 -6.39 -1.38
CA PHE A 66 1.42 -5.02 -1.93
C PHE A 66 2.72 -4.97 -2.74
N THR A 67 3.84 -5.17 -2.11
CA THR A 67 5.14 -5.14 -2.86
C THR A 67 5.00 -5.94 -4.15
N GLN A 68 4.24 -6.99 -4.14
CA GLN A 68 4.04 -7.79 -5.37
C GLN A 68 3.18 -6.99 -6.33
N TYR A 69 2.17 -6.33 -5.84
CA TYR A 69 1.30 -5.52 -6.74
C TYR A 69 2.21 -4.62 -7.60
N LEU A 70 3.24 -4.08 -7.01
CA LEU A 70 4.17 -3.22 -7.79
C LEU A 70 5.06 -4.11 -8.64
N SER A 71 5.59 -5.15 -8.08
CA SER A 71 6.47 -6.06 -8.85
C SER A 71 5.79 -6.40 -10.17
N THR A 72 4.48 -6.35 -10.19
CA THR A 72 3.72 -6.66 -11.44
C THR A 72 3.22 -5.35 -12.08
N ASN A 73 3.54 -4.22 -11.47
CA ASN A 73 3.10 -2.90 -12.06
C ASN A 73 4.32 -1.98 -12.04
N PRO A 74 5.22 -2.17 -12.98
CA PRO A 74 6.47 -1.36 -13.09
C PRO A 74 6.21 0.15 -12.95
N ALA A 75 5.21 0.66 -13.63
CA ALA A 75 4.89 2.12 -13.56
C ALA A 75 5.16 2.68 -12.16
N LEU A 76 4.65 2.06 -11.15
CA LEU A 76 4.91 2.57 -9.78
C LEU A 76 6.37 2.30 -9.42
N GLN A 77 6.85 1.11 -9.68
CA GLN A 77 8.28 0.81 -9.34
C GLN A 77 9.18 1.95 -9.79
N ARG A 78 8.87 2.58 -10.90
CA ARG A 78 9.70 3.72 -11.36
C ARG A 78 9.58 4.85 -10.33
N ILE A 79 8.38 5.19 -9.96
CA ILE A 79 8.20 6.28 -8.95
C ILE A 79 8.40 5.72 -7.54
N ILE A 80 7.59 4.75 -7.17
CA ILE A 80 7.73 4.13 -5.82
C ILE A 80 8.94 3.20 -5.83
#